data_1QFN
#
_entry.id   1QFN
#
_cell.length_a   1.000
_cell.length_b   1.000
_cell.length_c   1.000
_cell.angle_alpha   90.00
_cell.angle_beta   90.00
_cell.angle_gamma   90.00
#
_symmetry.space_group_name_H-M   'P 1'
#
loop_
_entity.id
_entity.type
_entity.pdbx_description
1 polymer 'PROTEIN (GLUTAREDOXIN 1)'
2 polymer 'PROTEIN (RIBONUCLEOSIDE-DIPHOSPHATE REDUCTASE 1)'
#
loop_
_entity_poly.entity_id
_entity_poly.type
_entity_poly.pdbx_seq_one_letter_code
_entity_poly.pdbx_strand_id
1 'polypeptide(L)'
;MQTVIFGRSGCPYSVRAKDLAEKLSNERDDFQYQYVDIRAEGITKEDLQQKAGKPVETVPQIFVDQQHIGGYTDFAAWVK
ENLDA
;
A
2 'polypeptide(L)' GAEDAQDDLVPSIQDDGSESGACKI B
#
# COMPACT_ATOMS: atom_id res chain seq x y z
N MET A 1 10.53 1.50 14.96
CA MET A 1 9.81 1.78 13.69
C MET A 1 8.43 1.12 13.72
N GLN A 2 7.36 1.89 13.52
CA GLN A 2 5.95 1.45 13.39
C GLN A 2 5.35 1.79 12.01
N THR A 3 4.90 0.79 11.25
CA THR A 3 4.30 0.95 9.89
C THR A 3 2.87 0.40 9.88
N VAL A 4 1.88 1.26 9.66
CA VAL A 4 0.42 1.00 9.77
C VAL A 4 -0.27 1.04 8.40
N ILE A 5 -1.11 0.03 8.11
CA ILE A 5 -1.74 -0.25 6.80
C ILE A 5 -3.28 -0.24 6.89
N PHE A 6 -3.92 0.57 6.05
CA PHE A 6 -5.38 0.82 6.01
C PHE A 6 -6.09 0.09 4.84
N GLY A 7 -6.67 -1.08 5.16
CA GLY A 7 -7.51 -1.92 4.30
C GLY A 7 -6.83 -2.98 3.40
N ARG A 8 -6.24 -4.03 4.00
CA ARG A 8 -5.68 -5.25 3.36
C ARG A 8 -6.83 -6.10 2.74
N SER A 9 -7.76 -6.52 3.59
CA SER A 9 -8.98 -7.34 3.29
C SER A 9 -9.98 -6.58 2.40
N GLY A 10 -9.65 -6.42 1.12
CA GLY A 10 -10.46 -5.72 0.11
C GLY A 10 -9.91 -5.63 -1.32
N CYS A 11 -8.58 -5.72 -1.53
CA CYS A 11 -7.93 -5.68 -2.85
C CYS A 11 -6.46 -6.17 -2.88
N PRO A 12 -6.00 -6.84 -3.97
CA PRO A 12 -4.69 -7.49 -4.05
C PRO A 12 -3.50 -6.53 -3.96
N TYR A 13 -3.59 -5.32 -4.55
CA TYR A 13 -2.51 -4.31 -4.49
C TYR A 13 -2.31 -3.74 -3.06
N SER A 14 -3.41 -3.51 -2.30
CA SER A 14 -3.35 -3.14 -0.86
C SER A 14 -2.70 -4.26 -0.01
N VAL A 15 -3.06 -5.53 -0.29
CA VAL A 15 -2.39 -6.72 0.31
C VAL A 15 -0.90 -6.70 0.00
N ARG A 16 -0.49 -6.54 -1.27
CA ARG A 16 0.93 -6.46 -1.70
C ARG A 16 1.70 -5.35 -0.94
N ALA A 17 1.08 -4.18 -0.73
CA ALA A 17 1.58 -3.08 0.10
C ALA A 17 1.76 -3.47 1.60
N LYS A 18 0.76 -4.14 2.21
CA LYS A 18 0.81 -4.76 3.57
C LYS A 18 1.94 -5.78 3.71
N ASP A 19 1.95 -6.77 2.81
CA ASP A 19 2.93 -7.83 2.65
C ASP A 19 4.38 -7.31 2.57
N LEU A 20 4.65 -6.23 1.82
CA LEU A 20 5.95 -5.54 1.79
C LEU A 20 6.45 -5.09 3.19
N ALA A 21 5.59 -4.45 3.99
CA ALA A 21 5.84 -4.10 5.40
C ALA A 21 6.07 -5.34 6.31
N GLU A 22 5.22 -6.37 6.21
CA GLU A 22 5.38 -7.69 6.88
C GLU A 22 6.71 -8.41 6.53
N LYS A 23 7.09 -8.44 5.23
CA LYS A 23 8.35 -8.90 4.62
C LYS A 23 9.59 -8.19 5.21
N LEU A 24 9.53 -6.86 5.37
CA LEU A 24 10.52 -6.02 6.08
C LEU A 24 10.57 -6.34 7.60
N SER A 25 9.40 -6.50 8.23
CA SER A 25 9.21 -6.97 9.62
C SER A 25 9.84 -8.35 9.89
N ASN A 26 9.79 -9.28 8.91
CA ASN A 26 10.48 -10.58 8.88
C ASN A 26 12.01 -10.41 8.82
N GLU A 27 12.50 -9.54 7.92
CA GLU A 27 13.90 -9.23 7.60
C GLU A 27 14.68 -8.60 8.79
N ARG A 28 14.02 -7.84 9.68
CA ARG A 28 14.61 -7.04 10.79
C ARG A 28 13.93 -7.18 12.17
N ASP A 29 14.40 -6.40 13.16
CA ASP A 29 14.01 -6.34 14.58
C ASP A 29 13.50 -4.95 15.08
N ASP A 30 13.94 -3.88 14.44
CA ASP A 30 13.55 -2.45 14.56
C ASP A 30 12.14 -2.10 14.04
N PHE A 31 11.73 -2.83 13.01
CA PHE A 31 10.54 -2.65 12.17
C PHE A 31 9.31 -3.52 12.55
N GLN A 32 8.35 -2.87 13.21
CA GLN A 32 7.03 -3.36 13.62
C GLN A 32 5.92 -2.91 12.64
N TYR A 33 5.05 -3.83 12.21
CA TYR A 33 3.99 -3.68 11.19
C TYR A 33 2.56 -3.84 11.77
N GLN A 34 1.59 -2.99 11.39
CA GLN A 34 0.20 -3.02 11.90
C GLN A 34 -0.83 -2.99 10.76
N TYR A 35 -1.85 -3.86 10.82
CA TYR A 35 -2.98 -3.91 9.87
C TYR A 35 -4.31 -3.48 10.52
N VAL A 36 -4.96 -2.47 9.92
CA VAL A 36 -6.28 -1.90 10.27
C VAL A 36 -7.22 -1.94 9.04
N ASP A 37 -8.35 -2.65 9.10
CA ASP A 37 -9.39 -2.58 8.05
C ASP A 37 -10.06 -1.20 7.90
N ILE A 38 -10.49 -0.89 6.68
CA ILE A 38 -11.29 0.32 6.35
C ILE A 38 -12.64 -0.06 5.70
N ARG A 39 -12.67 -1.00 4.73
CA ARG A 39 -13.89 -1.54 4.11
C ARG A 39 -14.80 -2.28 5.11
N ALA A 40 -14.24 -3.09 6.02
CA ALA A 40 -14.98 -3.72 7.12
C ALA A 40 -15.46 -2.67 8.16
N GLU A 41 -14.48 -1.91 8.67
CA GLU A 41 -14.52 -0.91 9.77
C GLU A 41 -15.42 0.33 9.50
N GLY A 42 -15.89 0.51 8.26
CA GLY A 42 -16.72 1.64 7.79
C GLY A 42 -15.94 2.92 7.42
N ILE A 43 -14.63 2.84 7.21
CA ILE A 43 -13.68 3.92 6.86
C ILE A 43 -13.40 3.90 5.35
N THR A 44 -12.93 5.03 4.83
CA THR A 44 -12.76 5.28 3.39
C THR A 44 -11.59 6.22 3.04
N LYS A 45 -11.23 6.32 1.75
CA LYS A 45 -10.22 7.28 1.22
C LYS A 45 -10.54 8.77 1.52
N GLU A 46 -11.82 9.12 1.72
CA GLU A 46 -12.32 10.45 2.16
C GLU A 46 -11.93 10.76 3.64
N ASP A 47 -11.94 9.77 4.55
CA ASP A 47 -11.44 9.82 5.95
C ASP A 47 -9.89 9.89 6.00
N LEU A 48 -9.23 8.93 5.35
CA LEU A 48 -7.77 8.76 5.25
C LEU A 48 -7.03 10.02 4.74
N GLN A 49 -7.51 10.64 3.65
CA GLN A 49 -6.95 11.89 3.10
C GLN A 49 -6.96 13.09 4.07
N GLN A 50 -8.03 13.25 4.88
CA GLN A 50 -8.13 14.26 5.96
C GLN A 50 -7.07 14.03 7.05
N LYS A 51 -7.05 12.84 7.68
CA LYS A 51 -6.04 12.40 8.67
C LYS A 51 -4.58 12.59 8.22
N ALA A 52 -4.30 12.16 7.00
CA ALA A 52 -3.02 12.32 6.30
C ALA A 52 -2.64 13.78 5.93
N GLY A 53 -3.59 14.72 5.81
CA GLY A 53 -3.40 16.14 5.39
C GLY A 53 -3.29 16.42 3.87
N LYS A 54 -3.35 15.36 3.03
CA LYS A 54 -3.20 15.33 1.56
C LYS A 54 -4.39 14.62 0.89
N PRO A 55 -5.08 15.22 -0.10
CA PRO A 55 -6.12 14.58 -0.92
C PRO A 55 -5.58 13.31 -1.62
N VAL A 56 -5.99 12.13 -1.15
CA VAL A 56 -5.74 10.82 -1.79
C VAL A 56 -6.94 10.38 -2.64
N GLU A 57 -6.68 9.59 -3.68
CA GLU A 57 -7.69 9.04 -4.62
C GLU A 57 -7.82 7.51 -4.58
N THR A 58 -6.70 6.79 -4.46
CA THR A 58 -6.60 5.32 -4.56
C THR A 58 -5.64 4.72 -3.52
N VAL A 59 -5.47 3.39 -3.59
CA VAL A 59 -4.49 2.57 -2.83
C VAL A 59 -3.11 2.57 -3.52
N PRO A 60 -2.02 2.37 -2.77
CA PRO A 60 -1.99 2.00 -1.35
C PRO A 60 -2.29 3.15 -0.37
N GLN A 61 -2.61 2.80 0.87
CA GLN A 61 -2.94 3.69 2.00
C GLN A 61 -2.25 3.24 3.31
N ILE A 62 -0.93 3.46 3.34
CA ILE A 62 0.03 3.20 4.43
C ILE A 62 0.58 4.47 5.13
N PHE A 63 0.94 4.30 6.41
CA PHE A 63 1.64 5.26 7.28
C PHE A 63 2.91 4.59 7.86
N VAL A 64 4.04 5.30 7.95
CA VAL A 64 5.31 4.90 8.62
C VAL A 64 5.65 5.92 9.73
N ASP A 65 6.05 5.43 10.90
CA ASP A 65 6.28 6.17 12.16
C ASP A 65 5.31 7.35 12.41
N GLN A 66 4.01 7.02 12.34
CA GLN A 66 2.76 7.78 12.46
C GLN A 66 2.45 8.80 11.31
N GLN A 67 3.27 8.86 10.25
CA GLN A 67 3.19 9.75 9.07
C GLN A 67 2.64 9.01 7.83
N HIS A 68 1.78 9.62 7.00
CA HIS A 68 1.37 9.01 5.71
C HIS A 68 2.59 8.80 4.80
N ILE A 69 2.75 7.57 4.29
CA ILE A 69 3.71 7.09 3.27
C ILE A 69 2.94 6.10 2.38
N GLY A 70 2.45 6.56 1.22
CA GLY A 70 1.57 5.85 0.26
C GLY A 70 1.42 4.34 0.47
N GLY A 71 2.51 3.59 0.32
CA GLY A 71 2.62 2.13 0.48
C GLY A 71 3.43 1.55 -0.67
N TYR A 72 3.00 0.45 -1.29
CA TYR A 72 3.72 -0.32 -2.32
C TYR A 72 4.62 0.53 -3.26
N THR A 73 4.08 1.64 -3.81
CA THR A 73 4.79 2.70 -4.58
C THR A 73 5.88 3.47 -3.83
N ASP A 74 5.50 4.18 -2.75
CA ASP A 74 6.38 4.97 -1.87
C ASP A 74 7.40 4.09 -1.12
N PHE A 75 6.91 3.04 -0.47
CA PHE A 75 7.61 1.98 0.24
C PHE A 75 8.69 1.26 -0.61
N ALA A 76 8.39 0.84 -1.85
CA ALA A 76 9.41 0.31 -2.78
C ALA A 76 10.53 1.34 -3.07
N ALA A 77 10.18 2.58 -3.45
CA ALA A 77 11.12 3.70 -3.64
C ALA A 77 11.96 4.04 -2.37
N TRP A 78 11.35 4.04 -1.18
CA TRP A 78 11.93 4.19 0.16
C TRP A 78 12.91 3.05 0.53
N VAL A 79 12.47 1.80 0.42
CA VAL A 79 13.30 0.56 0.57
C VAL A 79 14.50 0.60 -0.38
N LYS A 80 14.30 0.90 -1.67
CA LYS A 80 15.32 1.14 -2.72
C LYS A 80 16.35 2.22 -2.33
N GLU A 81 15.92 3.37 -1.80
CA GLU A 81 16.76 4.45 -1.21
C GLU A 81 17.60 4.00 0.02
N ASN A 82 17.32 2.84 0.61
CA ASN A 82 18.11 2.18 1.66
C ASN A 82 19.01 1.01 1.14
N LEU A 83 18.40 -0.02 0.54
CA LEU A 83 19.01 -1.29 0.12
C LEU A 83 19.76 -1.28 -1.24
N ASP A 84 19.35 -0.43 -2.18
CA ASP A 84 19.91 -0.24 -3.53
C ASP A 84 20.69 1.10 -3.70
N ALA A 85 20.72 1.92 -2.65
CA ALA A 85 21.33 3.25 -2.47
C ALA A 85 22.87 3.23 -2.35
N GLY B 1 -22.89 -12.71 -29.94
CA GLY B 1 -23.49 -14.05 -30.03
C GLY B 1 -23.39 -14.69 -28.67
N ALA B 2 -22.39 -15.54 -28.48
CA ALA B 2 -21.98 -16.15 -27.20
C ALA B 2 -20.44 -16.09 -27.16
N GLU B 3 -19.89 -15.20 -26.32
CA GLU B 3 -18.46 -14.85 -26.23
C GLU B 3 -17.94 -14.73 -24.78
N ASP B 4 -16.62 -14.61 -24.60
CA ASP B 4 -15.91 -14.33 -23.34
C ASP B 4 -14.86 -13.20 -23.52
N ALA B 5 -14.74 -12.32 -22.52
CA ALA B 5 -13.88 -11.14 -22.52
C ALA B 5 -12.55 -11.40 -21.76
N GLN B 6 -11.41 -11.35 -22.47
CA GLN B 6 -10.06 -11.66 -21.95
C GLN B 6 -9.01 -10.56 -22.15
N ASP B 7 -8.16 -10.36 -21.14
CA ASP B 7 -7.12 -9.33 -21.04
C ASP B 7 -5.67 -9.89 -21.25
N ASP B 8 -5.01 -9.53 -22.35
CA ASP B 8 -3.59 -9.82 -22.63
C ASP B 8 -2.63 -9.11 -21.62
N LEU B 9 -1.50 -9.74 -21.28
CA LEU B 9 -0.45 -9.18 -20.40
C LEU B 9 0.92 -9.11 -21.09
N VAL B 10 1.29 -7.94 -21.62
CA VAL B 10 2.64 -7.63 -22.17
C VAL B 10 3.74 -7.39 -21.10
N PRO B 11 3.51 -6.74 -19.94
CA PRO B 11 4.52 -6.62 -18.87
C PRO B 11 4.66 -7.90 -18.01
N SER B 12 5.74 -7.96 -17.22
CA SER B 12 5.99 -8.99 -16.19
C SER B 12 5.46 -8.57 -14.81
N ILE B 13 5.44 -9.49 -13.84
CA ILE B 13 4.91 -9.31 -12.46
C ILE B 13 5.86 -8.55 -11.49
N GLN B 14 7.07 -8.18 -11.95
CA GLN B 14 8.12 -7.33 -11.33
C GLN B 14 7.65 -6.49 -10.11
N ASP B 15 8.23 -6.70 -8.93
CA ASP B 15 7.74 -6.09 -7.68
C ASP B 15 8.54 -4.81 -7.33
N ASP B 16 8.01 -3.63 -7.69
CA ASP B 16 8.75 -2.35 -7.58
C ASP B 16 7.98 -1.01 -7.47
N GLY B 17 6.63 -0.99 -7.38
CA GLY B 17 5.89 0.27 -7.07
C GLY B 17 4.59 0.74 -7.76
N SER B 18 3.72 -0.07 -8.38
CA SER B 18 2.38 0.39 -8.88
C SER B 18 1.58 1.20 -7.84
N GLU B 19 1.39 2.50 -8.07
CA GLU B 19 0.82 3.54 -7.17
C GLU B 19 -0.70 3.59 -6.95
N SER B 20 -1.51 2.84 -7.71
CA SER B 20 -2.99 2.90 -7.73
C SER B 20 -3.71 1.54 -7.53
N GLY B 21 -5.05 1.54 -7.58
CA GLY B 21 -5.92 0.34 -7.49
C GLY B 21 -7.41 0.55 -7.11
N ALA B 22 -7.84 1.80 -6.89
CA ALA B 22 -9.22 2.30 -6.68
C ALA B 22 -10.06 1.65 -5.54
N CYS B 23 -9.37 0.98 -4.61
CA CYS B 23 -9.89 0.20 -3.48
C CYS B 23 -10.47 1.07 -2.32
N LYS B 24 -11.51 0.56 -1.64
CA LYS B 24 -12.35 1.25 -0.61
C LYS B 24 -13.53 0.39 -0.07
N ILE B 25 -14.31 0.95 0.86
CA ILE B 25 -15.59 0.53 1.49
C ILE B 25 -16.64 -0.03 0.51
N MET A 1 10.71 1.23 15.14
CA MET A 1 10.24 1.81 13.85
C MET A 1 8.82 1.29 13.57
N GLN A 2 7.79 2.14 13.44
CA GLN A 2 6.36 1.68 13.37
C GLN A 2 5.56 1.99 12.08
N THR A 3 5.09 0.96 11.38
CA THR A 3 4.38 1.04 10.07
C THR A 3 2.95 0.47 10.12
N VAL A 4 1.95 1.29 9.79
CA VAL A 4 0.48 1.03 9.88
C VAL A 4 -0.17 0.98 8.49
N ILE A 5 -0.86 -0.12 8.15
CA ILE A 5 -1.46 -0.38 6.80
C ILE A 5 -2.99 -0.40 6.82
N PHE A 6 -3.62 0.48 6.02
CA PHE A 6 -5.07 0.63 5.86
C PHE A 6 -5.62 -0.06 4.59
N GLY A 7 -6.40 -1.14 4.77
CA GLY A 7 -7.21 -1.83 3.75
C GLY A 7 -6.55 -2.87 2.82
N ARG A 8 -5.88 -3.90 3.34
CA ARG A 8 -5.34 -5.08 2.60
C ARG A 8 -6.43 -5.97 1.97
N SER A 9 -7.36 -6.40 2.81
CA SER A 9 -8.40 -7.41 2.59
C SER A 9 -9.41 -7.04 1.49
N GLY A 10 -9.13 -7.46 0.24
CA GLY A 10 -10.02 -7.35 -0.93
C GLY A 10 -9.50 -6.65 -2.21
N CYS A 11 -8.26 -6.15 -2.24
CA CYS A 11 -7.60 -5.59 -3.45
C CYS A 11 -6.09 -5.96 -3.55
N PRO A 12 -5.65 -6.71 -4.59
CA PRO A 12 -4.29 -7.29 -4.68
C PRO A 12 -3.14 -6.28 -4.70
N TYR A 13 -3.36 -5.04 -5.20
CA TYR A 13 -2.36 -3.96 -5.17
C TYR A 13 -2.10 -3.46 -3.71
N SER A 14 -3.15 -3.39 -2.87
CA SER A 14 -3.12 -3.16 -1.41
C SER A 14 -2.52 -4.34 -0.62
N VAL A 15 -2.84 -5.58 -1.04
CA VAL A 15 -2.20 -6.83 -0.53
C VAL A 15 -0.68 -6.77 -0.63
N ARG A 16 -0.15 -6.50 -1.83
CA ARG A 16 1.29 -6.34 -2.10
C ARG A 16 1.93 -5.24 -1.21
N ALA A 17 1.26 -4.09 -1.03
CA ALA A 17 1.63 -3.04 -0.09
C ALA A 17 1.79 -3.50 1.40
N LYS A 18 0.81 -4.21 1.99
CA LYS A 18 0.90 -4.84 3.34
C LYS A 18 1.97 -5.92 3.45
N ASP A 19 1.92 -6.89 2.55
CA ASP A 19 2.80 -8.06 2.45
C ASP A 19 4.31 -7.67 2.43
N LEU A 20 4.67 -6.62 1.69
CA LEU A 20 5.98 -5.95 1.69
C LEU A 20 6.44 -5.46 3.10
N ALA A 21 5.57 -4.77 3.86
CA ALA A 21 5.82 -4.38 5.26
C ALA A 21 5.97 -5.58 6.24
N GLU A 22 5.12 -6.61 6.14
CA GLU A 22 5.23 -7.89 6.90
C GLU A 22 6.52 -8.69 6.61
N LYS A 23 6.95 -8.76 5.34
CA LYS A 23 8.24 -9.27 4.81
C LYS A 23 9.44 -8.59 5.53
N LEU A 24 9.45 -7.25 5.58
CA LEU A 24 10.40 -6.42 6.35
C LEU A 24 10.34 -6.66 7.89
N SER A 25 9.14 -6.65 8.50
CA SER A 25 8.89 -6.98 9.94
C SER A 25 9.42 -8.36 10.38
N ASN A 26 9.32 -9.37 9.52
CA ASN A 26 9.92 -10.71 9.63
C ASN A 26 11.47 -10.74 9.50
N GLU A 27 12.04 -9.98 8.55
CA GLU A 27 13.49 -9.89 8.27
C GLU A 27 14.32 -9.29 9.44
N ARG A 28 13.68 -8.47 10.30
CA ARG A 28 14.31 -7.61 11.35
C ARG A 28 13.60 -7.58 12.73
N ASP A 29 14.26 -6.96 13.73
CA ASP A 29 13.74 -6.64 15.09
C ASP A 29 13.55 -5.12 15.39
N ASP A 30 13.88 -4.23 14.44
CA ASP A 30 13.65 -2.78 14.47
C ASP A 30 12.24 -2.32 14.00
N PHE A 31 11.69 -3.07 13.04
CA PHE A 31 10.48 -2.81 12.26
C PHE A 31 9.23 -3.52 12.84
N GLN A 32 8.39 -2.71 13.48
CA GLN A 32 7.09 -2.99 14.11
C GLN A 32 5.94 -2.65 13.13
N TYR A 33 4.98 -3.56 13.01
CA TYR A 33 3.89 -3.52 12.00
C TYR A 33 2.46 -3.59 12.60
N GLN A 34 1.52 -2.79 12.07
CA GLN A 34 0.10 -2.78 12.44
C GLN A 34 -0.82 -2.90 11.19
N TYR A 35 -1.80 -3.81 11.23
CA TYR A 35 -2.81 -4.02 10.18
C TYR A 35 -4.24 -3.57 10.56
N VAL A 36 -4.85 -2.73 9.70
CA VAL A 36 -6.25 -2.26 9.82
C VAL A 36 -7.03 -2.35 8.49
N ASP A 37 -8.03 -3.24 8.32
CA ASP A 37 -8.95 -3.16 7.16
C ASP A 37 -9.81 -1.88 7.14
N ILE A 38 -10.26 -1.47 5.95
CA ILE A 38 -11.16 -0.31 5.75
C ILE A 38 -12.57 -0.75 5.28
N ARG A 39 -12.67 -1.76 4.41
CA ARG A 39 -13.93 -2.45 4.01
C ARG A 39 -14.53 -3.35 5.12
N ALA A 40 -13.73 -3.88 6.05
CA ALA A 40 -14.17 -4.63 7.25
C ALA A 40 -14.54 -3.70 8.44
N GLU A 41 -13.62 -2.85 8.89
CA GLU A 41 -13.82 -1.82 9.96
C GLU A 41 -14.84 -0.69 9.65
N GLY A 42 -15.16 -0.41 8.38
CA GLY A 42 -16.06 0.67 7.94
C GLY A 42 -15.39 2.05 7.82
N ILE A 43 -14.27 2.13 7.10
CA ILE A 43 -13.44 3.31 6.77
C ILE A 43 -13.30 3.47 5.24
N THR A 44 -12.96 4.68 4.79
CA THR A 44 -12.87 5.08 3.37
C THR A 44 -11.87 6.21 3.07
N LYS A 45 -11.55 6.41 1.78
CA LYS A 45 -10.75 7.52 1.17
C LYS A 45 -10.99 8.91 1.79
N GLU A 46 -12.24 9.26 2.02
CA GLU A 46 -12.75 10.53 2.55
C GLU A 46 -12.21 10.82 3.98
N ASP A 47 -12.21 9.79 4.85
CA ASP A 47 -11.59 9.76 6.19
C ASP A 47 -10.04 9.88 6.09
N LEU A 48 -9.45 8.96 5.31
CA LEU A 48 -8.01 8.78 5.11
C LEU A 48 -7.29 10.05 4.61
N GLN A 49 -7.82 10.77 3.60
CA GLN A 49 -7.26 12.07 3.11
C GLN A 49 -7.30 13.23 4.14
N GLN A 50 -8.35 13.34 4.98
CA GLN A 50 -8.41 14.32 6.07
C GLN A 50 -7.35 14.05 7.16
N LYS A 51 -7.31 12.82 7.70
CA LYS A 51 -6.26 12.31 8.62
C LYS A 51 -4.82 12.45 8.07
N ALA A 52 -4.61 12.12 6.79
CA ALA A 52 -3.37 12.30 6.05
C ALA A 52 -2.97 13.75 5.68
N GLY A 53 -3.91 14.70 5.57
CA GLY A 53 -3.73 16.05 5.03
C GLY A 53 -3.56 16.10 3.49
N LYS A 54 -2.84 15.13 2.91
CA LYS A 54 -2.67 14.83 1.47
C LYS A 54 -4.04 14.44 0.84
N PRO A 55 -4.50 15.09 -0.25
CA PRO A 55 -5.66 14.63 -1.02
C PRO A 55 -5.39 13.26 -1.68
N VAL A 56 -5.97 12.19 -1.13
CA VAL A 56 -5.93 10.81 -1.66
C VAL A 56 -7.22 10.44 -2.41
N GLU A 57 -7.07 9.64 -3.49
CA GLU A 57 -8.15 9.09 -4.33
C GLU A 57 -8.30 7.56 -4.28
N THR A 58 -7.16 6.86 -4.16
CA THR A 58 -7.02 5.38 -4.26
C THR A 58 -6.04 4.80 -3.21
N VAL A 59 -5.81 3.49 -3.27
CA VAL A 59 -4.77 2.72 -2.53
C VAL A 59 -3.41 2.74 -3.27
N PRO A 60 -2.26 2.42 -2.61
CA PRO A 60 -2.14 2.04 -1.19
C PRO A 60 -2.32 3.23 -0.21
N GLN A 61 -2.54 2.89 1.07
CA GLN A 61 -2.72 3.80 2.20
C GLN A 61 -1.99 3.29 3.46
N ILE A 62 -0.68 3.54 3.48
CA ILE A 62 0.25 3.21 4.58
C ILE A 62 0.77 4.48 5.32
N PHE A 63 0.97 4.38 6.63
CA PHE A 63 1.63 5.39 7.48
C PHE A 63 2.93 4.77 8.06
N VAL A 64 4.01 5.57 8.16
CA VAL A 64 5.33 5.20 8.73
C VAL A 64 5.72 6.19 9.84
N ASP A 65 6.10 5.67 11.02
CA ASP A 65 6.32 6.38 12.30
C ASP A 65 5.35 7.56 12.56
N GLN A 66 4.07 7.31 12.21
CA GLN A 66 2.82 8.07 12.36
C GLN A 66 2.55 9.14 11.26
N GLN A 67 3.41 9.25 10.24
CA GLN A 67 3.29 10.12 9.06
C GLN A 67 2.60 9.40 7.88
N HIS A 68 1.72 10.09 7.13
CA HIS A 68 1.16 9.58 5.86
C HIS A 68 2.28 9.35 4.82
N ILE A 69 2.28 8.15 4.25
CA ILE A 69 3.06 7.65 3.11
C ILE A 69 2.07 7.06 2.05
N GLY A 70 2.54 6.72 0.84
CA GLY A 70 1.73 5.95 -0.12
C GLY A 70 1.53 4.49 0.33
N GLY A 71 2.60 3.70 0.21
CA GLY A 71 2.68 2.24 0.36
C GLY A 71 3.55 1.66 -0.76
N TYR A 72 3.15 0.54 -1.37
CA TYR A 72 3.88 -0.23 -2.40
C TYR A 72 4.81 0.64 -3.31
N THR A 73 4.25 1.59 -4.05
CA THR A 73 4.92 2.68 -4.85
C THR A 73 6.08 3.41 -4.12
N ASP A 74 5.75 4.03 -2.98
CA ASP A 74 6.56 4.86 -2.07
C ASP A 74 7.61 4.01 -1.31
N PHE A 75 7.15 2.93 -0.68
CA PHE A 75 7.87 1.88 0.07
C PHE A 75 8.98 1.19 -0.74
N ALA A 76 8.72 0.81 -1.99
CA ALA A 76 9.72 0.32 -2.97
C ALA A 76 10.86 1.36 -3.22
N ALA A 77 10.51 2.61 -3.57
CA ALA A 77 11.45 3.74 -3.70
C ALA A 77 12.29 4.02 -2.42
N TRP A 78 11.65 3.99 -1.24
CA TRP A 78 12.24 4.09 0.10
C TRP A 78 13.28 2.98 0.38
N VAL A 79 12.93 1.70 0.20
CA VAL A 79 13.88 0.54 0.25
C VAL A 79 15.05 0.72 -0.73
N LYS A 80 14.78 1.02 -2.00
CA LYS A 80 15.78 1.29 -3.08
C LYS A 80 16.85 2.31 -2.66
N GLU A 81 16.43 3.52 -2.25
CA GLU A 81 17.28 4.59 -1.67
C GLU A 81 18.05 4.21 -0.37
N ASN A 82 17.77 3.08 0.30
CA ASN A 82 18.59 2.52 1.39
C ASN A 82 19.61 1.48 0.87
N LEU A 83 19.13 0.39 0.25
CA LEU A 83 19.88 -0.81 -0.19
C LEU A 83 20.61 -0.65 -1.54
N ASP A 84 19.87 -0.29 -2.59
CA ASP A 84 20.31 -0.06 -3.99
C ASP A 84 20.90 1.37 -4.30
N ALA A 85 21.04 2.19 -3.24
CA ALA A 85 21.33 3.62 -3.17
C ALA A 85 22.56 4.17 -3.94
N GLY B 1 -24.38 -12.75 -29.90
CA GLY B 1 -24.64 -14.14 -30.30
C GLY B 1 -24.23 -15.04 -29.15
N ALA B 2 -23.02 -15.60 -29.21
CA ALA B 2 -22.32 -16.30 -28.13
C ALA B 2 -20.83 -15.88 -28.17
N GLU B 3 -20.42 -15.02 -27.22
CA GLU B 3 -19.11 -14.33 -27.16
C GLU B 3 -18.49 -14.28 -25.74
N ASP B 4 -17.18 -14.01 -25.63
CA ASP B 4 -16.37 -13.90 -24.39
C ASP B 4 -15.27 -12.81 -24.45
N ALA B 5 -15.03 -12.12 -23.33
CA ALA B 5 -14.05 -11.01 -23.18
C ALA B 5 -12.79 -11.41 -22.34
N GLN B 6 -11.69 -11.76 -23.02
CA GLN B 6 -10.37 -12.12 -22.48
C GLN B 6 -9.28 -11.05 -22.72
N ASP B 7 -8.38 -10.89 -21.74
CA ASP B 7 -7.28 -9.89 -21.73
C ASP B 7 -5.90 -10.49 -22.11
N ASP B 8 -5.07 -9.69 -22.79
CA ASP B 8 -3.69 -10.01 -23.24
C ASP B 8 -2.65 -9.00 -22.70
N LEU B 9 -1.46 -9.49 -22.29
CA LEU B 9 -0.42 -8.70 -21.59
C LEU B 9 1.02 -8.96 -22.11
N VAL B 10 1.54 -8.01 -22.90
CA VAL B 10 2.94 -7.98 -23.40
C VAL B 10 4.00 -7.63 -22.32
N PRO B 11 3.78 -6.79 -21.27
CA PRO B 11 4.74 -6.65 -20.16
C PRO B 11 4.65 -7.79 -19.12
N SER B 12 5.71 -7.99 -18.34
CA SER B 12 5.83 -9.07 -17.33
C SER B 12 5.29 -8.70 -15.92
N ILE B 13 5.30 -9.68 -15.02
CA ILE B 13 4.68 -9.70 -13.66
C ILE B 13 5.49 -8.99 -12.53
N GLN B 14 6.06 -7.82 -12.87
CA GLN B 14 6.83 -6.87 -12.04
C GLN B 14 6.27 -6.65 -10.61
N ASP B 15 7.13 -6.69 -9.58
CA ASP B 15 6.79 -6.36 -8.18
C ASP B 15 7.66 -5.18 -7.66
N ASP B 16 7.14 -3.94 -7.73
CA ASP B 16 7.91 -2.70 -7.44
C ASP B 16 7.04 -1.42 -7.20
N GLY B 17 6.77 -0.61 -8.22
CA GLY B 17 6.18 0.75 -8.17
C GLY B 17 4.68 1.03 -8.25
N SER B 18 3.77 0.07 -8.08
CA SER B 18 2.30 0.26 -8.23
C SER B 18 1.69 1.34 -7.30
N GLU B 19 1.16 2.42 -7.91
CA GLU B 19 0.69 3.68 -7.28
C GLU B 19 -0.83 3.88 -7.00
N SER B 20 -1.69 2.97 -7.49
CA SER B 20 -3.17 3.04 -7.43
C SER B 20 -3.85 1.68 -7.07
N GLY B 21 -5.18 1.57 -7.27
CA GLY B 21 -6.01 0.34 -7.11
C GLY B 21 -7.50 0.52 -6.79
N ALA B 22 -8.00 1.77 -6.73
CA ALA B 22 -9.42 2.20 -6.67
C ALA B 22 -10.35 1.55 -5.58
N CYS B 23 -9.74 0.97 -4.54
CA CYS B 23 -10.33 0.19 -3.44
C CYS B 23 -11.14 1.05 -2.41
N LYS B 24 -12.04 0.41 -1.64
CA LYS B 24 -13.09 1.02 -0.76
C LYS B 24 -13.92 -0.06 -0.02
N ILE B 25 -14.83 0.33 0.90
CA ILE B 25 -15.93 -0.38 1.61
C ILE B 25 -17.01 -0.98 0.69
N MET A 1 11.57 1.29 13.46
CA MET A 1 10.50 1.63 12.48
C MET A 1 9.14 1.10 12.90
N GLN A 2 8.10 1.95 12.81
CA GLN A 2 6.66 1.60 12.93
C GLN A 2 5.93 1.79 11.58
N THR A 3 5.27 0.76 11.04
CA THR A 3 4.46 0.83 9.80
C THR A 3 3.00 0.34 9.97
N VAL A 4 2.01 1.21 9.69
CA VAL A 4 0.55 0.98 9.82
C VAL A 4 -0.15 0.92 8.45
N ILE A 5 -0.90 -0.15 8.17
CA ILE A 5 -1.52 -0.49 6.86
C ILE A 5 -3.05 -0.54 6.91
N PHE A 6 -3.71 0.24 6.04
CA PHE A 6 -5.16 0.51 6.01
C PHE A 6 -5.89 -0.21 4.83
N GLY A 7 -6.60 -1.31 5.14
CA GLY A 7 -7.49 -2.04 4.22
C GLY A 7 -6.86 -3.04 3.23
N ARG A 8 -6.07 -4.03 3.70
CA ARG A 8 -5.50 -5.17 2.90
C ARG A 8 -6.54 -6.00 2.09
N SER A 9 -7.81 -6.05 2.55
CA SER A 9 -8.93 -6.90 2.09
C SER A 9 -9.43 -6.68 0.64
N GLY A 10 -9.48 -7.78 -0.14
CA GLY A 10 -10.09 -7.93 -1.47
C GLY A 10 -9.41 -7.27 -2.69
N CYS A 11 -8.20 -6.69 -2.55
CA CYS A 11 -7.44 -6.04 -3.62
C CYS A 11 -5.91 -6.30 -3.56
N PRO A 12 -5.29 -6.88 -4.61
CA PRO A 12 -3.86 -7.28 -4.62
C PRO A 12 -2.89 -6.10 -4.40
N TYR A 13 -3.24 -4.90 -4.87
CA TYR A 13 -2.55 -3.62 -4.63
C TYR A 13 -2.29 -3.35 -3.12
N SER A 14 -3.35 -3.49 -2.30
CA SER A 14 -3.33 -3.39 -0.84
C SER A 14 -2.65 -4.58 -0.13
N VAL A 15 -2.87 -5.82 -0.63
CA VAL A 15 -2.16 -7.03 -0.17
C VAL A 15 -0.64 -6.88 -0.28
N ARG A 16 -0.09 -6.54 -1.47
CA ARG A 16 1.35 -6.28 -1.67
C ARG A 16 1.88 -5.16 -0.75
N ALA A 17 1.15 -4.04 -0.59
CA ALA A 17 1.49 -2.96 0.35
C ALA A 17 1.67 -3.43 1.82
N LYS A 18 0.76 -4.25 2.38
CA LYS A 18 0.90 -4.92 3.71
C LYS A 18 2.04 -5.94 3.75
N ASP A 19 2.01 -6.90 2.83
CA ASP A 19 2.94 -8.03 2.69
C ASP A 19 4.42 -7.58 2.61
N LEU A 20 4.72 -6.48 1.89
CA LEU A 20 6.03 -5.77 1.88
C LEU A 20 6.52 -5.33 3.29
N ALA A 21 5.66 -4.68 4.09
CA ALA A 21 5.89 -4.32 5.50
C ALA A 21 6.06 -5.54 6.46
N GLU A 22 5.20 -6.57 6.35
CA GLU A 22 5.32 -7.85 7.09
C GLU A 22 6.64 -8.60 6.80
N LYS A 23 7.07 -8.68 5.53
CA LYS A 23 8.38 -9.16 5.04
C LYS A 23 9.53 -8.46 5.77
N LEU A 24 9.55 -7.12 5.78
CA LEU A 24 10.48 -6.28 6.56
C LEU A 24 10.43 -6.56 8.09
N SER A 25 9.25 -6.66 8.71
CA SER A 25 9.10 -7.09 10.12
C SER A 25 9.61 -8.52 10.42
N ASN A 26 9.49 -9.48 9.48
CA ASN A 26 10.09 -10.82 9.50
C ASN A 26 11.64 -10.81 9.37
N GLU A 27 12.16 -10.15 8.33
CA GLU A 27 13.57 -9.94 7.94
C GLU A 27 14.42 -9.13 8.96
N ARG A 28 13.84 -8.15 9.65
CA ARG A 28 14.50 -7.15 10.53
C ARG A 28 14.02 -7.23 11.99
N ASP A 29 14.83 -6.71 12.90
CA ASP A 29 14.57 -6.48 14.33
C ASP A 29 13.96 -5.08 14.65
N ASP A 30 14.36 -4.08 13.85
CA ASP A 30 14.02 -2.65 13.92
C ASP A 30 12.53 -2.31 13.68
N PHE A 31 11.94 -3.10 12.79
CA PHE A 31 10.65 -2.95 12.13
C PHE A 31 9.44 -3.69 12.78
N GLN A 32 8.45 -2.90 13.23
CA GLN A 32 7.12 -3.29 13.74
C GLN A 32 5.94 -2.85 12.84
N TYR A 33 4.99 -3.76 12.61
CA TYR A 33 3.85 -3.67 11.69
C TYR A 33 2.45 -3.72 12.37
N GLN A 34 1.51 -2.88 11.92
CA GLN A 34 0.09 -2.79 12.37
C GLN A 34 -0.88 -2.85 11.16
N TYR A 35 -1.93 -3.67 11.22
CA TYR A 35 -2.98 -3.84 10.19
C TYR A 35 -4.36 -3.33 10.68
N VAL A 36 -4.98 -2.43 9.90
CA VAL A 36 -6.28 -1.76 10.16
C VAL A 36 -7.30 -2.02 9.03
N ASP A 37 -8.37 -2.76 9.29
CA ASP A 37 -9.46 -3.10 8.36
C ASP A 37 -10.47 -1.97 8.04
N ILE A 38 -10.08 -0.92 7.31
CA ILE A 38 -10.95 0.22 6.89
C ILE A 38 -12.22 -0.26 6.13
N ARG A 39 -12.04 -1.29 5.29
CA ARG A 39 -13.06 -2.05 4.52
C ARG A 39 -13.96 -2.98 5.37
N ALA A 40 -13.73 -3.09 6.69
CA ALA A 40 -14.62 -3.81 7.64
C ALA A 40 -15.06 -2.93 8.85
N GLU A 41 -14.15 -2.14 9.42
CA GLU A 41 -14.33 -1.08 10.45
C GLU A 41 -15.26 0.08 10.02
N GLY A 42 -15.48 0.30 8.71
CA GLY A 42 -16.45 1.23 8.11
C GLY A 42 -15.92 2.59 7.61
N ILE A 43 -14.65 2.63 7.17
CA ILE A 43 -13.83 3.82 6.82
C ILE A 43 -13.40 3.80 5.34
N THR A 44 -13.20 4.99 4.76
CA THR A 44 -13.00 5.22 3.31
C THR A 44 -11.83 6.15 2.94
N LYS A 45 -11.49 6.21 1.64
CA LYS A 45 -10.56 7.14 0.96
C LYS A 45 -10.76 8.63 1.32
N GLU A 46 -12.01 9.08 1.41
CA GLU A 46 -12.46 10.43 1.81
C GLU A 46 -12.03 10.81 3.25
N ASP A 47 -12.07 9.85 4.19
CA ASP A 47 -11.49 9.97 5.55
C ASP A 47 -9.95 9.97 5.51
N LEU A 48 -9.36 8.94 4.89
CA LEU A 48 -7.91 8.68 4.82
C LEU A 48 -7.08 9.88 4.28
N GLN A 49 -7.56 10.61 3.25
CA GLN A 49 -6.94 11.87 2.78
C GLN A 49 -6.85 12.98 3.86
N GLN A 50 -7.96 13.24 4.57
CA GLN A 50 -8.06 14.19 5.70
C GLN A 50 -7.20 13.74 6.91
N LYS A 51 -7.32 12.46 7.31
CA LYS A 51 -6.55 11.75 8.35
C LYS A 51 -5.02 11.76 8.12
N ALA A 52 -4.60 11.66 6.86
CA ALA A 52 -3.22 11.87 6.35
C ALA A 52 -2.80 13.35 6.20
N GLY A 53 -3.74 14.29 6.07
CA GLY A 53 -3.49 15.69 5.72
C GLY A 53 -3.02 15.92 4.27
N LYS A 54 -3.23 14.94 3.36
CA LYS A 54 -2.75 14.77 1.97
C LYS A 54 -3.91 14.32 1.05
N PRO A 55 -4.16 14.98 -0.12
CA PRO A 55 -5.13 14.49 -1.10
C PRO A 55 -4.76 13.08 -1.61
N VAL A 56 -5.65 12.09 -1.41
CA VAL A 56 -5.59 10.72 -1.97
C VAL A 56 -6.86 10.33 -2.75
N GLU A 57 -6.68 9.53 -3.81
CA GLU A 57 -7.72 9.00 -4.71
C GLU A 57 -7.81 7.46 -4.74
N THR A 58 -6.66 6.77 -4.59
CA THR A 58 -6.43 5.32 -4.78
C THR A 58 -5.54 4.67 -3.69
N VAL A 59 -5.30 3.35 -3.80
CA VAL A 59 -4.29 2.60 -3.00
C VAL A 59 -2.88 2.76 -3.61
N PRO A 60 -1.79 2.50 -2.84
CA PRO A 60 -1.77 2.07 -1.43
C PRO A 60 -2.17 3.15 -0.41
N GLN A 61 -2.43 2.74 0.83
CA GLN A 61 -2.77 3.57 2.00
C GLN A 61 -2.07 3.09 3.29
N ILE A 62 -0.84 3.54 3.46
CA ILE A 62 0.08 3.29 4.60
C ILE A 62 0.50 4.57 5.35
N PHE A 63 0.82 4.40 6.64
CA PHE A 63 1.41 5.40 7.54
C PHE A 63 2.67 4.82 8.22
N VAL A 64 3.86 5.34 7.93
CA VAL A 64 5.14 5.01 8.61
C VAL A 64 5.46 6.07 9.69
N ASP A 65 6.09 5.68 10.80
CA ASP A 65 6.46 6.48 11.99
C ASP A 65 5.32 7.31 12.68
N GLN A 66 4.06 7.13 12.24
CA GLN A 66 2.77 7.82 12.53
C GLN A 66 2.38 8.94 11.51
N GLN A 67 3.06 9.09 10.37
CA GLN A 67 2.72 9.95 9.21
C GLN A 67 2.34 9.15 7.94
N HIS A 68 1.45 9.67 7.08
CA HIS A 68 1.09 9.06 5.77
C HIS A 68 2.29 8.97 4.80
N ILE A 69 2.74 7.75 4.53
CA ILE A 69 3.74 7.34 3.52
C ILE A 69 3.02 6.31 2.63
N GLY A 70 2.63 6.72 1.41
CA GLY A 70 1.75 6.01 0.44
C GLY A 70 1.57 4.51 0.65
N GLY A 71 2.66 3.77 0.53
CA GLY A 71 2.78 2.31 0.65
C GLY A 71 3.57 1.71 -0.50
N TYR A 72 3.15 0.58 -1.08
CA TYR A 72 3.80 -0.16 -2.20
C TYR A 72 4.61 0.72 -3.20
N THR A 73 4.02 1.78 -3.80
CA THR A 73 4.71 2.76 -4.69
C THR A 73 5.76 3.70 -4.05
N ASP A 74 5.51 4.22 -2.84
CA ASP A 74 6.46 4.99 -1.97
C ASP A 74 7.55 4.07 -1.35
N PHE A 75 7.09 3.10 -0.55
CA PHE A 75 7.86 2.13 0.25
C PHE A 75 8.88 1.30 -0.55
N ALA A 76 8.57 0.86 -1.78
CA ALA A 76 9.54 0.24 -2.68
C ALA A 76 10.68 1.21 -3.12
N ALA A 77 10.34 2.45 -3.51
CA ALA A 77 11.32 3.52 -3.76
C ALA A 77 12.22 3.80 -2.52
N TRP A 78 11.65 3.85 -1.31
CA TRP A 78 12.37 3.88 -0.03
C TRP A 78 13.30 2.66 0.17
N VAL A 79 12.82 1.42 -0.01
CA VAL A 79 13.64 0.18 -0.05
C VAL A 79 14.83 0.30 -1.03
N LYS A 80 14.66 0.84 -2.25
CA LYS A 80 15.75 1.19 -3.19
C LYS A 80 16.73 2.24 -2.60
N GLU A 81 16.22 3.31 -1.96
CA GLU A 81 16.96 4.32 -1.14
C GLU A 81 17.73 3.74 0.09
N ASN A 82 17.50 2.48 0.49
CA ASN A 82 18.25 1.68 1.47
C ASN A 82 19.22 0.66 0.82
N LEU A 83 18.71 -0.31 0.04
CA LEU A 83 19.44 -1.47 -0.53
C LEU A 83 20.23 -1.16 -1.83
N ASP A 84 19.58 -0.57 -2.83
CA ASP A 84 20.13 -0.18 -4.15
C ASP A 84 20.87 1.18 -4.21
N ALA A 85 20.86 1.92 -3.10
CA ALA A 85 21.41 3.24 -2.78
C ALA A 85 22.95 3.36 -2.59
N GLY B 1 -16.71 -18.35 -28.56
CA GLY B 1 -17.89 -17.76 -29.22
C GLY B 1 -17.66 -16.28 -29.36
N ALA B 2 -18.25 -15.50 -28.45
CA ALA B 2 -17.99 -14.07 -28.24
C ALA B 2 -17.96 -13.83 -26.71
N GLU B 3 -16.76 -13.66 -26.16
CA GLU B 3 -16.42 -13.59 -24.73
C GLU B 3 -15.36 -12.50 -24.42
N ASP B 4 -15.11 -12.25 -23.12
CA ASP B 4 -14.00 -11.39 -22.63
C ASP B 4 -12.76 -12.25 -22.23
N ALA B 5 -11.66 -12.15 -22.98
CA ALA B 5 -10.38 -12.82 -22.75
C ALA B 5 -9.23 -11.77 -22.62
N GLN B 6 -8.79 -11.52 -21.38
CA GLN B 6 -7.79 -10.50 -21.00
C GLN B 6 -6.64 -11.09 -20.14
N ASP B 7 -5.40 -10.79 -20.53
CA ASP B 7 -4.14 -11.36 -19.98
C ASP B 7 -3.45 -10.44 -18.94
N ASP B 8 -3.87 -10.56 -17.67
CA ASP B 8 -3.29 -9.89 -16.50
C ASP B 8 -1.81 -10.26 -16.18
N LEU B 9 -1.15 -9.53 -15.25
CA LEU B 9 0.31 -9.61 -15.00
C LEU B 9 0.90 -11.04 -14.79
N VAL B 10 1.40 -11.60 -15.91
CA VAL B 10 2.10 -12.90 -16.08
C VAL B 10 3.45 -12.82 -16.85
N PRO B 11 3.72 -11.90 -17.80
CA PRO B 11 5.07 -11.74 -18.37
C PRO B 11 6.06 -11.04 -17.39
N SER B 12 5.58 -10.17 -16.48
CA SER B 12 6.40 -9.52 -15.43
C SER B 12 5.62 -9.10 -14.16
N ILE B 13 5.79 -9.85 -13.07
CA ILE B 13 5.25 -9.63 -11.69
C ILE B 13 6.06 -8.65 -10.78
N GLN B 14 6.92 -7.80 -11.38
CA GLN B 14 7.72 -6.73 -10.75
C GLN B 14 6.88 -5.79 -9.84
N ASP B 15 7.28 -5.63 -8.57
CA ASP B 15 6.65 -4.74 -7.59
C ASP B 15 7.62 -3.65 -7.04
N ASP B 16 7.60 -2.45 -7.63
CA ASP B 16 8.39 -1.27 -7.18
C ASP B 16 7.90 0.17 -7.54
N GLY B 17 6.69 0.35 -8.09
CA GLY B 17 6.10 1.68 -8.35
C GLY B 17 4.73 1.67 -9.04
N SER B 18 3.65 1.33 -8.32
CA SER B 18 2.28 1.21 -8.85
C SER B 18 1.23 1.96 -8.00
N GLU B 19 0.90 3.21 -8.37
CA GLU B 19 0.08 4.19 -7.61
C GLU B 19 -1.47 4.05 -7.66
N SER B 20 -2.02 2.92 -8.11
CA SER B 20 -3.48 2.71 -8.33
C SER B 20 -4.10 1.48 -7.63
N GLY B 21 -5.43 1.38 -7.74
CA GLY B 21 -6.33 0.27 -7.36
C GLY B 21 -7.69 0.68 -6.76
N ALA B 22 -7.88 1.97 -6.40
CA ALA B 22 -9.14 2.60 -5.89
C ALA B 22 -9.87 1.89 -4.70
N CYS B 23 -9.18 0.98 -4.01
CA CYS B 23 -9.71 0.05 -3.01
C CYS B 23 -10.12 0.71 -1.67
N LYS B 24 -11.36 0.46 -1.23
CA LYS B 24 -12.07 0.89 0.01
C LYS B 24 -13.52 0.34 0.10
N ILE B 25 -14.18 0.57 1.24
CA ILE B 25 -15.62 0.29 1.56
C ILE B 25 -16.62 0.74 0.47
N MET A 1 10.99 1.42 14.89
CA MET A 1 10.34 1.90 13.64
C MET A 1 8.95 1.28 13.46
N GLN A 2 7.91 2.09 13.26
CA GLN A 2 6.49 1.70 13.09
C GLN A 2 5.94 1.89 11.66
N THR A 3 5.38 0.86 11.02
CA THR A 3 4.63 0.95 9.73
C THR A 3 3.20 0.39 9.84
N VAL A 4 2.18 1.24 9.64
CA VAL A 4 0.72 0.94 9.77
C VAL A 4 0.03 0.93 8.40
N ILE A 5 -0.80 -0.09 8.11
CA ILE A 5 -1.42 -0.37 6.79
C ILE A 5 -2.96 -0.40 6.84
N PHE A 6 -3.60 0.38 5.97
CA PHE A 6 -5.05 0.53 5.79
C PHE A 6 -5.59 -0.24 4.56
N GLY A 7 -6.35 -1.32 4.79
CA GLY A 7 -7.15 -2.10 3.83
C GLY A 7 -6.45 -3.11 2.91
N ARG A 8 -5.77 -4.14 3.44
CA ARG A 8 -5.24 -5.32 2.66
C ARG A 8 -6.39 -6.09 1.97
N SER A 9 -7.46 -6.31 2.74
CA SER A 9 -8.64 -7.12 2.46
C SER A 9 -9.42 -6.61 1.23
N GLY A 10 -9.40 -7.38 0.14
CA GLY A 10 -10.21 -7.21 -1.07
C GLY A 10 -9.55 -6.65 -2.35
N CYS A 11 -8.34 -6.09 -2.30
CA CYS A 11 -7.60 -5.51 -3.44
C CYS A 11 -6.09 -5.92 -3.55
N PRO A 12 -5.63 -6.46 -4.70
CA PRO A 12 -4.30 -7.08 -4.86
C PRO A 12 -3.07 -6.14 -4.77
N TYR A 13 -3.15 -4.87 -5.20
CA TYR A 13 -2.03 -3.92 -5.00
C TYR A 13 -1.89 -3.53 -3.51
N SER A 14 -3.02 -3.38 -2.79
CA SER A 14 -3.09 -3.22 -1.32
C SER A 14 -2.54 -4.44 -0.56
N VAL A 15 -2.82 -5.67 -1.03
CA VAL A 15 -2.19 -6.92 -0.53
C VAL A 15 -0.67 -6.83 -0.62
N ARG A 16 -0.11 -6.54 -1.81
CA ARG A 16 1.33 -6.40 -2.07
C ARG A 16 1.96 -5.29 -1.21
N ALA A 17 1.30 -4.14 -1.04
CA ALA A 17 1.66 -3.05 -0.11
C ALA A 17 1.84 -3.49 1.37
N LYS A 18 0.85 -4.20 1.95
CA LYS A 18 0.94 -4.81 3.31
C LYS A 18 1.99 -5.92 3.40
N ASP A 19 1.95 -6.88 2.49
CA ASP A 19 2.84 -8.03 2.36
C ASP A 19 4.34 -7.65 2.40
N LEU A 20 4.73 -6.58 1.70
CA LEU A 20 6.04 -5.92 1.77
C LEU A 20 6.48 -5.55 3.21
N ALA A 21 5.67 -4.79 3.96
CA ALA A 21 5.89 -4.42 5.37
C ALA A 21 5.93 -5.62 6.34
N GLU A 22 5.01 -6.59 6.19
CA GLU A 22 4.98 -7.89 6.90
C GLU A 22 6.28 -8.72 6.71
N LYS A 23 6.76 -8.87 5.46
CA LYS A 23 8.09 -9.41 5.04
C LYS A 23 9.28 -8.68 5.70
N LEU A 24 9.25 -7.34 5.75
CA LEU A 24 10.21 -6.47 6.46
C LEU A 24 10.22 -6.71 8.01
N SER A 25 9.04 -6.78 8.66
CA SER A 25 8.86 -7.19 10.07
C SER A 25 9.35 -8.62 10.40
N ASN A 26 9.24 -9.56 9.43
CA ASN A 26 9.86 -10.91 9.45
C ASN A 26 11.41 -10.84 9.34
N GLU A 27 11.96 -10.01 8.44
CA GLU A 27 13.39 -9.80 8.12
C GLU A 27 14.23 -9.16 9.25
N ARG A 28 13.61 -8.41 10.18
CA ARG A 28 14.29 -7.55 11.20
C ARG A 28 13.73 -7.55 12.63
N ASP A 29 14.47 -6.93 13.56
CA ASP A 29 14.14 -6.66 14.98
C ASP A 29 14.03 -5.14 15.37
N ASP A 30 13.86 -4.26 14.37
CA ASP A 30 13.65 -2.80 14.46
C ASP A 30 12.24 -2.32 14.02
N PHE A 31 11.66 -3.07 13.08
CA PHE A 31 10.45 -2.82 12.30
C PHE A 31 9.18 -3.52 12.87
N GLN A 32 8.31 -2.69 13.43
CA GLN A 32 6.98 -2.98 14.00
C GLN A 32 5.92 -2.69 12.91
N TYR A 33 5.12 -3.70 12.55
CA TYR A 33 4.01 -3.59 11.56
C TYR A 33 2.62 -3.71 12.20
N GLN A 34 1.66 -2.88 11.79
CA GLN A 34 0.26 -2.86 12.29
C GLN A 34 -0.75 -2.94 11.12
N TYR A 35 -1.74 -3.84 11.22
CA TYR A 35 -2.76 -4.09 10.18
C TYR A 35 -4.19 -3.65 10.57
N VAL A 36 -4.82 -2.83 9.71
CA VAL A 36 -6.16 -2.23 9.87
C VAL A 36 -6.98 -2.30 8.54
N ASP A 37 -8.11 -3.00 8.45
CA ASP A 37 -9.04 -2.89 7.30
C ASP A 37 -9.89 -1.60 7.23
N ILE A 38 -10.38 -1.29 6.02
CA ILE A 38 -11.23 -0.11 5.72
C ILE A 38 -12.60 -0.52 5.11
N ARG A 39 -12.63 -1.39 4.07
CA ARG A 39 -13.86 -2.02 3.51
C ARG A 39 -14.60 -2.96 4.49
N ALA A 40 -13.87 -3.68 5.35
CA ALA A 40 -14.40 -4.59 6.38
C ALA A 40 -14.80 -3.92 7.74
N GLU A 41 -14.11 -2.86 8.16
CA GLU A 41 -14.46 -2.00 9.33
C GLU A 41 -15.51 -0.90 9.06
N GLY A 42 -15.52 -0.28 7.86
CA GLY A 42 -16.41 0.82 7.43
C GLY A 42 -15.72 2.20 7.37
N ILE A 43 -14.62 2.31 6.60
CA ILE A 43 -13.73 3.49 6.40
C ILE A 43 -13.41 3.67 4.90
N THR A 44 -13.06 4.91 4.50
CA THR A 44 -12.92 5.35 3.09
C THR A 44 -11.82 6.41 2.83
N LYS A 45 -11.47 6.63 1.56
CA LYS A 45 -10.61 7.71 0.98
C LYS A 45 -10.82 9.08 1.62
N GLU A 46 -12.09 9.49 1.78
CA GLU A 46 -12.57 10.77 2.33
C GLU A 46 -12.11 11.01 3.79
N ASP A 47 -12.01 9.95 4.61
CA ASP A 47 -11.39 9.91 5.95
C ASP A 47 -9.85 9.97 5.88
N LEU A 48 -9.27 9.02 5.12
CA LEU A 48 -7.83 8.73 5.01
C LEU A 48 -7.00 9.95 4.53
N GLN A 49 -7.43 10.71 3.51
CA GLN A 49 -6.75 11.96 3.08
C GLN A 49 -6.66 13.04 4.19
N GLN A 50 -7.67 13.15 5.06
CA GLN A 50 -7.72 14.10 6.18
C GLN A 50 -6.72 13.72 7.30
N LYS A 51 -6.68 12.45 7.72
CA LYS A 51 -5.68 11.82 8.62
C LYS A 51 -4.23 11.75 8.06
N ALA A 52 -4.07 11.71 6.73
CA ALA A 52 -2.81 11.73 5.98
C ALA A 52 -2.20 13.12 5.67
N GLY A 53 -3.04 14.14 5.42
CA GLY A 53 -2.67 15.47 4.91
C GLY A 53 -2.47 15.57 3.37
N LYS A 54 -2.02 14.47 2.75
CA LYS A 54 -1.95 14.24 1.28
C LYS A 54 -3.40 14.07 0.73
N PRO A 55 -3.83 14.81 -0.31
CA PRO A 55 -5.10 14.59 -1.00
C PRO A 55 -5.06 13.27 -1.82
N VAL A 56 -5.35 12.16 -1.15
CA VAL A 56 -5.42 10.80 -1.74
C VAL A 56 -6.74 10.56 -2.51
N GLU A 57 -6.68 9.72 -3.55
CA GLU A 57 -7.81 9.30 -4.41
C GLU A 57 -8.01 7.76 -4.43
N THR A 58 -6.93 6.98 -4.43
CA THR A 58 -6.89 5.49 -4.51
C THR A 58 -5.97 4.85 -3.45
N VAL A 59 -5.81 3.52 -3.48
CA VAL A 59 -4.82 2.71 -2.72
C VAL A 59 -3.41 2.70 -3.40
N PRO A 60 -2.33 2.30 -2.72
CA PRO A 60 -2.26 1.89 -1.29
C PRO A 60 -2.45 3.07 -0.29
N GLN A 61 -2.64 2.73 0.99
CA GLN A 61 -2.83 3.64 2.13
C GLN A 61 -2.06 3.17 3.39
N ILE A 62 -0.78 3.53 3.44
CA ILE A 62 0.23 3.24 4.48
C ILE A 62 0.78 4.52 5.19
N PHE A 63 1.22 4.33 6.43
CA PHE A 63 1.85 5.34 7.32
C PHE A 63 3.15 4.75 7.95
N VAL A 64 4.26 5.49 7.93
CA VAL A 64 5.56 5.17 8.61
C VAL A 64 5.81 6.18 9.75
N ASP A 65 6.22 5.68 10.93
CA ASP A 65 6.33 6.37 12.23
C ASP A 65 5.23 7.44 12.47
N GLN A 66 3.98 7.06 12.16
CA GLN A 66 2.70 7.80 12.25
C GLN A 66 2.43 8.91 11.19
N GLN A 67 3.34 9.14 10.23
CA GLN A 67 3.20 10.00 9.03
C GLN A 67 2.75 9.19 7.80
N HIS A 68 1.84 9.70 6.96
CA HIS A 68 1.43 9.07 5.67
C HIS A 68 2.62 8.94 4.69
N ILE A 69 2.86 7.70 4.26
CA ILE A 69 3.78 7.22 3.20
C ILE A 69 2.99 6.19 2.37
N GLY A 70 2.36 6.65 1.28
CA GLY A 70 1.38 5.95 0.41
C GLY A 70 1.24 4.42 0.55
N GLY A 71 2.34 3.69 0.35
CA GLY A 71 2.46 2.23 0.34
C GLY A 71 3.33 1.73 -0.78
N TYR A 72 3.00 0.60 -1.40
CA TYR A 72 3.77 -0.15 -2.41
C TYR A 72 4.66 0.78 -3.31
N THR A 73 4.07 1.72 -4.04
CA THR A 73 4.74 2.83 -4.79
C THR A 73 5.78 3.68 -4.01
N ASP A 74 5.34 4.34 -2.92
CA ASP A 74 6.03 5.30 -2.03
C ASP A 74 7.10 4.59 -1.14
N PHE A 75 6.70 3.48 -0.51
CA PHE A 75 7.47 2.46 0.25
C PHE A 75 8.60 1.82 -0.57
N ALA A 76 8.35 1.43 -1.83
CA ALA A 76 9.37 0.97 -2.77
C ALA A 76 10.47 2.01 -3.01
N ALA A 77 10.14 3.27 -3.29
CA ALA A 77 11.09 4.39 -3.38
C ALA A 77 11.92 4.58 -2.09
N TRP A 78 11.31 4.53 -0.90
CA TRP A 78 11.99 4.51 0.41
C TRP A 78 13.01 3.35 0.55
N VAL A 79 12.59 2.07 0.35
CA VAL A 79 13.46 0.86 0.33
C VAL A 79 14.56 0.94 -0.76
N LYS A 80 14.25 1.35 -1.99
CA LYS A 80 15.18 1.61 -3.11
C LYS A 80 16.28 2.59 -2.69
N GLU A 81 15.92 3.82 -2.29
CA GLU A 81 16.81 4.87 -1.78
C GLU A 81 17.61 4.50 -0.50
N ASN A 82 17.30 3.37 0.17
CA ASN A 82 18.08 2.73 1.24
C ASN A 82 19.10 1.69 0.66
N LEU A 83 18.62 0.69 -0.09
CA LEU A 83 19.35 -0.50 -0.62
C LEU A 83 20.04 -0.27 -1.99
N ASP A 84 19.30 0.14 -3.04
CA ASP A 84 19.79 0.63 -4.35
C ASP A 84 20.50 2.03 -4.27
N ALA A 85 20.69 2.56 -3.06
CA ALA A 85 21.26 3.88 -2.70
C ALA A 85 22.62 4.21 -3.36
N GLY B 1 -23.15 -12.15 -29.22
CA GLY B 1 -23.65 -13.42 -29.78
C GLY B 1 -23.43 -14.50 -28.75
N ALA B 2 -22.35 -15.26 -28.88
CA ALA B 2 -21.82 -16.19 -27.88
C ALA B 2 -20.28 -16.02 -27.86
N GLU B 3 -19.76 -15.35 -26.82
CA GLU B 3 -18.36 -14.92 -26.66
C GLU B 3 -17.83 -15.11 -25.21
N ASP B 4 -16.52 -14.91 -25.01
CA ASP B 4 -15.83 -14.85 -23.70
C ASP B 4 -14.75 -13.73 -23.66
N ALA B 5 -14.61 -13.07 -22.52
CA ALA B 5 -13.76 -11.89 -22.29
C ALA B 5 -12.46 -12.22 -21.50
N GLN B 6 -11.38 -12.55 -22.22
CA GLN B 6 -10.04 -12.90 -21.68
C GLN B 6 -9.00 -11.77 -21.87
N ASP B 7 -8.11 -11.62 -20.87
CA ASP B 7 -7.15 -10.49 -20.75
C ASP B 7 -5.68 -10.89 -21.09
N ASP B 8 -5.34 -10.83 -22.37
CA ASP B 8 -3.99 -11.02 -22.96
C ASP B 8 -2.98 -9.92 -22.51
N LEU B 9 -1.71 -10.31 -22.31
CA LEU B 9 -0.63 -9.47 -21.75
C LEU B 9 0.79 -9.79 -22.28
N VAL B 10 1.61 -8.75 -22.47
CA VAL B 10 3.07 -8.77 -22.79
C VAL B 10 4.06 -8.43 -21.63
N PRO B 11 3.72 -7.66 -20.55
CA PRO B 11 4.63 -7.40 -19.42
C PRO B 11 4.77 -8.56 -18.40
N SER B 12 5.70 -8.39 -17.44
CA SER B 12 6.10 -9.31 -16.36
C SER B 12 5.36 -9.07 -15.02
N ILE B 13 5.47 -10.01 -14.07
CA ILE B 13 4.78 -10.03 -12.74
C ILE B 13 5.37 -9.08 -11.66
N GLN B 14 6.50 -8.41 -11.95
CA GLN B 14 7.22 -7.31 -11.27
C GLN B 14 6.72 -6.87 -9.86
N ASP B 15 7.41 -7.28 -8.79
CA ASP B 15 7.18 -6.84 -7.39
C ASP B 15 8.16 -5.71 -7.00
N ASP B 16 7.71 -4.45 -7.14
CA ASP B 16 8.47 -3.21 -6.87
C ASP B 16 7.53 -2.15 -6.23
N GLY B 17 6.89 -1.28 -7.02
CA GLY B 17 6.12 -0.10 -6.57
C GLY B 17 4.88 0.35 -7.39
N SER B 18 3.79 -0.44 -7.36
CA SER B 18 2.46 -0.07 -7.95
C SER B 18 1.76 1.13 -7.26
N GLU B 19 1.14 2.02 -8.05
CA GLU B 19 0.62 3.36 -7.65
C GLU B 19 -0.89 3.56 -7.35
N SER B 20 -1.78 2.62 -7.72
CA SER B 20 -3.25 2.77 -7.63
C SER B 20 -4.01 1.48 -7.19
N GLY B 21 -5.33 1.43 -7.41
CA GLY B 21 -6.21 0.25 -7.25
C GLY B 21 -7.69 0.52 -6.89
N ALA B 22 -8.12 1.79 -6.80
CA ALA B 22 -9.52 2.28 -6.68
C ALA B 22 -10.42 1.66 -5.55
N CYS B 23 -9.78 1.00 -4.59
CA CYS B 23 -10.34 0.22 -3.47
C CYS B 23 -10.97 1.11 -2.37
N LYS B 24 -12.07 0.63 -1.76
CA LYS B 24 -13.00 1.34 -0.84
C LYS B 24 -14.16 0.44 -0.36
N ILE B 25 -14.98 0.90 0.61
CA ILE B 25 -16.26 0.31 1.09
C ILE B 25 -17.24 -0.14 -0.03
N MET A 1 9.91 2.91 14.51
CA MET A 1 9.71 2.14 13.27
C MET A 1 8.45 1.27 13.37
N GLN A 2 7.28 1.93 13.31
CA GLN A 2 5.92 1.36 13.23
C GLN A 2 5.26 1.66 11.87
N THR A 3 4.87 0.65 11.09
CA THR A 3 4.22 0.80 9.77
C THR A 3 2.79 0.27 9.84
N VAL A 4 1.80 1.16 9.68
CA VAL A 4 0.35 0.93 9.87
C VAL A 4 -0.37 0.95 8.52
N ILE A 5 -1.06 -0.15 8.19
CA ILE A 5 -1.67 -0.46 6.88
C ILE A 5 -3.21 -0.40 6.94
N PHE A 6 -3.81 0.44 6.09
CA PHE A 6 -5.25 0.70 5.99
C PHE A 6 -5.88 0.04 4.75
N GLY A 7 -6.65 -1.05 4.95
CA GLY A 7 -7.44 -1.77 3.94
C GLY A 7 -6.73 -2.82 3.07
N ARG A 8 -6.11 -3.86 3.67
CA ARG A 8 -5.53 -5.05 2.99
C ARG A 8 -6.56 -5.72 2.07
N SER A 9 -7.71 -6.09 2.64
CA SER A 9 -8.90 -6.66 1.99
C SER A 9 -9.61 -5.66 1.05
N GLY A 10 -9.77 -6.05 -0.22
CA GLY A 10 -10.35 -5.30 -1.35
C GLY A 10 -9.50 -5.43 -2.62
N CYS A 11 -8.58 -4.51 -2.84
CA CYS A 11 -7.55 -4.44 -3.89
C CYS A 11 -6.25 -5.27 -3.65
N PRO A 12 -5.52 -5.70 -4.72
CA PRO A 12 -4.31 -6.53 -4.61
C PRO A 12 -3.03 -5.80 -4.17
N TYR A 13 -2.73 -4.56 -4.65
CA TYR A 13 -1.50 -3.84 -4.22
C TYR A 13 -1.49 -3.57 -2.71
N SER A 14 -2.65 -3.24 -2.12
CA SER A 14 -2.84 -3.10 -0.66
C SER A 14 -2.38 -4.35 0.12
N VAL A 15 -2.74 -5.56 -0.34
CA VAL A 15 -2.19 -6.82 0.22
C VAL A 15 -0.68 -6.90 0.06
N ARG A 16 -0.17 -6.69 -1.17
CA ARG A 16 1.26 -6.73 -1.50
C ARG A 16 2.07 -5.72 -0.65
N ALA A 17 1.55 -4.51 -0.44
CA ALA A 17 2.03 -3.45 0.46
C ALA A 17 2.07 -3.87 1.95
N LYS A 18 1.00 -4.50 2.47
CA LYS A 18 0.91 -5.11 3.81
C LYS A 18 1.95 -6.22 3.99
N ASP A 19 1.92 -7.23 3.11
CA ASP A 19 2.87 -8.33 2.95
C ASP A 19 4.35 -7.85 2.90
N LEU A 20 4.65 -6.76 2.19
CA LEU A 20 5.95 -6.06 2.18
C LEU A 20 6.35 -5.53 3.59
N ALA A 21 5.44 -4.87 4.33
CA ALA A 21 5.65 -4.48 5.74
C ALA A 21 5.87 -5.70 6.67
N GLU A 22 5.09 -6.78 6.53
CA GLU A 22 5.30 -8.07 7.23
C GLU A 22 6.68 -8.71 6.90
N LYS A 23 7.10 -8.71 5.62
CA LYS A 23 8.44 -9.11 5.15
C LYS A 23 9.55 -8.35 5.89
N LEU A 24 9.44 -7.02 5.98
CA LEU A 24 10.31 -6.13 6.77
C LEU A 24 10.34 -6.44 8.29
N SER A 25 9.17 -6.68 8.90
CA SER A 25 9.02 -7.14 10.30
C SER A 25 9.63 -8.54 10.56
N ASN A 26 9.51 -9.47 9.61
CA ASN A 26 10.16 -10.79 9.61
C ASN A 26 11.71 -10.62 9.47
N GLU A 27 12.17 -9.76 8.56
CA GLU A 27 13.56 -9.39 8.23
C GLU A 27 14.32 -8.63 9.35
N ARG A 28 13.67 -7.75 10.13
CA ARG A 28 14.25 -6.93 11.24
C ARG A 28 13.47 -6.99 12.57
N ASP A 29 14.22 -6.81 13.65
CA ASP A 29 13.80 -6.65 15.06
C ASP A 29 13.29 -5.24 15.41
N ASP A 30 13.83 -4.23 14.72
CA ASP A 30 13.48 -2.81 14.68
C ASP A 30 12.10 -2.48 14.10
N PHE A 31 11.63 -3.32 13.18
CA PHE A 31 10.43 -3.08 12.36
C PHE A 31 9.15 -3.78 12.87
N GLN A 32 8.18 -2.93 13.22
CA GLN A 32 6.85 -3.23 13.75
C GLN A 32 5.75 -2.92 12.71
N TYR A 33 4.80 -3.83 12.49
CA TYR A 33 3.69 -3.71 11.50
C TYR A 33 2.28 -3.84 12.13
N GLN A 34 1.32 -2.98 11.76
CA GLN A 34 -0.08 -2.96 12.28
C GLN A 34 -1.10 -2.92 11.13
N TYR A 35 -2.16 -3.74 11.19
CA TYR A 35 -3.18 -3.89 10.13
C TYR A 35 -4.60 -3.47 10.55
N VAL A 36 -5.18 -2.53 9.79
CA VAL A 36 -6.49 -1.88 9.96
C VAL A 36 -7.42 -2.10 8.75
N ASP A 37 -8.53 -2.84 8.90
CA ASP A 37 -9.54 -3.06 7.84
C ASP A 37 -10.49 -1.87 7.58
N ILE A 38 -10.09 -0.88 6.80
CA ILE A 38 -10.92 0.28 6.39
C ILE A 38 -12.15 -0.14 5.58
N ARG A 39 -11.94 -1.15 4.72
CA ARG A 39 -12.90 -1.84 3.86
C ARG A 39 -13.90 -2.73 4.64
N ALA A 40 -13.73 -2.86 5.97
CA ALA A 40 -14.68 -3.54 6.88
C ALA A 40 -15.10 -2.71 8.12
N GLU A 41 -14.15 -2.08 8.82
CA GLU A 41 -14.30 -1.14 9.95
C GLU A 41 -15.03 0.20 9.60
N GLY A 42 -15.27 0.50 8.32
CA GLY A 42 -16.08 1.64 7.83
C GLY A 42 -15.33 2.92 7.50
N ILE A 43 -14.27 2.83 6.68
CA ILE A 43 -13.31 3.92 6.35
C ILE A 43 -12.90 3.82 4.86
N THR A 44 -12.45 4.94 4.30
CA THR A 44 -12.16 5.14 2.85
C THR A 44 -11.08 6.19 2.59
N LYS A 45 -10.56 6.29 1.35
CA LYS A 45 -9.62 7.36 0.90
C LYS A 45 -10.12 8.80 1.14
N GLU A 46 -11.44 9.04 1.21
CA GLU A 46 -12.08 10.32 1.61
C GLU A 46 -11.86 10.65 3.12
N ASP A 47 -11.73 9.65 3.99
CA ASP A 47 -11.36 9.73 5.41
C ASP A 47 -9.82 9.74 5.58
N LEU A 48 -9.12 8.77 4.98
CA LEU A 48 -7.65 8.60 5.03
C LEU A 48 -6.88 9.86 4.58
N GLN A 49 -7.36 10.63 3.59
CA GLN A 49 -6.80 11.96 3.20
C GLN A 49 -6.84 12.99 4.37
N GLN A 50 -7.93 13.02 5.14
CA GLN A 50 -8.16 13.83 6.37
C GLN A 50 -7.30 13.33 7.56
N LYS A 51 -7.13 12.01 7.74
CA LYS A 51 -6.20 11.39 8.72
C LYS A 51 -4.71 11.62 8.40
N ALA A 52 -4.36 11.60 7.13
CA ALA A 52 -3.02 11.83 6.56
C ALA A 52 -2.57 13.30 6.42
N GLY A 53 -3.48 14.28 6.47
CA GLY A 53 -3.16 15.69 6.16
C GLY A 53 -2.67 15.90 4.71
N LYS A 54 -2.90 14.93 3.81
CA LYS A 54 -2.42 14.77 2.42
C LYS A 54 -3.60 14.55 1.44
N PRO A 55 -3.66 15.27 0.29
CA PRO A 55 -4.71 15.10 -0.73
C PRO A 55 -4.59 13.76 -1.50
N VAL A 56 -5.04 12.65 -0.89
CA VAL A 56 -5.14 11.32 -1.54
C VAL A 56 -6.44 11.16 -2.35
N GLU A 57 -6.43 10.24 -3.31
CA GLU A 57 -7.59 9.82 -4.13
C GLU A 57 -7.65 8.28 -4.41
N THR A 58 -6.59 7.55 -4.09
CA THR A 58 -6.30 6.13 -4.39
C THR A 58 -5.46 5.43 -3.30
N VAL A 59 -5.25 4.12 -3.49
CA VAL A 59 -4.35 3.23 -2.72
C VAL A 59 -2.91 3.22 -3.31
N PRO A 60 -1.90 2.67 -2.59
CA PRO A 60 -1.99 2.19 -1.20
C PRO A 60 -2.23 3.32 -0.17
N GLN A 61 -2.60 2.95 1.05
CA GLN A 61 -2.91 3.81 2.19
C GLN A 61 -2.23 3.27 3.47
N ILE A 62 -0.92 3.50 3.55
CA ILE A 62 -0.01 3.23 4.69
C ILE A 62 0.48 4.51 5.41
N PHE A 63 0.75 4.35 6.71
CA PHE A 63 1.25 5.36 7.67
C PHE A 63 2.46 4.78 8.42
N VAL A 64 3.66 5.24 8.08
CA VAL A 64 4.95 4.88 8.72
C VAL A 64 5.23 5.88 9.86
N ASP A 65 5.64 5.38 11.02
CA ASP A 65 5.83 6.04 12.32
C ASP A 65 4.74 7.12 12.60
N GLN A 66 3.50 6.71 12.34
CA GLN A 66 2.22 7.43 12.31
C GLN A 66 2.23 8.79 11.55
N GLN A 67 2.72 8.75 10.30
CA GLN A 67 2.75 9.78 9.24
C GLN A 67 2.55 9.07 7.88
N HIS A 68 1.72 9.62 6.98
CA HIS A 68 1.38 9.02 5.67
C HIS A 68 2.59 8.81 4.73
N ILE A 69 2.88 7.54 4.44
CA ILE A 69 3.84 7.02 3.45
C ILE A 69 3.05 6.01 2.62
N GLY A 70 2.55 6.43 1.45
CA GLY A 70 1.66 5.73 0.52
C GLY A 70 1.46 4.24 0.75
N GLY A 71 2.55 3.47 0.66
CA GLY A 71 2.59 2.00 0.69
C GLY A 71 3.45 1.53 -0.47
N TYR A 72 3.20 0.34 -1.04
CA TYR A 72 4.05 -0.34 -2.04
C TYR A 72 4.73 0.66 -3.00
N THR A 73 3.98 1.58 -3.66
CA THR A 73 4.49 2.71 -4.49
C THR A 73 5.60 3.59 -3.84
N ASP A 74 5.34 4.18 -2.67
CA ASP A 74 6.28 4.93 -1.80
C ASP A 74 7.39 4.01 -1.22
N PHE A 75 6.98 2.90 -0.57
CA PHE A 75 7.79 1.81 -0.01
C PHE A 75 8.86 1.23 -0.97
N ALA A 76 8.53 0.99 -2.25
CA ALA A 76 9.44 0.55 -3.33
C ALA A 76 10.50 1.62 -3.68
N ALA A 77 10.09 2.89 -3.84
CA ALA A 77 10.99 4.04 -4.02
C ALA A 77 11.94 4.26 -2.80
N TRP A 78 11.42 4.13 -1.57
CA TRP A 78 12.13 4.14 -0.28
C TRP A 78 13.18 3.00 -0.16
N VAL A 79 12.77 1.74 -0.36
CA VAL A 79 13.64 0.55 -0.43
C VAL A 79 14.77 0.74 -1.46
N LYS A 80 14.45 1.18 -2.68
CA LYS A 80 15.39 1.57 -3.75
C LYS A 80 16.41 2.64 -3.30
N GLU A 81 15.94 3.73 -2.71
CA GLU A 81 16.73 4.80 -2.04
C GLU A 81 17.59 4.34 -0.83
N ASN A 82 17.38 3.15 -0.28
CA ASN A 82 18.20 2.49 0.76
C ASN A 82 19.17 1.42 0.18
N LEU A 83 18.64 0.38 -0.47
CA LEU A 83 19.34 -0.78 -1.03
C LEU A 83 20.12 -0.45 -2.32
N ASP A 84 19.44 -0.06 -3.39
CA ASP A 84 19.98 0.39 -4.69
C ASP A 84 20.68 1.77 -4.66
N ALA A 85 20.84 2.38 -3.47
CA ALA A 85 21.44 3.69 -3.15
C ALA A 85 22.86 3.92 -3.71
N GLY B 1 -22.44 8.59 -31.79
CA GLY B 1 -22.52 8.07 -33.16
C GLY B 1 -22.09 6.62 -33.12
N ALA B 2 -20.83 6.36 -33.46
CA ALA B 2 -20.12 5.10 -33.34
C ALA B 2 -18.71 5.44 -32.80
N GLU B 3 -18.45 5.11 -31.53
CA GLU B 3 -17.25 5.50 -30.78
C GLU B 3 -16.68 4.33 -29.93
N ASP B 4 -15.44 3.91 -30.21
CA ASP B 4 -14.80 2.73 -29.61
C ASP B 4 -13.85 3.14 -28.46
N ALA B 5 -14.35 3.04 -27.22
CA ALA B 5 -13.69 3.44 -25.97
C ALA B 5 -13.03 2.23 -25.26
N GLN B 6 -11.71 2.10 -25.40
CA GLN B 6 -10.88 1.01 -24.84
C GLN B 6 -9.98 1.46 -23.67
N ASP B 7 -9.87 0.63 -22.64
CA ASP B 7 -9.24 0.88 -21.35
C ASP B 7 -7.81 0.29 -21.25
N ASP B 8 -6.82 1.17 -21.07
CA ASP B 8 -5.42 0.81 -20.77
C ASP B 8 -5.31 0.02 -19.44
N LEU B 9 -4.20 -0.71 -19.20
CA LEU B 9 -4.05 -1.60 -18.04
C LEU B 9 -2.91 -1.21 -17.09
N VAL B 10 -3.29 -0.49 -16.03
CA VAL B 10 -2.50 -0.08 -14.84
C VAL B 10 -2.30 -1.21 -13.81
N PRO B 11 -3.28 -2.12 -13.50
CA PRO B 11 -3.19 -3.10 -12.40
C PRO B 11 -2.22 -4.27 -12.68
N SER B 12 -0.92 -4.01 -12.53
CA SER B 12 0.23 -4.86 -12.88
C SER B 12 0.74 -5.76 -11.74
N ILE B 13 1.01 -7.02 -12.09
CA ILE B 13 1.62 -8.09 -11.25
C ILE B 13 3.16 -7.99 -11.09
N GLN B 14 3.82 -7.05 -11.77
CA GLN B 14 5.24 -6.66 -11.65
C GLN B 14 5.53 -5.94 -10.31
N ASP B 15 6.60 -6.32 -9.58
CA ASP B 15 6.88 -5.81 -8.23
C ASP B 15 7.91 -4.64 -8.28
N ASP B 16 7.39 -3.41 -8.25
CA ASP B 16 8.03 -2.08 -8.10
C ASP B 16 7.01 -0.94 -7.75
N GLY B 17 7.34 0.32 -8.05
CA GLY B 17 6.63 1.57 -7.72
C GLY B 17 5.16 1.75 -8.17
N SER B 18 4.49 0.71 -8.68
CA SER B 18 3.05 0.67 -9.03
C SER B 18 2.15 1.27 -7.93
N GLU B 19 1.33 2.24 -8.34
CA GLU B 19 0.49 3.15 -7.56
C GLU B 19 -1.00 2.75 -7.38
N SER B 20 -1.90 3.22 -8.25
CA SER B 20 -3.37 3.13 -8.18
C SER B 20 -4.04 1.77 -7.88
N GLY B 21 -5.32 1.86 -7.52
CA GLY B 21 -6.29 0.77 -7.26
C GLY B 21 -7.71 1.20 -6.88
N ALA B 22 -7.99 2.49 -6.64
CA ALA B 22 -9.32 3.11 -6.39
C ALA B 22 -10.17 2.46 -5.25
N CYS B 23 -9.48 1.76 -4.34
CA CYS B 23 -9.88 0.88 -3.22
C CYS B 23 -10.44 1.63 -2.00
N LYS B 24 -11.51 1.09 -1.38
CA LYS B 24 -12.37 1.64 -0.28
C LYS B 24 -13.57 0.74 0.12
N ILE B 25 -14.24 1.09 1.23
CA ILE B 25 -15.53 0.55 1.78
C ILE B 25 -16.67 0.39 0.76
N MET A 1 10.86 1.48 14.48
CA MET A 1 9.98 1.66 13.30
C MET A 1 8.63 0.97 13.49
N GLN A 2 7.52 1.72 13.44
CA GLN A 2 6.14 1.17 13.49
C GLN A 2 5.37 1.50 12.20
N THR A 3 4.89 0.51 11.48
CA THR A 3 4.27 0.66 10.13
C THR A 3 2.83 0.17 10.07
N VAL A 4 1.88 1.06 9.76
CA VAL A 4 0.41 0.84 9.80
C VAL A 4 -0.23 0.80 8.41
N ILE A 5 -0.98 -0.26 8.09
CA ILE A 5 -1.56 -0.56 6.76
C ILE A 5 -3.10 -0.56 6.79
N PHE A 6 -3.71 0.31 5.98
CA PHE A 6 -5.16 0.55 5.91
C PHE A 6 -5.84 -0.25 4.78
N GLY A 7 -6.54 -1.34 5.15
CA GLY A 7 -7.35 -2.26 4.34
C GLY A 7 -6.63 -3.16 3.31
N ARG A 8 -6.31 -4.43 3.63
CA ARG A 8 -5.64 -5.39 2.70
C ARG A 8 -6.58 -5.84 1.55
N SER A 9 -7.80 -6.32 1.88
CA SER A 9 -8.80 -6.95 1.00
C SER A 9 -9.39 -6.04 -0.11
N GLY A 10 -9.45 -6.58 -1.33
CA GLY A 10 -10.07 -6.03 -2.54
C GLY A 10 -9.12 -5.51 -3.63
N CYS A 11 -7.82 -5.40 -3.35
CA CYS A 11 -6.79 -4.78 -4.18
C CYS A 11 -5.34 -5.28 -3.97
N PRO A 12 -4.67 -5.84 -5.03
CA PRO A 12 -3.35 -6.48 -4.93
C PRO A 12 -2.22 -5.50 -4.59
N TYR A 13 -2.33 -4.21 -4.96
CA TYR A 13 -1.37 -3.17 -4.54
C TYR A 13 -1.37 -2.95 -3.02
N SER A 14 -2.56 -2.99 -2.38
CA SER A 14 -2.73 -2.98 -0.92
C SER A 14 -2.16 -4.24 -0.26
N VAL A 15 -2.50 -5.43 -0.81
CA VAL A 15 -1.90 -6.73 -0.38
C VAL A 15 -0.38 -6.68 -0.43
N ARG A 16 0.23 -6.28 -1.56
CA ARG A 16 1.69 -6.21 -1.76
C ARG A 16 2.34 -5.20 -0.80
N ALA A 17 1.71 -4.04 -0.60
CA ALA A 17 2.13 -3.05 0.40
C ALA A 17 2.13 -3.61 1.86
N LYS A 18 1.06 -4.32 2.28
CA LYS A 18 0.98 -5.06 3.57
C LYS A 18 2.04 -6.18 3.68
N ASP A 19 2.06 -7.07 2.69
CA ASP A 19 3.00 -8.19 2.49
C ASP A 19 4.47 -7.76 2.55
N LEU A 20 4.81 -6.62 1.92
CA LEU A 20 6.12 -5.95 1.99
C LEU A 20 6.48 -5.48 3.43
N ALA A 21 5.54 -4.85 4.16
CA ALA A 21 5.68 -4.51 5.59
C ALA A 21 5.86 -5.77 6.48
N GLU A 22 5.07 -6.82 6.27
CA GLU A 22 5.22 -8.16 6.90
C GLU A 22 6.63 -8.75 6.65
N LYS A 23 7.09 -8.75 5.39
CA LYS A 23 8.45 -9.11 4.91
C LYS A 23 9.58 -8.37 5.65
N LEU A 24 9.46 -7.04 5.82
CA LEU A 24 10.37 -6.20 6.63
C LEU A 24 10.32 -6.52 8.15
N SER A 25 9.14 -6.70 8.75
CA SER A 25 8.98 -7.17 10.16
C SER A 25 9.58 -8.56 10.41
N ASN A 26 9.50 -9.44 9.41
CA ASN A 26 10.15 -10.77 9.32
C ASN A 26 11.70 -10.62 9.25
N GLU A 27 12.21 -9.69 8.43
CA GLU A 27 13.64 -9.46 8.13
C GLU A 27 14.40 -8.66 9.24
N ARG A 28 13.73 -7.75 9.97
CA ARG A 28 14.35 -6.80 10.93
C ARG A 28 13.86 -6.85 12.38
N ASP A 29 14.68 -6.27 13.25
CA ASP A 29 14.55 -6.01 14.70
C ASP A 29 13.75 -4.74 15.06
N ASP A 30 13.95 -3.67 14.27
CA ASP A 30 13.38 -2.32 14.45
C ASP A 30 11.96 -2.13 13.92
N PHE A 31 11.55 -3.00 13.00
CA PHE A 31 10.31 -2.91 12.23
C PHE A 31 9.17 -3.78 12.81
N GLN A 32 8.16 -3.11 13.34
CA GLN A 32 6.87 -3.64 13.83
C GLN A 32 5.69 -3.14 12.97
N TYR A 33 4.83 -4.06 12.54
CA TYR A 33 3.73 -3.89 11.57
C TYR A 33 2.30 -4.00 12.15
N GLN A 34 1.40 -3.10 11.75
CA GLN A 34 0.01 -3.01 12.25
C GLN A 34 -0.98 -2.97 11.07
N TYR A 35 -2.04 -3.76 11.14
CA TYR A 35 -3.07 -3.90 10.11
C TYR A 35 -4.44 -3.35 10.60
N VAL A 36 -5.01 -2.40 9.86
CA VAL A 36 -6.29 -1.70 10.14
C VAL A 36 -7.29 -1.87 8.99
N ASP A 37 -8.41 -2.57 9.21
CA ASP A 37 -9.44 -2.80 8.17
C ASP A 37 -10.31 -1.56 7.84
N ILE A 38 -10.04 -0.87 6.74
CA ILE A 38 -10.88 0.25 6.23
C ILE A 38 -12.19 -0.25 5.60
N ARG A 39 -12.14 -1.41 4.92
CA ARG A 39 -13.26 -2.18 4.36
C ARG A 39 -14.04 -3.01 5.43
N ALA A 40 -13.72 -2.88 6.72
CA ALA A 40 -14.51 -3.47 7.83
C ALA A 40 -14.76 -2.55 9.07
N GLU A 41 -13.85 -1.65 9.43
CA GLU A 41 -14.02 -0.58 10.46
C GLU A 41 -14.92 0.59 9.97
N GLY A 42 -15.11 0.71 8.64
CA GLY A 42 -16.04 1.63 7.96
C GLY A 42 -15.40 2.93 7.45
N ILE A 43 -14.34 2.81 6.65
CA ILE A 43 -13.45 3.89 6.15
C ILE A 43 -13.29 3.84 4.61
N THR A 44 -12.79 4.94 4.04
CA THR A 44 -12.65 5.25 2.60
C THR A 44 -11.44 6.14 2.29
N LYS A 45 -11.00 6.17 1.01
CA LYS A 45 -9.97 7.11 0.48
C LYS A 45 -10.28 8.59 0.75
N GLU A 46 -11.58 8.94 0.89
CA GLU A 46 -12.11 10.28 1.26
C GLU A 46 -11.76 10.68 2.71
N ASP A 47 -11.66 9.72 3.64
CA ASP A 47 -11.18 9.85 5.03
C ASP A 47 -9.63 9.91 5.07
N LEU A 48 -9.00 8.87 4.49
CA LEU A 48 -7.54 8.64 4.44
C LEU A 48 -6.76 9.84 3.85
N GLN A 49 -7.17 10.40 2.70
CA GLN A 49 -6.60 11.64 2.10
C GLN A 49 -6.60 12.86 3.05
N GLN A 50 -7.67 13.05 3.84
CA GLN A 50 -7.87 14.11 4.83
C GLN A 50 -6.99 13.90 6.08
N LYS A 51 -7.13 12.77 6.79
CA LYS A 51 -6.24 12.36 7.91
C LYS A 51 -4.74 12.42 7.58
N ALA A 52 -4.36 12.01 6.37
CA ALA A 52 -2.99 12.08 5.81
C ALA A 52 -2.45 13.46 5.35
N GLY A 53 -3.29 14.50 5.23
CA GLY A 53 -2.89 15.79 4.63
C GLY A 53 -2.18 15.61 3.26
N LYS A 54 -2.67 14.65 2.46
CA LYS A 54 -2.10 14.14 1.18
C LYS A 54 -3.23 13.85 0.15
N PRO A 55 -3.19 14.38 -1.08
CA PRO A 55 -4.30 14.29 -2.07
C PRO A 55 -4.44 12.93 -2.77
N VAL A 56 -4.59 11.86 -1.98
CA VAL A 56 -4.73 10.47 -2.48
C VAL A 56 -6.07 10.24 -3.18
N GLU A 57 -6.07 9.33 -4.14
CA GLU A 57 -7.29 8.83 -4.83
C GLU A 57 -7.44 7.30 -4.71
N THR A 58 -6.33 6.56 -4.68
CA THR A 58 -6.27 5.09 -4.68
C THR A 58 -5.31 4.51 -3.62
N VAL A 59 -5.22 3.18 -3.61
CA VAL A 59 -4.35 2.34 -2.73
C VAL A 59 -2.97 2.08 -3.34
N PRO A 60 -1.95 1.73 -2.53
CA PRO A 60 -1.97 1.48 -1.08
C PRO A 60 -2.18 2.74 -0.22
N GLN A 61 -2.44 2.53 1.07
CA GLN A 61 -2.60 3.56 2.10
C GLN A 61 -1.91 3.13 3.42
N ILE A 62 -0.58 3.20 3.45
CA ILE A 62 0.33 2.95 4.59
C ILE A 62 0.83 4.22 5.34
N PHE A 63 1.12 4.09 6.63
CA PHE A 63 1.62 5.14 7.52
C PHE A 63 2.81 4.59 8.35
N VAL A 64 4.03 5.05 8.06
CA VAL A 64 5.27 4.69 8.80
C VAL A 64 5.48 5.69 9.94
N ASP A 65 5.57 5.16 11.17
CA ASP A 65 5.59 5.82 12.48
C ASP A 65 4.45 6.84 12.79
N GLN A 66 3.35 6.76 12.01
CA GLN A 66 2.13 7.61 11.93
C GLN A 66 2.17 8.74 10.84
N GLN A 67 3.21 8.79 10.00
CA GLN A 67 3.36 9.67 8.82
C GLN A 67 2.89 8.93 7.55
N HIS A 68 2.07 9.58 6.69
CA HIS A 68 1.60 9.02 5.41
C HIS A 68 2.79 8.70 4.46
N ILE A 69 3.06 7.40 4.29
CA ILE A 69 4.03 6.76 3.38
C ILE A 69 3.24 5.74 2.56
N GLY A 70 2.60 6.20 1.48
CA GLY A 70 1.71 5.48 0.53
C GLY A 70 1.60 3.95 0.65
N GLY A 71 2.72 3.25 0.56
CA GLY A 71 2.87 1.78 0.48
C GLY A 71 3.64 1.36 -0.77
N TYR A 72 3.27 0.31 -1.50
CA TYR A 72 3.90 -0.13 -2.77
C TYR A 72 4.45 1.02 -3.68
N THR A 73 3.81 2.19 -3.75
CA THR A 73 4.30 3.43 -4.40
C THR A 73 5.52 4.07 -3.68
N ASP A 74 5.33 4.49 -2.43
CA ASP A 74 6.24 5.10 -1.44
C ASP A 74 7.31 4.13 -0.86
N PHE A 75 6.85 3.09 -0.16
CA PHE A 75 7.57 1.92 0.39
C PHE A 75 8.58 1.33 -0.59
N ALA A 76 8.20 1.18 -1.86
CA ALA A 76 9.10 0.80 -2.96
C ALA A 76 10.26 1.79 -3.13
N ALA A 77 10.00 3.11 -3.24
CA ALA A 77 11.02 4.16 -3.26
C ALA A 77 11.90 4.16 -1.98
N TRP A 78 11.33 3.96 -0.78
CA TRP A 78 12.01 3.78 0.50
C TRP A 78 12.99 2.59 0.54
N VAL A 79 12.50 1.38 0.18
CA VAL A 79 13.27 0.13 -0.03
C VAL A 79 14.37 0.33 -1.09
N LYS A 80 14.02 0.84 -2.29
CA LYS A 80 14.89 1.20 -3.43
C LYS A 80 16.05 2.12 -3.04
N GLU A 81 15.78 3.24 -2.38
CA GLU A 81 16.77 4.19 -1.81
C GLU A 81 17.79 3.57 -0.82
N ASN A 82 17.52 2.38 -0.28
CA ASN A 82 18.39 1.52 0.55
C ASN A 82 19.05 0.36 -0.25
N LEU A 83 18.25 -0.53 -0.88
CA LEU A 83 18.67 -1.76 -1.59
C LEU A 83 19.24 -1.55 -3.02
N ASP A 84 18.72 -0.60 -3.80
CA ASP A 84 19.17 -0.21 -5.15
C ASP A 84 20.16 1.00 -5.20
N ALA A 85 20.51 1.57 -4.04
CA ALA A 85 21.28 2.80 -3.77
C ALA A 85 22.66 2.90 -4.48
N GLY B 1 -12.75 -5.37 -30.68
CA GLY B 1 -12.84 -6.41 -31.72
C GLY B 1 -12.43 -7.72 -31.09
N ALA B 2 -11.17 -8.10 -31.23
CA ALA B 2 -10.53 -9.23 -30.54
C ALA B 2 -9.14 -8.74 -30.10
N GLU B 3 -8.97 -8.48 -28.80
CA GLU B 3 -7.77 -7.92 -28.18
C GLU B 3 -7.42 -8.63 -26.85
N ASP B 4 -6.19 -9.16 -26.70
CA ASP B 4 -5.69 -9.72 -25.44
C ASP B 4 -4.17 -9.56 -25.26
N ALA B 5 -3.72 -9.24 -24.04
CA ALA B 5 -2.33 -8.98 -23.64
C ALA B 5 -1.98 -9.75 -22.34
N GLN B 6 -1.51 -11.01 -22.46
CA GLN B 6 -1.27 -11.92 -21.32
C GLN B 6 0.22 -12.29 -21.11
N ASP B 7 0.81 -11.82 -20.01
CA ASP B 7 2.14 -12.18 -19.50
C ASP B 7 1.98 -13.04 -18.22
N ASP B 8 1.88 -14.36 -18.43
CA ASP B 8 1.69 -15.42 -17.43
C ASP B 8 2.84 -15.48 -16.41
N LEU B 9 2.56 -15.09 -15.16
CA LEU B 9 3.54 -14.93 -14.07
C LEU B 9 2.99 -15.43 -12.72
N VAL B 10 3.75 -16.28 -12.01
CA VAL B 10 3.32 -16.98 -10.78
C VAL B 10 4.16 -16.57 -9.53
N PRO B 11 5.50 -16.82 -9.43
CA PRO B 11 6.34 -16.27 -8.36
C PRO B 11 6.56 -14.75 -8.60
N SER B 12 5.72 -13.90 -8.00
CA SER B 12 5.68 -12.44 -8.28
C SER B 12 6.59 -11.61 -7.35
N ILE B 13 7.70 -11.13 -7.92
CA ILE B 13 8.69 -10.21 -7.33
C ILE B 13 8.97 -9.06 -8.31
N GLN B 14 8.04 -8.10 -8.34
CA GLN B 14 8.12 -6.82 -9.03
C GLN B 14 7.40 -5.78 -8.14
N ASP B 15 8.17 -5.03 -7.37
CA ASP B 15 7.68 -4.02 -6.44
C ASP B 15 8.65 -2.81 -6.49
N ASP B 16 8.31 -1.78 -7.28
CA ASP B 16 9.20 -0.64 -7.59
C ASP B 16 8.55 0.76 -7.74
N GLY B 17 7.25 0.91 -7.43
CA GLY B 17 6.53 2.20 -7.37
C GLY B 17 5.19 2.27 -8.13
N SER B 18 4.05 2.02 -7.45
CA SER B 18 2.67 2.23 -7.99
C SER B 18 1.55 2.48 -6.94
N GLU B 19 0.53 3.26 -7.33
CA GLU B 19 -0.71 3.58 -6.59
C GLU B 19 -1.96 3.37 -7.48
N SER B 20 -2.69 2.26 -7.30
CA SER B 20 -4.00 1.94 -7.92
C SER B 20 -4.76 0.82 -7.17
N GLY B 21 -6.09 0.84 -7.21
CA GLY B 21 -6.96 -0.24 -6.71
C GLY B 21 -8.39 0.12 -6.25
N ALA B 22 -8.69 1.41 -6.06
CA ALA B 22 -10.01 1.95 -5.68
C ALA B 22 -10.63 1.35 -4.39
N CYS B 23 -9.78 0.95 -3.43
CA CYS B 23 -10.17 0.38 -2.14
C CYS B 23 -10.74 1.46 -1.17
N LYS B 24 -11.78 1.03 -0.45
CA LYS B 24 -12.78 1.64 0.47
C LYS B 24 -13.78 0.52 0.88
N ILE B 25 -14.76 0.77 1.76
CA ILE B 25 -15.87 -0.19 2.08
C ILE B 25 -16.47 -0.85 0.81
N MET A 1 10.02 3.10 14.23
CA MET A 1 9.77 2.47 12.92
C MET A 1 8.49 1.60 12.99
N GLN A 2 7.33 2.28 13.04
CA GLN A 2 5.96 1.74 13.26
C GLN A 2 5.10 1.90 12.00
N THR A 3 4.57 0.81 11.45
CA THR A 3 3.87 0.77 10.16
C THR A 3 2.43 0.28 10.28
N VAL A 4 1.46 1.13 9.92
CA VAL A 4 0.01 0.90 10.01
C VAL A 4 -0.62 0.86 8.62
N ILE A 5 -1.28 -0.27 8.30
CA ILE A 5 -1.82 -0.62 6.98
C ILE A 5 -3.36 -0.53 6.95
N PHE A 6 -3.92 0.29 6.05
CA PHE A 6 -5.36 0.63 5.97
C PHE A 6 -6.13 -0.11 4.85
N GLY A 7 -6.88 -1.16 5.21
CA GLY A 7 -7.80 -1.97 4.39
C GLY A 7 -7.17 -2.98 3.40
N ARG A 8 -6.68 -4.12 3.91
CA ARG A 8 -6.06 -5.25 3.16
C ARG A 8 -7.05 -6.04 2.26
N SER A 9 -8.28 -6.25 2.72
CA SER A 9 -9.32 -7.13 2.13
C SER A 9 -9.86 -6.78 0.73
N GLY A 10 -9.77 -5.51 0.29
CA GLY A 10 -10.39 -5.02 -0.96
C GLY A 10 -9.58 -5.03 -2.26
N CYS A 11 -8.27 -5.31 -2.23
CA CYS A 11 -7.36 -5.18 -3.39
C CYS A 11 -5.94 -5.79 -3.22
N PRO A 12 -5.31 -6.34 -4.29
CA PRO A 12 -4.00 -7.00 -4.23
C PRO A 12 -2.83 -6.08 -3.86
N TYR A 13 -2.81 -4.81 -4.29
CA TYR A 13 -1.77 -3.83 -3.90
C TYR A 13 -1.76 -3.56 -2.40
N SER A 14 -2.95 -3.49 -1.76
CA SER A 14 -3.11 -3.40 -0.30
C SER A 14 -2.60 -4.66 0.41
N VAL A 15 -2.95 -5.87 -0.11
CA VAL A 15 -2.38 -7.15 0.38
C VAL A 15 -0.87 -7.18 0.23
N ARG A 16 -0.31 -6.91 -0.97
CA ARG A 16 1.14 -6.93 -1.26
C ARG A 16 1.89 -5.85 -0.46
N ALA A 17 1.35 -4.64 -0.31
CA ALA A 17 1.87 -3.58 0.57
C ALA A 17 1.91 -4.02 2.06
N LYS A 18 0.85 -4.68 2.58
CA LYS A 18 0.83 -5.32 3.93
C LYS A 18 1.91 -6.40 4.01
N ASP A 19 1.84 -7.38 3.11
CA ASP A 19 2.83 -8.43 2.88
C ASP A 19 4.29 -7.93 2.85
N LEU A 20 4.54 -6.74 2.27
CA LEU A 20 5.79 -5.99 2.28
C LEU A 20 6.20 -5.52 3.69
N ALA A 21 5.28 -4.98 4.49
CA ALA A 21 5.50 -4.65 5.91
C ALA A 21 5.83 -5.94 6.74
N GLU A 22 5.11 -7.06 6.51
CA GLU A 22 5.42 -8.38 7.10
C GLU A 22 6.83 -8.89 6.65
N LYS A 23 7.16 -8.81 5.35
CA LYS A 23 8.47 -9.06 4.66
C LYS A 23 9.62 -8.23 5.28
N LEU A 24 9.39 -6.94 5.56
CA LEU A 24 10.27 -6.01 6.30
C LEU A 24 10.46 -6.39 7.80
N SER A 25 9.39 -6.66 8.56
CA SER A 25 9.44 -7.19 9.96
C SER A 25 10.17 -8.55 10.08
N ASN A 26 10.04 -9.41 9.07
CA ASN A 26 10.77 -10.67 8.87
C ASN A 26 12.29 -10.43 8.67
N GLU A 27 12.64 -9.41 7.88
CA GLU A 27 14.00 -8.98 7.50
C GLU A 27 14.75 -8.10 8.54
N ARG A 28 14.05 -7.34 9.42
CA ARG A 28 14.61 -6.48 10.49
C ARG A 28 13.87 -6.55 11.85
N ASP A 29 14.61 -6.34 12.94
CA ASP A 29 14.09 -6.30 14.34
C ASP A 29 13.40 -4.97 14.73
N ASP A 30 13.87 -3.87 14.15
CA ASP A 30 13.40 -2.47 14.21
C ASP A 30 12.00 -2.19 13.67
N PHE A 31 11.51 -3.07 12.80
CA PHE A 31 10.28 -2.87 12.03
C PHE A 31 9.06 -3.57 12.67
N GLN A 32 8.09 -2.73 13.07
CA GLN A 32 6.89 -3.05 13.85
C GLN A 32 5.61 -2.68 13.07
N TYR A 33 4.76 -3.67 12.79
CA TYR A 33 3.56 -3.66 11.92
C TYR A 33 2.17 -3.76 12.61
N GLN A 34 1.20 -2.96 12.17
CA GLN A 34 -0.22 -2.95 12.60
C GLN A 34 -1.18 -3.00 11.38
N TYR A 35 -2.21 -3.87 11.43
CA TYR A 35 -3.26 -3.98 10.41
C TYR A 35 -4.64 -3.44 10.88
N VAL A 36 -5.17 -2.49 10.10
CA VAL A 36 -6.43 -1.74 10.32
C VAL A 36 -7.30 -1.79 9.06
N ASP A 37 -8.52 -2.34 9.10
CA ASP A 37 -9.48 -2.27 7.96
C ASP A 37 -10.14 -0.90 7.79
N ILE A 38 -10.58 -0.62 6.55
CA ILE A 38 -11.32 0.59 6.15
C ILE A 38 -12.58 0.22 5.37
N ARG A 39 -12.46 -0.61 4.31
CA ARG A 39 -13.58 -1.12 3.47
C ARG A 39 -14.56 -1.99 4.27
N ALA A 40 -14.05 -2.79 5.22
CA ALA A 40 -14.82 -3.58 6.20
C ALA A 40 -15.30 -2.77 7.44
N GLU A 41 -14.53 -1.77 7.86
CA GLU A 41 -14.76 -0.88 9.03
C GLU A 41 -15.69 0.34 8.80
N GLY A 42 -16.08 0.65 7.54
CA GLY A 42 -16.94 1.80 7.16
C GLY A 42 -16.21 3.11 6.79
N ILE A 43 -14.92 3.04 6.44
CA ILE A 43 -13.98 4.15 6.16
C ILE A 43 -13.45 4.07 4.72
N THR A 44 -13.00 5.21 4.19
CA THR A 44 -12.64 5.39 2.77
C THR A 44 -11.42 6.29 2.50
N LYS A 45 -10.92 6.28 1.26
CA LYS A 45 -9.86 7.17 0.73
C LYS A 45 -10.13 8.67 1.02
N GLU A 46 -11.39 9.12 0.96
CA GLU A 46 -11.85 10.49 1.32
C GLU A 46 -11.62 10.86 2.81
N ASP A 47 -11.60 9.88 3.72
CA ASP A 47 -11.25 10.00 5.16
C ASP A 47 -9.73 9.88 5.43
N LEU A 48 -9.04 8.99 4.70
CA LEU A 48 -7.60 8.69 4.77
C LEU A 48 -6.71 9.87 4.29
N GLN A 49 -6.96 10.43 3.10
CA GLN A 49 -6.29 11.62 2.51
C GLN A 49 -6.11 12.81 3.48
N GLN A 50 -7.11 13.07 4.32
CA GLN A 50 -7.19 14.13 5.34
C GLN A 50 -6.13 13.93 6.45
N LYS A 51 -6.24 12.84 7.24
CA LYS A 51 -5.25 12.38 8.26
C LYS A 51 -3.85 12.03 7.69
N ALA A 52 -3.77 11.73 6.39
CA ALA A 52 -2.55 11.55 5.60
C ALA A 52 -1.87 12.86 5.13
N GLY A 53 -2.58 14.00 5.15
CA GLY A 53 -2.19 15.30 4.59
C GLY A 53 -2.22 15.37 3.05
N LYS A 54 -1.81 14.29 2.37
CA LYS A 54 -1.77 14.08 0.91
C LYS A 54 -3.19 13.83 0.35
N PRO A 55 -3.70 14.62 -0.63
CA PRO A 55 -4.96 14.36 -1.33
C PRO A 55 -4.85 13.09 -2.22
N VAL A 56 -4.95 11.91 -1.60
CA VAL A 56 -5.01 10.58 -2.25
C VAL A 56 -6.34 10.36 -3.01
N GLU A 57 -6.35 9.49 -4.02
CA GLU A 57 -7.53 9.06 -4.81
C GLU A 57 -7.66 7.53 -4.97
N THR A 58 -6.58 6.77 -4.74
CA THR A 58 -6.35 5.32 -4.94
C THR A 58 -5.49 4.68 -3.82
N VAL A 59 -5.22 3.38 -3.95
CA VAL A 59 -4.30 2.57 -3.09
C VAL A 59 -2.85 2.46 -3.63
N PRO A 60 -1.87 1.99 -2.82
CA PRO A 60 -1.97 1.65 -1.38
C PRO A 60 -2.17 2.85 -0.44
N GLN A 61 -2.56 2.55 0.81
CA GLN A 61 -2.82 3.45 1.92
C GLN A 61 -2.22 2.92 3.24
N ILE A 62 -0.92 3.14 3.38
CA ILE A 62 -0.05 2.90 4.57
C ILE A 62 0.45 4.19 5.25
N PHE A 63 0.70 4.09 6.56
CA PHE A 63 1.28 5.10 7.45
C PHE A 63 2.51 4.50 8.16
N VAL A 64 3.72 5.00 7.86
CA VAL A 64 5.01 4.62 8.51
C VAL A 64 5.47 5.77 9.42
N ASP A 65 5.77 5.43 10.66
CA ASP A 65 6.08 6.26 11.84
C ASP A 65 4.95 7.28 12.09
N GLN A 66 3.77 6.76 12.44
CA GLN A 66 2.50 7.45 12.76
C GLN A 66 1.92 8.40 11.66
N GLN A 67 2.53 8.51 10.48
CA GLN A 67 2.13 9.38 9.35
C GLN A 67 2.22 8.69 7.97
N HIS A 68 1.51 9.21 6.95
CA HIS A 68 1.35 8.60 5.62
C HIS A 68 2.64 8.39 4.79
N ILE A 69 2.86 7.15 4.36
CA ILE A 69 3.88 6.64 3.42
C ILE A 69 3.12 5.61 2.57
N GLY A 70 2.65 6.03 1.40
CA GLY A 70 1.76 5.33 0.45
C GLY A 70 1.55 3.83 0.65
N GLY A 71 2.62 3.04 0.61
CA GLY A 71 2.64 1.58 0.61
C GLY A 71 3.58 1.07 -0.47
N TYR A 72 3.28 -0.08 -1.06
CA TYR A 72 4.12 -0.84 -2.03
C TYR A 72 4.95 0.11 -2.95
N THR A 73 4.32 1.11 -3.57
CA THR A 73 4.91 2.25 -4.34
C THR A 73 5.98 3.07 -3.59
N ASP A 74 5.60 3.68 -2.45
CA ASP A 74 6.46 4.50 -1.57
C ASP A 74 7.53 3.64 -0.85
N PHE A 75 7.11 2.55 -0.21
CA PHE A 75 7.95 1.50 0.41
C PHE A 75 9.05 0.95 -0.52
N ALA A 76 8.71 0.45 -1.72
CA ALA A 76 9.68 -0.03 -2.72
C ALA A 76 10.72 1.06 -3.08
N ALA A 77 10.29 2.29 -3.39
CA ALA A 77 11.18 3.45 -3.62
C ALA A 77 12.04 3.81 -2.38
N TRP A 78 11.48 3.79 -1.16
CA TRP A 78 12.17 4.02 0.13
C TRP A 78 13.30 3.01 0.41
N VAL A 79 12.99 1.71 0.33
CA VAL A 79 13.95 0.56 0.40
C VAL A 79 15.03 0.69 -0.69
N LYS A 80 14.63 0.90 -1.96
CA LYS A 80 15.51 1.12 -3.13
C LYS A 80 16.50 2.28 -2.94
N GLU A 81 15.99 3.46 -2.61
CA GLU A 81 16.71 4.69 -2.25
C GLU A 81 17.70 4.54 -1.05
N ASN A 82 17.65 3.44 -0.27
CA ASN A 82 18.61 3.05 0.78
C ASN A 82 19.63 1.99 0.27
N LEU A 83 19.16 0.82 -0.19
CA LEU A 83 19.94 -0.37 -0.56
C LEU A 83 20.59 -0.25 -1.96
N ASP A 84 19.76 -0.15 -3.00
CA ASP A 84 20.07 0.05 -4.43
C ASP A 84 20.61 1.47 -4.79
N ALA A 85 20.75 2.36 -3.79
CA ALA A 85 21.08 3.80 -3.85
C ALA A 85 22.38 4.11 -4.62
N GLY B 1 -12.59 17.27 -25.06
CA GLY B 1 -13.76 18.03 -24.57
C GLY B 1 -13.98 17.67 -23.12
N ALA B 2 -15.00 16.85 -22.87
CA ALA B 2 -15.31 16.23 -21.57
C ALA B 2 -15.58 14.73 -21.85
N GLU B 3 -14.63 13.88 -21.44
CA GLU B 3 -14.61 12.42 -21.65
C GLU B 3 -14.13 11.69 -20.37
N ASP B 4 -14.58 10.45 -20.15
CA ASP B 4 -14.17 9.62 -19.00
C ASP B 4 -13.79 8.17 -19.39
N ALA B 5 -12.48 7.92 -19.45
CA ALA B 5 -11.83 6.62 -19.60
C ALA B 5 -10.58 6.62 -18.69
N GLN B 6 -10.79 6.24 -17.43
CA GLN B 6 -9.78 6.05 -16.38
C GLN B 6 -9.97 4.64 -15.82
N ASP B 7 -9.17 3.69 -16.31
CA ASP B 7 -9.29 2.26 -16.01
C ASP B 7 -8.17 1.83 -15.07
N ASP B 8 -8.47 1.98 -13.78
CA ASP B 8 -7.62 1.64 -12.64
C ASP B 8 -7.25 0.15 -12.67
N LEU B 9 -5.97 -0.17 -12.93
CA LEU B 9 -5.47 -1.54 -12.95
C LEU B 9 -5.54 -2.14 -11.52
N VAL B 10 -6.62 -2.90 -11.25
CA VAL B 10 -6.95 -3.56 -9.96
C VAL B 10 -6.34 -4.97 -9.77
N PRO B 11 -6.06 -5.81 -10.80
CA PRO B 11 -5.31 -7.08 -10.65
C PRO B 11 -3.80 -6.76 -10.76
N SER B 12 -2.94 -7.27 -9.86
CA SER B 12 -1.53 -6.81 -9.83
C SER B 12 -0.58 -7.66 -10.71
N ILE B 13 -0.20 -7.02 -11.82
CA ILE B 13 0.80 -7.41 -12.86
C ILE B 13 1.95 -6.39 -13.01
N GLN B 14 1.88 -5.27 -12.28
CA GLN B 14 2.85 -4.18 -12.12
C GLN B 14 3.01 -3.91 -10.61
N ASP B 15 4.22 -4.06 -10.07
CA ASP B 15 4.54 -3.66 -8.68
C ASP B 15 5.87 -2.90 -8.55
N ASP B 16 5.76 -1.57 -8.50
CA ASP B 16 6.79 -0.56 -8.22
C ASP B 16 6.09 0.78 -7.85
N GLY B 17 6.69 1.95 -8.16
CA GLY B 17 6.22 3.31 -7.83
C GLY B 17 4.78 3.72 -8.22
N SER B 18 4.03 2.89 -8.95
CA SER B 18 2.59 3.03 -9.28
C SER B 18 1.64 2.94 -8.06
N GLU B 19 0.75 3.91 -7.87
CA GLU B 19 -0.34 3.92 -6.85
C GLU B 19 -1.73 3.84 -7.54
N SER B 20 -2.17 2.61 -7.82
CA SER B 20 -3.49 2.27 -8.37
C SER B 20 -4.12 1.05 -7.67
N GLY B 21 -5.45 1.02 -7.64
CA GLY B 21 -6.29 -0.11 -7.20
C GLY B 21 -7.75 0.20 -6.83
N ALA B 22 -8.19 1.47 -6.84
CA ALA B 22 -9.59 1.96 -6.65
C ALA B 22 -10.33 1.49 -5.36
N CYS B 23 -9.54 1.01 -4.40
CA CYS B 23 -9.83 0.33 -3.14
C CYS B 23 -10.26 1.28 -2.00
N LYS B 24 -11.53 1.16 -1.58
CA LYS B 24 -12.29 2.02 -0.64
C LYS B 24 -13.76 1.56 -0.48
N ILE B 25 -14.47 2.07 0.55
CA ILE B 25 -15.86 1.73 0.98
C ILE B 25 -16.91 1.57 -0.13
N MET A 1 11.18 1.19 14.77
CA MET A 1 10.36 1.54 13.58
C MET A 1 8.96 0.94 13.68
N GLN A 2 7.92 1.78 13.70
CA GLN A 2 6.49 1.36 13.75
C GLN A 2 5.75 1.69 12.44
N THR A 3 5.13 0.70 11.80
CA THR A 3 4.41 0.77 10.49
C THR A 3 2.95 0.36 10.62
N VAL A 4 2.00 1.22 10.24
CA VAL A 4 0.52 1.00 10.27
C VAL A 4 -0.07 1.00 8.85
N ILE A 5 -0.90 0.00 8.52
CA ILE A 5 -1.40 -0.31 7.16
C ILE A 5 -2.95 -0.22 7.09
N PHE A 6 -3.51 0.43 6.07
CA PHE A 6 -4.96 0.66 5.91
C PHE A 6 -5.58 -0.09 4.69
N GLY A 7 -6.51 -1.03 4.97
CA GLY A 7 -7.40 -1.75 4.04
C GLY A 7 -6.83 -2.77 3.03
N ARG A 8 -6.39 -3.96 3.49
CA ARG A 8 -5.91 -5.10 2.65
C ARG A 8 -6.97 -5.71 1.70
N SER A 9 -8.21 -5.81 2.17
CA SER A 9 -9.38 -6.48 1.57
C SER A 9 -9.96 -5.80 0.31
N GLY A 10 -9.91 -6.50 -0.84
CA GLY A 10 -10.58 -6.14 -2.11
C GLY A 10 -9.72 -5.84 -3.35
N CYS A 11 -8.38 -5.77 -3.24
CA CYS A 11 -7.48 -5.45 -4.37
C CYS A 11 -6.01 -5.94 -4.20
N PRO A 12 -5.31 -6.33 -5.31
CA PRO A 12 -4.00 -6.98 -5.26
C PRO A 12 -2.86 -6.09 -4.76
N TYR A 13 -2.82 -4.82 -5.18
CA TYR A 13 -1.79 -3.84 -4.76
C TYR A 13 -1.79 -3.55 -3.24
N SER A 14 -2.97 -3.51 -2.59
CA SER A 14 -3.12 -3.41 -1.11
C SER A 14 -2.65 -4.67 -0.36
N VAL A 15 -2.91 -5.88 -0.91
CA VAL A 15 -2.34 -7.16 -0.41
C VAL A 15 -0.82 -7.14 -0.48
N ARG A 16 -0.23 -6.85 -1.65
CA ARG A 16 1.24 -6.71 -1.86
C ARG A 16 1.84 -5.66 -0.91
N ALA A 17 1.22 -4.48 -0.72
CA ALA A 17 1.63 -3.45 0.25
C ALA A 17 1.71 -3.94 1.73
N LYS A 18 0.66 -4.61 2.25
CA LYS A 18 0.63 -5.25 3.59
C LYS A 18 1.66 -6.37 3.75
N ASP A 19 1.68 -7.31 2.82
CA ASP A 19 2.65 -8.42 2.74
C ASP A 19 4.14 -7.96 2.64
N LEU A 20 4.44 -6.86 1.94
CA LEU A 20 5.75 -6.17 1.91
C LEU A 20 6.19 -5.63 3.30
N ALA A 21 5.29 -4.99 4.07
CA ALA A 21 5.50 -4.61 5.47
C ALA A 21 5.76 -5.83 6.40
N GLU A 22 4.99 -6.92 6.24
CA GLU A 22 5.22 -8.23 6.89
C GLU A 22 6.60 -8.86 6.55
N LYS A 23 7.01 -8.83 5.27
CA LYS A 23 8.36 -9.17 4.72
C LYS A 23 9.46 -8.37 5.42
N LEU A 24 9.38 -7.02 5.44
CA LEU A 24 10.24 -6.09 6.20
C LEU A 24 10.31 -6.41 7.72
N SER A 25 9.16 -6.64 8.38
CA SER A 25 9.04 -7.05 9.80
C SER A 25 9.66 -8.43 10.12
N ASN A 26 9.48 -9.43 9.25
CA ASN A 26 10.15 -10.73 9.28
C ASN A 26 11.69 -10.61 9.06
N GLU A 27 12.12 -9.75 8.13
CA GLU A 27 13.51 -9.50 7.71
C GLU A 27 14.38 -8.73 8.76
N ARG A 28 13.81 -7.86 9.62
CA ARG A 28 14.58 -6.93 10.52
C ARG A 28 14.13 -6.94 11.99
N ASP A 29 15.01 -6.45 12.86
CA ASP A 29 14.84 -6.32 14.32
C ASP A 29 13.94 -5.14 14.78
N ASP A 30 14.07 -3.99 14.12
CA ASP A 30 13.46 -2.69 14.47
C ASP A 30 12.04 -2.43 13.97
N PHE A 31 11.56 -3.22 13.02
CA PHE A 31 10.32 -3.00 12.25
C PHE A 31 9.07 -3.76 12.79
N GLN A 32 8.22 -3.09 13.59
CA GLN A 32 6.94 -3.62 14.12
C GLN A 32 5.78 -3.15 13.21
N TYR A 33 4.92 -4.09 12.77
CA TYR A 33 3.79 -3.84 11.85
C TYR A 33 2.38 -3.96 12.49
N GLN A 34 1.47 -3.04 12.12
CA GLN A 34 0.05 -2.97 12.49
C GLN A 34 -0.82 -2.88 11.21
N TYR A 35 -1.98 -3.55 11.17
CA TYR A 35 -2.93 -3.60 10.05
C TYR A 35 -4.39 -3.28 10.50
N VAL A 36 -5.02 -2.28 9.83
CA VAL A 36 -6.34 -1.67 10.09
C VAL A 36 -7.28 -1.82 8.86
N ASP A 37 -8.36 -2.57 9.04
CA ASP A 37 -9.47 -2.79 8.09
C ASP A 37 -10.43 -1.59 7.83
N ILE A 38 -10.10 -0.70 6.88
CA ILE A 38 -10.97 0.42 6.42
C ILE A 38 -12.34 -0.05 5.90
N ARG A 39 -12.41 -1.22 5.24
CA ARG A 39 -13.62 -1.95 4.79
C ARG A 39 -14.38 -2.72 5.90
N ALA A 40 -13.95 -2.59 7.17
CA ALA A 40 -14.68 -3.07 8.36
C ALA A 40 -14.89 -1.93 9.41
N GLU A 41 -13.83 -1.17 9.72
CA GLU A 41 -13.82 0.09 10.51
C GLU A 41 -14.67 1.27 9.91
N GLY A 42 -15.07 1.20 8.63
CA GLY A 42 -16.03 2.08 7.93
C GLY A 42 -15.42 3.35 7.31
N ILE A 43 -14.38 3.20 6.48
CA ILE A 43 -13.49 4.26 5.93
C ILE A 43 -13.14 4.05 4.43
N THR A 44 -12.67 5.13 3.78
CA THR A 44 -12.38 5.28 2.33
C THR A 44 -11.31 6.36 2.01
N LYS A 45 -10.81 6.41 0.75
CA LYS A 45 -9.83 7.40 0.21
C LYS A 45 -10.18 8.88 0.43
N GLU A 46 -11.47 9.21 0.49
CA GLU A 46 -12.06 10.54 0.73
C GLU A 46 -11.77 11.03 2.18
N ASP A 47 -11.85 10.13 3.19
CA ASP A 47 -11.44 10.31 4.60
C ASP A 47 -9.90 10.31 4.77
N LEU A 48 -9.22 9.31 4.20
CA LEU A 48 -7.76 9.05 4.35
C LEU A 48 -6.90 10.25 3.90
N GLN A 49 -7.15 10.87 2.72
CA GLN A 49 -6.51 12.14 2.28
C GLN A 49 -6.68 13.33 3.24
N GLN A 50 -7.75 13.38 4.04
CA GLN A 50 -8.05 14.42 5.04
C GLN A 50 -7.28 14.19 6.36
N LYS A 51 -7.45 13.03 7.02
CA LYS A 51 -6.73 12.63 8.27
C LYS A 51 -5.19 12.60 8.14
N ALA A 52 -4.68 12.23 6.96
CA ALA A 52 -3.26 12.20 6.58
C ALA A 52 -2.53 13.56 6.44
N GLY A 53 -3.22 14.62 5.98
CA GLY A 53 -2.61 15.90 5.58
C GLY A 53 -1.70 15.84 4.33
N LYS A 54 -1.81 14.75 3.53
CA LYS A 54 -1.17 14.42 2.24
C LYS A 54 -2.27 14.07 1.20
N PRO A 55 -2.33 14.69 0.01
CA PRO A 55 -3.33 14.36 -1.02
C PRO A 55 -3.09 12.95 -1.59
N VAL A 56 -4.16 12.13 -1.65
CA VAL A 56 -4.19 10.77 -2.26
C VAL A 56 -5.35 10.61 -3.27
N GLU A 57 -5.33 9.54 -4.08
CA GLU A 57 -6.45 9.14 -4.98
C GLU A 57 -6.96 7.71 -4.70
N THR A 58 -6.04 6.74 -4.62
CA THR A 58 -6.24 5.27 -4.55
C THR A 58 -5.35 4.63 -3.47
N VAL A 59 -5.36 3.30 -3.38
CA VAL A 59 -4.41 2.52 -2.52
C VAL A 59 -3.05 2.33 -3.22
N PRO A 60 -1.94 2.05 -2.48
CA PRO A 60 -1.87 1.75 -1.04
C PRO A 60 -2.07 2.96 -0.11
N GLN A 61 -2.19 2.70 1.20
CA GLN A 61 -2.33 3.68 2.29
C GLN A 61 -1.64 3.16 3.58
N ILE A 62 -0.33 3.42 3.69
CA ILE A 62 0.55 3.03 4.82
C ILE A 62 1.13 4.26 5.59
N PHE A 63 1.07 4.23 6.92
CA PHE A 63 1.62 5.22 7.85
C PHE A 63 2.83 4.64 8.61
N VAL A 64 4.05 4.92 8.16
CA VAL A 64 5.32 4.62 8.88
C VAL A 64 5.59 5.74 9.91
N ASP A 65 6.14 5.42 11.09
CA ASP A 65 6.38 6.33 12.23
C ASP A 65 5.17 7.21 12.69
N GLN A 66 3.94 6.86 12.28
CA GLN A 66 2.65 7.58 12.36
C GLN A 66 2.51 8.79 11.38
N GLN A 67 3.40 8.92 10.41
CA GLN A 67 3.41 9.83 9.25
C GLN A 67 2.74 9.15 8.02
N HIS A 68 1.96 9.87 7.23
CA HIS A 68 1.40 9.35 5.96
C HIS A 68 2.45 9.14 4.84
N ILE A 69 2.80 7.88 4.58
CA ILE A 69 3.58 7.38 3.43
C ILE A 69 2.57 6.82 2.38
N GLY A 70 2.99 6.51 1.16
CA GLY A 70 2.15 5.79 0.17
C GLY A 70 1.87 4.33 0.56
N GLY A 71 2.92 3.50 0.51
CA GLY A 71 2.93 2.03 0.61
C GLY A 71 3.71 1.44 -0.56
N TYR A 72 3.25 0.35 -1.19
CA TYR A 72 3.89 -0.36 -2.33
C TYR A 72 4.74 0.51 -3.30
N THR A 73 4.17 1.60 -3.84
CA THR A 73 4.87 2.68 -4.61
C THR A 73 6.11 3.27 -3.90
N ASP A 74 5.87 3.91 -2.75
CA ASP A 74 6.81 4.61 -1.86
C ASP A 74 7.82 3.61 -1.22
N PHE A 75 7.33 2.57 -0.53
CA PHE A 75 8.08 1.47 0.12
C PHE A 75 9.13 0.78 -0.77
N ALA A 76 8.86 0.63 -2.08
CA ALA A 76 9.82 0.17 -3.08
C ALA A 76 10.99 1.17 -3.27
N ALA A 77 10.70 2.46 -3.53
CA ALA A 77 11.68 3.55 -3.61
C ALA A 77 12.47 3.78 -2.29
N TRP A 78 11.80 3.79 -1.13
CA TRP A 78 12.35 3.82 0.24
C TRP A 78 13.40 2.72 0.52
N VAL A 79 13.08 1.46 0.20
CA VAL A 79 14.03 0.31 0.22
C VAL A 79 15.21 0.52 -0.76
N LYS A 80 14.94 0.86 -2.02
CA LYS A 80 15.94 1.18 -3.09
C LYS A 80 16.94 2.29 -2.69
N GLU A 81 16.43 3.44 -2.21
CA GLU A 81 17.14 4.58 -1.57
C GLU A 81 17.99 4.21 -0.32
N ASN A 82 17.82 3.00 0.24
CA ASN A 82 18.66 2.36 1.28
C ASN A 82 19.64 1.26 0.82
N LEU A 83 19.20 0.33 -0.04
CA LEU A 83 19.96 -0.86 -0.50
C LEU A 83 20.73 -0.71 -1.84
N ASP A 84 20.24 0.11 -2.79
CA ASP A 84 20.82 0.43 -4.11
C ASP A 84 21.42 1.88 -4.25
N ALA A 85 21.40 2.67 -3.17
CA ALA A 85 21.89 4.05 -2.98
C ALA A 85 23.43 4.21 -2.99
N GLY B 1 -10.68 -1.57 -30.23
CA GLY B 1 -10.71 -2.14 -31.60
C GLY B 1 -10.88 -3.64 -31.48
N ALA B 2 -9.84 -4.39 -31.77
CA ALA B 2 -9.74 -5.83 -31.50
C ALA B 2 -8.32 -6.10 -30.95
N GLU B 3 -8.24 -6.28 -29.64
CA GLU B 3 -7.01 -6.43 -28.84
C GLU B 3 -7.08 -7.48 -27.69
N ASP B 4 -5.94 -7.91 -27.17
CA ASP B 4 -5.77 -8.92 -26.10
C ASP B 4 -4.65 -8.54 -25.09
N ALA B 5 -5.01 -8.02 -23.91
CA ALA B 5 -4.10 -7.54 -22.84
C ALA B 5 -3.86 -8.61 -21.73
N GLN B 6 -2.81 -9.43 -21.89
CA GLN B 6 -2.32 -10.41 -20.88
C GLN B 6 -0.80 -10.33 -20.61
N ASP B 7 -0.36 -10.52 -19.35
CA ASP B 7 1.05 -10.64 -18.89
C ASP B 7 1.26 -11.93 -18.05
N ASP B 8 1.84 -12.98 -18.65
CA ASP B 8 2.06 -14.27 -17.98
C ASP B 8 3.43 -14.34 -17.25
N LEU B 9 3.40 -14.26 -15.91
CA LEU B 9 4.54 -14.46 -14.99
C LEU B 9 4.12 -15.00 -13.59
N VAL B 10 4.27 -16.32 -13.39
CA VAL B 10 4.14 -17.00 -12.08
C VAL B 10 5.13 -16.39 -11.05
N PRO B 11 6.46 -16.27 -11.32
CA PRO B 11 7.40 -15.49 -10.51
C PRO B 11 7.26 -13.98 -10.87
N SER B 12 6.40 -13.24 -10.14
CA SER B 12 6.13 -11.81 -10.44
C SER B 12 7.12 -10.88 -9.69
N ILE B 13 8.07 -10.32 -10.46
CA ILE B 13 9.15 -9.41 -10.00
C ILE B 13 9.11 -8.10 -10.82
N GLN B 14 8.27 -7.18 -10.35
CA GLN B 14 8.13 -5.76 -10.75
C GLN B 14 7.20 -5.07 -9.75
N ASP B 15 7.78 -4.38 -8.76
CA ASP B 15 7.06 -3.71 -7.66
C ASP B 15 7.66 -2.31 -7.42
N ASP B 16 7.09 -1.26 -8.04
CA ASP B 16 7.64 0.13 -8.02
C ASP B 16 6.64 1.25 -8.43
N GLY B 17 6.72 2.41 -7.76
CA GLY B 17 6.09 3.73 -8.04
C GLY B 17 4.57 3.91 -8.32
N SER B 18 3.75 2.84 -8.35
CA SER B 18 2.28 2.92 -8.64
C SER B 18 1.31 2.98 -7.42
N GLU B 19 0.30 3.87 -7.48
CA GLU B 19 -0.86 4.00 -6.55
C GLU B 19 -2.19 3.67 -7.28
N SER B 20 -2.65 2.41 -7.22
CA SER B 20 -3.98 1.96 -7.68
C SER B 20 -4.58 0.79 -6.87
N GLY B 21 -5.91 0.60 -6.93
CA GLY B 21 -6.63 -0.57 -6.41
C GLY B 21 -8.10 -0.41 -5.98
N ALA B 22 -8.62 0.81 -5.80
CA ALA B 22 -10.04 1.12 -5.47
C ALA B 22 -10.64 0.35 -4.24
N CYS B 23 -9.78 -0.06 -3.30
CA CYS B 23 -10.14 -0.71 -2.02
C CYS B 23 -10.81 0.34 -1.08
N LYS B 24 -12.12 0.17 -0.84
CA LYS B 24 -13.07 1.04 -0.07
C LYS B 24 -14.49 0.46 -0.04
N ILE B 25 -15.17 0.64 1.12
CA ILE B 25 -16.57 0.39 1.50
C ILE B 25 -17.31 -0.78 0.81
N MET A 1 10.75 1.08 14.54
CA MET A 1 9.99 1.47 13.33
C MET A 1 8.62 0.81 13.37
N GLN A 2 7.55 1.61 13.38
CA GLN A 2 6.15 1.15 13.52
C GLN A 2 5.31 1.52 12.28
N THR A 3 4.81 0.53 11.53
CA THR A 3 4.17 0.70 10.21
C THR A 3 2.70 0.27 10.20
N VAL A 4 1.77 1.21 9.95
CA VAL A 4 0.30 1.04 10.03
C VAL A 4 -0.34 1.01 8.64
N ILE A 5 -1.21 0.02 8.38
CA ILE A 5 -1.77 -0.35 7.07
C ILE A 5 -3.32 -0.29 7.07
N PHE A 6 -3.90 0.56 6.22
CA PHE A 6 -5.35 0.82 6.09
C PHE A 6 -6.02 0.05 4.92
N GLY A 7 -6.60 -1.12 5.21
CA GLY A 7 -7.46 -1.95 4.33
C GLY A 7 -6.80 -2.86 3.27
N ARG A 8 -6.26 -4.03 3.67
CA ARG A 8 -5.67 -5.09 2.80
C ARG A 8 -6.69 -5.83 1.91
N SER A 9 -7.82 -6.28 2.49
CA SER A 9 -8.90 -7.02 1.81
C SER A 9 -9.57 -6.19 0.69
N GLY A 10 -9.96 -6.84 -0.41
CA GLY A 10 -10.63 -6.29 -1.60
C GLY A 10 -9.85 -5.42 -2.59
N CYS A 11 -8.59 -5.01 -2.32
CA CYS A 11 -7.69 -4.31 -3.25
C CYS A 11 -6.22 -4.85 -3.29
N PRO A 12 -5.75 -5.44 -4.43
CA PRO A 12 -4.45 -6.15 -4.54
C PRO A 12 -3.19 -5.30 -4.29
N TYR A 13 -3.19 -4.02 -4.67
CA TYR A 13 -2.09 -3.07 -4.38
C TYR A 13 -1.86 -2.91 -2.86
N SER A 14 -2.94 -2.93 -2.07
CA SER A 14 -2.96 -2.99 -0.59
C SER A 14 -2.38 -4.30 -0.01
N VAL A 15 -2.65 -5.46 -0.65
CA VAL A 15 -2.05 -6.78 -0.31
C VAL A 15 -0.52 -6.77 -0.44
N ARG A 16 0.05 -6.36 -1.61
CA ARG A 16 1.52 -6.21 -1.80
C ARG A 16 2.11 -5.26 -0.74
N ALA A 17 1.44 -4.13 -0.45
CA ALA A 17 1.87 -3.15 0.55
C ALA A 17 1.95 -3.71 2.00
N LYS A 18 0.91 -4.41 2.48
CA LYS A 18 0.88 -5.17 3.76
C LYS A 18 1.96 -6.25 3.83
N ASP A 19 1.97 -7.17 2.88
CA ASP A 19 2.93 -8.28 2.76
C ASP A 19 4.42 -7.83 2.65
N LEU A 20 4.73 -6.72 1.99
CA LEU A 20 6.05 -6.05 2.00
C LEU A 20 6.47 -5.55 3.42
N ALA A 21 5.54 -4.95 4.18
CA ALA A 21 5.75 -4.62 5.61
C ALA A 21 5.97 -5.90 6.47
N GLU A 22 5.22 -6.98 6.23
CA GLU A 22 5.42 -8.34 6.81
C GLU A 22 6.80 -8.95 6.47
N LYS A 23 7.25 -8.85 5.20
CA LYS A 23 8.61 -9.20 4.68
C LYS A 23 9.70 -8.51 5.51
N LEU A 24 9.65 -7.18 5.65
CA LEU A 24 10.55 -6.35 6.46
C LEU A 24 10.50 -6.71 7.98
N SER A 25 9.31 -6.91 8.56
CA SER A 25 9.08 -7.38 9.95
C SER A 25 9.70 -8.76 10.25
N ASN A 26 9.49 -9.75 9.37
CA ASN A 26 10.15 -11.07 9.35
C ASN A 26 11.70 -10.93 9.25
N GLU A 27 12.20 -10.02 8.41
CA GLU A 27 13.62 -9.81 8.03
C GLU A 27 14.47 -9.06 9.09
N ARG A 28 13.93 -8.09 9.84
CA ARG A 28 14.64 -7.14 10.75
C ARG A 28 14.20 -7.17 12.24
N ASP A 29 14.92 -6.44 13.10
CA ASP A 29 14.79 -6.33 14.58
C ASP A 29 13.86 -5.20 15.09
N ASP A 30 13.93 -4.01 14.47
CA ASP A 30 13.20 -2.76 14.79
C ASP A 30 11.81 -2.59 14.15
N PHE A 31 11.49 -3.45 13.19
CA PHE A 31 10.32 -3.33 12.30
C PHE A 31 9.07 -4.12 12.76
N GLN A 32 8.06 -3.37 13.21
CA GLN A 32 6.75 -3.81 13.74
C GLN A 32 5.57 -3.18 12.95
N TYR A 33 4.59 -4.02 12.61
CA TYR A 33 3.42 -3.77 11.74
C TYR A 33 2.06 -3.77 12.48
N GLN A 34 1.16 -2.85 12.08
CA GLN A 34 -0.25 -2.75 12.53
C GLN A 34 -1.17 -2.73 11.28
N TYR A 35 -2.22 -3.55 11.27
CA TYR A 35 -3.18 -3.70 10.17
C TYR A 35 -4.65 -3.44 10.62
N VAL A 36 -5.33 -2.53 9.91
CA VAL A 36 -6.70 -2.01 10.17
C VAL A 36 -7.56 -2.06 8.89
N ASP A 37 -8.59 -2.91 8.86
CA ASP A 37 -9.62 -3.00 7.78
C ASP A 37 -10.57 -1.80 7.65
N ILE A 38 -10.31 -0.89 6.69
CA ILE A 38 -11.20 0.26 6.37
C ILE A 38 -12.62 -0.18 5.94
N ARG A 39 -12.73 -1.28 5.18
CA ARG A 39 -13.98 -1.98 4.79
C ARG A 39 -14.72 -2.73 5.94
N ALA A 40 -14.10 -2.89 7.12
CA ALA A 40 -14.73 -3.54 8.31
C ALA A 40 -14.89 -2.57 9.52
N GLU A 41 -13.85 -1.79 9.83
CA GLU A 41 -13.85 -0.68 10.80
C GLU A 41 -14.83 0.47 10.42
N GLY A 42 -15.00 0.76 9.13
CA GLY A 42 -16.00 1.68 8.52
C GLY A 42 -15.44 3.01 7.98
N ILE A 43 -14.33 2.97 7.22
CA ILE A 43 -13.55 4.07 6.65
C ILE A 43 -13.40 3.93 5.12
N THR A 44 -13.10 5.03 4.42
CA THR A 44 -13.10 5.15 2.94
C THR A 44 -12.06 6.14 2.38
N LYS A 45 -11.76 6.06 1.07
CA LYS A 45 -10.82 6.92 0.33
C LYS A 45 -11.11 8.45 0.35
N GLU A 46 -12.34 8.86 0.69
CA GLU A 46 -12.81 10.24 0.96
C GLU A 46 -12.28 10.78 2.32
N ASP A 47 -12.08 9.90 3.31
CA ASP A 47 -11.52 10.13 4.65
C ASP A 47 -9.98 10.05 4.68
N LEU A 48 -9.39 9.00 4.09
CA LEU A 48 -7.95 8.70 4.11
C LEU A 48 -7.07 9.87 3.59
N GLN A 49 -7.52 10.59 2.53
CA GLN A 49 -6.93 11.85 2.02
C GLN A 49 -6.96 13.06 3.01
N GLN A 50 -7.70 12.97 4.11
CA GLN A 50 -7.78 13.92 5.25
C GLN A 50 -6.94 13.40 6.45
N LYS A 51 -7.13 12.13 6.87
CA LYS A 51 -6.31 11.38 7.86
C LYS A 51 -4.79 11.43 7.58
N ALA A 52 -4.39 11.25 6.33
CA ALA A 52 -3.03 11.38 5.80
C ALA A 52 -2.49 12.82 5.64
N GLY A 53 -3.34 13.86 5.75
CA GLY A 53 -3.04 15.26 5.39
C GLY A 53 -2.32 15.33 4.02
N LYS A 54 -2.87 14.62 3.03
CA LYS A 54 -2.26 14.33 1.72
C LYS A 54 -3.28 14.18 0.57
N PRO A 55 -3.09 14.83 -0.60
CA PRO A 55 -3.93 14.62 -1.80
C PRO A 55 -3.68 13.21 -2.40
N VAL A 56 -4.50 12.25 -1.96
CA VAL A 56 -4.61 10.87 -2.47
C VAL A 56 -5.98 10.63 -3.10
N GLU A 57 -6.10 9.61 -3.96
CA GLU A 57 -7.39 9.09 -4.49
C GLU A 57 -7.49 7.56 -4.42
N THR A 58 -6.36 6.85 -4.44
CA THR A 58 -6.20 5.37 -4.53
C THR A 58 -5.40 4.78 -3.37
N VAL A 59 -5.26 3.46 -3.38
CA VAL A 59 -4.37 2.64 -2.49
C VAL A 59 -2.99 2.38 -3.15
N PRO A 60 -1.94 2.01 -2.37
CA PRO A 60 -1.97 1.75 -0.92
C PRO A 60 -2.08 3.03 -0.03
N GLN A 61 -2.39 2.82 1.26
CA GLN A 61 -2.58 3.82 2.31
C GLN A 61 -1.92 3.34 3.64
N ILE A 62 -0.60 3.53 3.73
CA ILE A 62 0.28 3.18 4.87
C ILE A 62 0.89 4.42 5.57
N PHE A 63 1.20 4.26 6.86
CA PHE A 63 1.70 5.28 7.80
C PHE A 63 2.90 4.69 8.60
N VAL A 64 4.13 5.09 8.27
CA VAL A 64 5.38 4.71 8.98
C VAL A 64 5.66 5.71 10.11
N ASP A 65 5.82 5.21 11.34
CA ASP A 65 5.91 5.94 12.61
C ASP A 65 4.91 7.13 12.70
N GLN A 66 3.65 6.86 12.29
CA GLN A 66 2.47 7.74 12.20
C GLN A 66 2.45 8.82 11.06
N GLN A 67 3.46 8.84 10.19
CA GLN A 67 3.59 9.67 8.96
C GLN A 67 3.15 8.88 7.71
N HIS A 68 2.32 9.47 6.84
CA HIS A 68 1.90 8.86 5.55
C HIS A 68 3.09 8.55 4.60
N ILE A 69 3.42 7.26 4.46
CA ILE A 69 4.35 6.67 3.49
C ILE A 69 3.53 5.63 2.71
N GLY A 70 2.91 6.09 1.62
CA GLY A 70 1.90 5.41 0.77
C GLY A 70 1.73 3.89 0.92
N GLY A 71 2.81 3.13 0.76
CA GLY A 71 2.91 1.67 0.77
C GLY A 71 3.70 1.15 -0.42
N TYR A 72 3.32 0.00 -1.00
CA TYR A 72 3.95 -0.72 -2.13
C TYR A 72 4.68 0.17 -3.18
N THR A 73 4.09 1.31 -3.60
CA THR A 73 4.71 2.38 -4.43
C THR A 73 5.88 3.14 -3.75
N ASP A 74 5.61 3.85 -2.65
CA ASP A 74 6.55 4.60 -1.78
C ASP A 74 7.64 3.72 -1.11
N PHE A 75 7.19 2.69 -0.41
CA PHE A 75 7.95 1.66 0.32
C PHE A 75 9.05 0.98 -0.54
N ALA A 76 8.75 0.69 -1.81
CA ALA A 76 9.72 0.22 -2.81
C ALA A 76 10.79 1.28 -3.18
N ALA A 77 10.39 2.53 -3.48
CA ALA A 77 11.29 3.67 -3.74
C ALA A 77 12.22 3.97 -2.54
N TRP A 78 11.70 3.97 -1.30
CA TRP A 78 12.46 4.12 -0.02
C TRP A 78 13.56 3.06 0.16
N VAL A 79 13.22 1.75 0.05
CA VAL A 79 14.19 0.63 0.11
C VAL A 79 15.23 0.69 -1.02
N LYS A 80 14.82 0.93 -2.28
CA LYS A 80 15.72 1.13 -3.45
C LYS A 80 16.70 2.32 -3.26
N GLU A 81 16.20 3.51 -2.91
CA GLU A 81 17.00 4.70 -2.52
C GLU A 81 17.89 4.52 -1.25
N ASN A 82 17.73 3.44 -0.44
CA ASN A 82 18.63 3.07 0.66
C ASN A 82 19.65 1.98 0.24
N LEU A 83 19.20 0.86 -0.33
CA LEU A 83 20.00 -0.34 -0.66
C LEU A 83 20.72 -0.33 -2.02
N ASP A 84 20.19 0.35 -3.06
CA ASP A 84 20.79 0.55 -4.39
C ASP A 84 21.43 1.96 -4.59
N ALA A 85 21.50 2.79 -3.53
CA ALA A 85 22.16 4.10 -3.48
C ALA A 85 23.67 4.05 -3.89
N GLY B 1 -13.96 -7.74 -30.32
CA GLY B 1 -13.13 -7.67 -31.54
C GLY B 1 -11.86 -8.46 -31.31
N ALA B 2 -10.72 -8.03 -31.85
CA ALA B 2 -9.41 -8.57 -31.46
C ALA B 2 -8.36 -7.44 -31.40
N GLU B 3 -8.05 -6.99 -30.19
CA GLU B 3 -6.98 -6.08 -29.73
C GLU B 3 -6.48 -6.66 -28.39
N ASP B 4 -5.23 -7.11 -28.25
CA ASP B 4 -4.82 -7.86 -27.05
C ASP B 4 -3.34 -7.82 -26.61
N ALA B 5 -3.17 -7.83 -25.28
CA ALA B 5 -1.95 -7.93 -24.50
C ALA B 5 -2.17 -8.89 -23.29
N GLN B 6 -1.81 -10.18 -23.44
CA GLN B 6 -1.99 -11.27 -22.45
C GLN B 6 -0.63 -11.61 -21.79
N ASP B 7 -0.43 -11.12 -20.57
CA ASP B 7 0.83 -11.08 -19.83
C ASP B 7 0.97 -12.19 -18.75
N ASP B 8 1.43 -13.39 -19.16
CA ASP B 8 1.80 -14.52 -18.27
C ASP B 8 3.14 -14.27 -17.53
N LEU B 9 3.11 -14.28 -16.19
CA LEU B 9 4.28 -14.26 -15.28
C LEU B 9 4.05 -15.03 -13.96
N VAL B 10 4.49 -16.30 -13.89
CA VAL B 10 4.52 -17.14 -12.64
C VAL B 10 5.31 -16.44 -11.50
N PRO B 11 6.54 -15.90 -11.73
CA PRO B 11 7.24 -15.04 -10.78
C PRO B 11 6.75 -13.58 -10.97
N SER B 12 5.65 -13.18 -10.30
CA SER B 12 5.00 -11.88 -10.55
C SER B 12 5.63 -10.80 -9.66
N ILE B 13 6.47 -10.00 -10.32
CA ILE B 13 7.40 -9.02 -9.72
C ILE B 13 7.50 -7.70 -10.49
N GLN B 14 7.15 -6.64 -9.78
CA GLN B 14 7.34 -5.21 -10.03
C GLN B 14 7.01 -4.53 -8.69
N ASP B 15 8.05 -4.23 -7.88
CA ASP B 15 7.93 -3.46 -6.63
C ASP B 15 9.02 -2.37 -6.75
N ASP B 16 8.62 -1.20 -7.24
CA ASP B 16 9.54 -0.11 -7.65
C ASP B 16 8.89 1.30 -7.77
N GLY B 17 7.57 1.44 -7.53
CA GLY B 17 6.76 2.65 -7.77
C GLY B 17 5.56 2.37 -8.68
N SER B 18 4.40 2.07 -8.09
CA SER B 18 3.15 1.56 -8.75
C SER B 18 1.92 1.71 -7.81
N GLU B 19 0.94 2.59 -8.13
CA GLU B 19 -0.23 2.98 -7.30
C GLU B 19 -1.61 2.80 -8.00
N SER B 20 -2.59 2.13 -7.36
CA SER B 20 -4.02 2.00 -7.75
C SER B 20 -4.91 1.16 -6.80
N GLY B 21 -6.24 1.22 -6.96
CA GLY B 21 -7.24 0.32 -6.33
C GLY B 21 -8.56 0.90 -5.77
N ALA B 22 -8.68 2.23 -5.61
CA ALA B 22 -9.94 2.96 -5.29
C ALA B 22 -10.74 2.37 -4.08
N CYS B 23 -10.05 1.84 -3.06
CA CYS B 23 -10.58 1.03 -1.95
C CYS B 23 -11.46 1.80 -0.93
N LYS B 24 -12.51 1.12 -0.41
CA LYS B 24 -13.64 1.59 0.45
C LYS B 24 -14.61 0.43 0.80
N ILE B 25 -15.58 0.70 1.68
CA ILE B 25 -16.74 -0.16 2.07
C ILE B 25 -17.42 -0.89 0.89
N MET A 1 10.75 1.08 14.54
CA MET A 1 9.99 1.47 13.33
C MET A 1 8.62 0.81 13.37
N GLN A 2 7.55 1.61 13.38
CA GLN A 2 6.15 1.15 13.52
C GLN A 2 5.31 1.52 12.28
N THR A 3 4.81 0.53 11.53
CA THR A 3 4.17 0.70 10.21
C THR A 3 2.70 0.27 10.20
N VAL A 4 1.77 1.21 9.95
CA VAL A 4 0.30 1.04 10.03
C VAL A 4 -0.34 1.01 8.64
N ILE A 5 -1.21 0.02 8.38
CA ILE A 5 -1.77 -0.35 7.07
C ILE A 5 -3.32 -0.29 7.07
N PHE A 6 -3.90 0.56 6.22
CA PHE A 6 -5.35 0.82 6.09
C PHE A 6 -6.02 0.05 4.92
N GLY A 7 -6.60 -1.12 5.21
CA GLY A 7 -7.46 -1.95 4.33
C GLY A 7 -6.80 -2.86 3.27
N ARG A 8 -6.26 -4.03 3.67
CA ARG A 8 -5.67 -5.09 2.80
C ARG A 8 -6.69 -5.83 1.91
N SER A 9 -7.82 -6.28 2.49
CA SER A 9 -8.90 -7.02 1.81
C SER A 9 -9.57 -6.19 0.69
N GLY A 10 -9.96 -6.84 -0.41
CA GLY A 10 -10.63 -6.29 -1.60
C GLY A 10 -9.85 -5.42 -2.59
N CYS A 11 -8.59 -5.01 -2.32
CA CYS A 11 -7.69 -4.31 -3.25
C CYS A 11 -6.22 -4.85 -3.29
N PRO A 12 -5.75 -5.44 -4.43
CA PRO A 12 -4.45 -6.15 -4.54
C PRO A 12 -3.19 -5.30 -4.29
N TYR A 13 -3.19 -4.02 -4.67
CA TYR A 13 -2.09 -3.07 -4.38
C TYR A 13 -1.86 -2.91 -2.86
N SER A 14 -2.94 -2.93 -2.07
CA SER A 14 -2.96 -2.99 -0.59
C SER A 14 -2.38 -4.30 -0.01
N VAL A 15 -2.65 -5.46 -0.65
CA VAL A 15 -2.05 -6.78 -0.31
C VAL A 15 -0.52 -6.77 -0.44
N ARG A 16 0.05 -6.36 -1.61
CA ARG A 16 1.52 -6.21 -1.80
C ARG A 16 2.11 -5.26 -0.74
N ALA A 17 1.44 -4.13 -0.45
CA ALA A 17 1.87 -3.15 0.55
C ALA A 17 1.95 -3.71 2.00
N LYS A 18 0.91 -4.41 2.48
CA LYS A 18 0.88 -5.17 3.76
C LYS A 18 1.96 -6.25 3.83
N ASP A 19 1.97 -7.17 2.88
CA ASP A 19 2.93 -8.28 2.76
C ASP A 19 4.42 -7.83 2.65
N LEU A 20 4.73 -6.72 1.99
CA LEU A 20 6.05 -6.05 2.00
C LEU A 20 6.47 -5.55 3.42
N ALA A 21 5.54 -4.95 4.18
CA ALA A 21 5.75 -4.62 5.61
C ALA A 21 5.97 -5.90 6.47
N GLU A 22 5.22 -6.98 6.23
CA GLU A 22 5.42 -8.34 6.81
C GLU A 22 6.80 -8.95 6.47
N LYS A 23 7.25 -8.85 5.20
CA LYS A 23 8.61 -9.20 4.68
C LYS A 23 9.70 -8.51 5.51
N LEU A 24 9.65 -7.18 5.65
CA LEU A 24 10.55 -6.35 6.46
C LEU A 24 10.50 -6.71 7.98
N SER A 25 9.31 -6.91 8.56
CA SER A 25 9.08 -7.38 9.95
C SER A 25 9.70 -8.76 10.25
N ASN A 26 9.49 -9.75 9.37
CA ASN A 26 10.15 -11.07 9.35
C ASN A 26 11.70 -10.93 9.25
N GLU A 27 12.20 -10.02 8.41
CA GLU A 27 13.62 -9.81 8.03
C GLU A 27 14.47 -9.06 9.09
N ARG A 28 13.93 -8.09 9.84
CA ARG A 28 14.64 -7.14 10.75
C ARG A 28 14.20 -7.17 12.24
N ASP A 29 14.92 -6.44 13.10
CA ASP A 29 14.79 -6.33 14.58
C ASP A 29 13.86 -5.20 15.09
N ASP A 30 13.93 -4.01 14.47
CA ASP A 30 13.20 -2.76 14.79
C ASP A 30 11.81 -2.59 14.15
N PHE A 31 11.49 -3.45 13.19
CA PHE A 31 10.32 -3.33 12.30
C PHE A 31 9.07 -4.12 12.76
N GLN A 32 8.06 -3.37 13.21
CA GLN A 32 6.75 -3.81 13.74
C GLN A 32 5.57 -3.18 12.95
N TYR A 33 4.59 -4.02 12.61
CA TYR A 33 3.42 -3.77 11.74
C TYR A 33 2.06 -3.77 12.48
N GLN A 34 1.16 -2.85 12.08
CA GLN A 34 -0.25 -2.75 12.53
C GLN A 34 -1.17 -2.73 11.28
N TYR A 35 -2.22 -3.55 11.27
CA TYR A 35 -3.18 -3.70 10.17
C TYR A 35 -4.65 -3.44 10.62
N VAL A 36 -5.33 -2.53 9.91
CA VAL A 36 -6.70 -2.01 10.17
C VAL A 36 -7.56 -2.06 8.89
N ASP A 37 -8.59 -2.91 8.86
CA ASP A 37 -9.62 -3.00 7.78
C ASP A 37 -10.57 -1.80 7.65
N ILE A 38 -10.31 -0.89 6.69
CA ILE A 38 -11.20 0.26 6.37
C ILE A 38 -12.62 -0.18 5.94
N ARG A 39 -12.73 -1.28 5.18
CA ARG A 39 -13.98 -1.98 4.79
C ARG A 39 -14.72 -2.73 5.94
N ALA A 40 -14.10 -2.89 7.12
CA ALA A 40 -14.73 -3.54 8.31
C ALA A 40 -14.89 -2.57 9.52
N GLU A 41 -13.85 -1.79 9.83
CA GLU A 41 -13.85 -0.68 10.80
C GLU A 41 -14.83 0.47 10.42
N GLY A 42 -15.00 0.76 9.13
CA GLY A 42 -16.00 1.68 8.52
C GLY A 42 -15.44 3.01 7.98
N ILE A 43 -14.33 2.97 7.22
CA ILE A 43 -13.55 4.07 6.65
C ILE A 43 -13.40 3.93 5.12
N THR A 44 -13.10 5.03 4.42
CA THR A 44 -13.10 5.15 2.94
C THR A 44 -12.06 6.14 2.38
N LYS A 45 -11.76 6.06 1.07
CA LYS A 45 -10.82 6.92 0.33
C LYS A 45 -11.11 8.45 0.35
N GLU A 46 -12.34 8.86 0.69
CA GLU A 46 -12.81 10.24 0.96
C GLU A 46 -12.28 10.78 2.32
N ASP A 47 -12.08 9.90 3.31
CA ASP A 47 -11.52 10.13 4.65
C ASP A 47 -9.98 10.05 4.68
N LEU A 48 -9.39 9.00 4.09
CA LEU A 48 -7.95 8.70 4.11
C LEU A 48 -7.07 9.87 3.59
N GLN A 49 -7.52 10.59 2.53
CA GLN A 49 -6.93 11.85 2.02
C GLN A 49 -6.96 13.06 3.01
N GLN A 50 -7.70 12.97 4.11
CA GLN A 50 -7.78 13.92 5.25
C GLN A 50 -6.94 13.40 6.45
N LYS A 51 -7.13 12.13 6.87
CA LYS A 51 -6.31 11.38 7.86
C LYS A 51 -4.79 11.43 7.58
N ALA A 52 -4.39 11.25 6.33
CA ALA A 52 -3.03 11.38 5.80
C ALA A 52 -2.49 12.82 5.64
N GLY A 53 -3.34 13.86 5.75
CA GLY A 53 -3.04 15.26 5.39
C GLY A 53 -2.32 15.33 4.02
N LYS A 54 -2.87 14.62 3.03
CA LYS A 54 -2.26 14.33 1.72
C LYS A 54 -3.28 14.18 0.57
N PRO A 55 -3.09 14.83 -0.60
CA PRO A 55 -3.93 14.62 -1.80
C PRO A 55 -3.68 13.21 -2.40
N VAL A 56 -4.50 12.25 -1.96
CA VAL A 56 -4.61 10.87 -2.47
C VAL A 56 -5.98 10.63 -3.10
N GLU A 57 -6.10 9.61 -3.96
CA GLU A 57 -7.39 9.09 -4.49
C GLU A 57 -7.49 7.56 -4.42
N THR A 58 -6.36 6.85 -4.44
CA THR A 58 -6.20 5.37 -4.53
C THR A 58 -5.40 4.78 -3.37
N VAL A 59 -5.26 3.46 -3.38
CA VAL A 59 -4.37 2.64 -2.49
C VAL A 59 -2.99 2.38 -3.15
N PRO A 60 -1.94 2.01 -2.37
CA PRO A 60 -1.97 1.75 -0.92
C PRO A 60 -2.08 3.03 -0.03
N GLN A 61 -2.39 2.82 1.26
CA GLN A 61 -2.58 3.82 2.31
C GLN A 61 -1.92 3.34 3.64
N ILE A 62 -0.60 3.53 3.73
CA ILE A 62 0.28 3.18 4.87
C ILE A 62 0.89 4.42 5.57
N PHE A 63 1.20 4.26 6.86
CA PHE A 63 1.70 5.28 7.80
C PHE A 63 2.90 4.69 8.60
N VAL A 64 4.13 5.09 8.27
CA VAL A 64 5.38 4.71 8.98
C VAL A 64 5.66 5.71 10.11
N ASP A 65 5.82 5.21 11.34
CA ASP A 65 5.91 5.94 12.61
C ASP A 65 4.91 7.13 12.70
N GLN A 66 3.65 6.86 12.29
CA GLN A 66 2.47 7.74 12.20
C GLN A 66 2.45 8.82 11.06
N GLN A 67 3.46 8.84 10.19
CA GLN A 67 3.59 9.67 8.96
C GLN A 67 3.15 8.88 7.71
N HIS A 68 2.32 9.47 6.84
CA HIS A 68 1.90 8.86 5.55
C HIS A 68 3.09 8.55 4.60
N ILE A 69 3.42 7.26 4.46
CA ILE A 69 4.35 6.67 3.49
C ILE A 69 3.53 5.63 2.71
N GLY A 70 2.91 6.09 1.62
CA GLY A 70 1.90 5.41 0.77
C GLY A 70 1.73 3.89 0.92
N GLY A 71 2.81 3.13 0.76
CA GLY A 71 2.91 1.67 0.77
C GLY A 71 3.70 1.15 -0.42
N TYR A 72 3.32 0.00 -1.00
CA TYR A 72 3.95 -0.72 -2.13
C TYR A 72 4.68 0.17 -3.18
N THR A 73 4.09 1.31 -3.60
CA THR A 73 4.71 2.38 -4.43
C THR A 73 5.88 3.14 -3.75
N ASP A 74 5.61 3.85 -2.65
CA ASP A 74 6.55 4.60 -1.78
C ASP A 74 7.64 3.72 -1.11
N PHE A 75 7.19 2.69 -0.41
CA PHE A 75 7.95 1.66 0.32
C PHE A 75 9.05 0.98 -0.54
N ALA A 76 8.75 0.69 -1.81
CA ALA A 76 9.72 0.22 -2.81
C ALA A 76 10.79 1.28 -3.18
N ALA A 77 10.39 2.53 -3.48
CA ALA A 77 11.29 3.67 -3.74
C ALA A 77 12.22 3.97 -2.54
N TRP A 78 11.70 3.97 -1.30
CA TRP A 78 12.46 4.12 -0.02
C TRP A 78 13.56 3.06 0.16
N VAL A 79 13.22 1.75 0.05
CA VAL A 79 14.19 0.63 0.11
C VAL A 79 15.23 0.69 -1.02
N LYS A 80 14.82 0.93 -2.28
CA LYS A 80 15.72 1.13 -3.45
C LYS A 80 16.70 2.32 -3.26
N GLU A 81 16.20 3.51 -2.91
CA GLU A 81 17.00 4.70 -2.52
C GLU A 81 17.89 4.52 -1.25
N ASN A 82 17.73 3.44 -0.44
CA ASN A 82 18.63 3.07 0.66
C ASN A 82 19.65 1.98 0.24
N LEU A 83 19.20 0.86 -0.33
CA LEU A 83 20.00 -0.34 -0.66
C LEU A 83 20.72 -0.33 -2.02
N ASP A 84 20.19 0.35 -3.06
CA ASP A 84 20.79 0.55 -4.39
C ASP A 84 21.43 1.96 -4.59
N ALA A 85 21.50 2.79 -3.53
CA ALA A 85 22.16 4.10 -3.48
C ALA A 85 23.67 4.05 -3.89
N GLY B 1 -13.96 -7.74 -30.32
CA GLY B 1 -13.13 -7.67 -31.54
C GLY B 1 -11.86 -8.46 -31.31
N ALA B 2 -10.72 -8.03 -31.85
CA ALA B 2 -9.41 -8.57 -31.46
C ALA B 2 -8.36 -7.44 -31.40
N GLU B 3 -8.05 -6.99 -30.19
CA GLU B 3 -6.98 -6.08 -29.73
C GLU B 3 -6.48 -6.66 -28.39
N ASP B 4 -5.23 -7.11 -28.25
CA ASP B 4 -4.82 -7.86 -27.05
C ASP B 4 -3.34 -7.82 -26.61
N ALA B 5 -3.17 -7.83 -25.28
CA ALA B 5 -1.95 -7.93 -24.50
C ALA B 5 -2.17 -8.89 -23.29
N GLN B 6 -1.81 -10.18 -23.44
CA GLN B 6 -1.99 -11.27 -22.45
C GLN B 6 -0.63 -11.61 -21.79
N ASP B 7 -0.43 -11.12 -20.57
CA ASP B 7 0.83 -11.08 -19.83
C ASP B 7 0.97 -12.19 -18.75
N ASP B 8 1.43 -13.39 -19.16
CA ASP B 8 1.80 -14.52 -18.27
C ASP B 8 3.14 -14.27 -17.53
N LEU B 9 3.11 -14.28 -16.19
CA LEU B 9 4.28 -14.26 -15.28
C LEU B 9 4.05 -15.03 -13.96
N VAL B 10 4.49 -16.30 -13.89
CA VAL B 10 4.52 -17.14 -12.64
C VAL B 10 5.31 -16.44 -11.50
N PRO B 11 6.54 -15.90 -11.73
CA PRO B 11 7.24 -15.04 -10.78
C PRO B 11 6.75 -13.58 -10.97
N SER B 12 5.65 -13.18 -10.30
CA SER B 12 5.00 -11.88 -10.55
C SER B 12 5.63 -10.80 -9.66
N ILE B 13 6.47 -10.00 -10.32
CA ILE B 13 7.40 -9.02 -9.72
C ILE B 13 7.50 -7.70 -10.49
N GLN B 14 7.15 -6.64 -9.78
CA GLN B 14 7.34 -5.21 -10.03
C GLN B 14 7.01 -4.53 -8.69
N ASP B 15 8.05 -4.23 -7.88
CA ASP B 15 7.93 -3.46 -6.63
C ASP B 15 9.02 -2.37 -6.75
N ASP B 16 8.62 -1.20 -7.24
CA ASP B 16 9.54 -0.11 -7.65
C ASP B 16 8.89 1.30 -7.77
N GLY B 17 7.57 1.44 -7.53
CA GLY B 17 6.76 2.65 -7.77
C GLY B 17 5.56 2.37 -8.68
N SER B 18 4.40 2.07 -8.09
CA SER B 18 3.15 1.56 -8.75
C SER B 18 1.92 1.71 -7.81
N GLU B 19 0.94 2.59 -8.13
CA GLU B 19 -0.23 2.98 -7.30
C GLU B 19 -1.61 2.80 -8.00
N SER B 20 -2.59 2.13 -7.36
CA SER B 20 -4.02 2.00 -7.75
C SER B 20 -4.91 1.16 -6.80
N GLY B 21 -6.24 1.22 -6.96
CA GLY B 21 -7.24 0.32 -6.33
C GLY B 21 -8.56 0.90 -5.77
N ALA B 22 -8.68 2.23 -5.61
CA ALA B 22 -9.94 2.96 -5.29
C ALA B 22 -10.74 2.37 -4.08
N CYS B 23 -10.05 1.84 -3.06
CA CYS B 23 -10.58 1.03 -1.95
C CYS B 23 -11.46 1.80 -0.93
N LYS B 24 -12.51 1.12 -0.41
CA LYS B 24 -13.64 1.59 0.45
C LYS B 24 -14.61 0.43 0.80
N ILE B 25 -15.58 0.70 1.68
CA ILE B 25 -16.74 -0.16 2.07
C ILE B 25 -17.42 -0.89 0.89
N MET A 1 10.79 1.29 14.33
CA MET A 1 9.98 1.53 13.12
C MET A 1 8.62 0.85 13.23
N GLN A 2 7.52 1.61 13.22
CA GLN A 2 6.13 1.11 13.38
C GLN A 2 5.23 1.42 12.17
N THR A 3 4.83 0.40 11.41
CA THR A 3 4.14 0.51 10.09
C THR A 3 2.67 0.07 10.16
N VAL A 4 1.74 0.99 9.92
CA VAL A 4 0.26 0.83 10.01
C VAL A 4 -0.38 0.86 8.62
N ILE A 5 -1.03 -0.25 8.22
CA ILE A 5 -1.61 -0.51 6.87
C ILE A 5 -3.15 -0.44 6.88
N PHE A 6 -3.73 0.41 6.03
CA PHE A 6 -5.16 0.72 5.93
C PHE A 6 -5.87 0.00 4.77
N GLY A 7 -6.60 -1.08 5.07
CA GLY A 7 -7.51 -1.80 4.16
C GLY A 7 -6.89 -2.80 3.18
N ARG A 8 -6.38 -3.94 3.68
CA ARG A 8 -5.89 -5.11 2.89
C ARG A 8 -7.00 -5.77 2.04
N SER A 9 -8.17 -5.99 2.64
CA SER A 9 -9.37 -6.65 2.10
C SER A 9 -10.04 -5.91 0.92
N GLY A 10 -9.93 -6.46 -0.29
CA GLY A 10 -10.63 -6.02 -1.53
C GLY A 10 -9.77 -5.46 -2.68
N CYS A 11 -8.45 -5.28 -2.52
CA CYS A 11 -7.53 -4.75 -3.55
C CYS A 11 -6.08 -5.33 -3.47
N PRO A 12 -5.54 -5.97 -4.55
CA PRO A 12 -4.24 -6.68 -4.53
C PRO A 12 -3.01 -5.76 -4.30
N TYR A 13 -3.05 -4.50 -4.77
CA TYR A 13 -2.03 -3.47 -4.49
C TYR A 13 -1.88 -3.19 -2.97
N SER A 14 -2.99 -3.19 -2.21
CA SER A 14 -3.02 -3.14 -0.74
C SER A 14 -2.48 -4.42 -0.06
N VAL A 15 -2.85 -5.61 -0.56
CA VAL A 15 -2.27 -6.91 -0.12
C VAL A 15 -0.74 -6.92 -0.21
N ARG A 16 -0.15 -6.59 -1.38
CA ARG A 16 1.32 -6.49 -1.55
C ARG A 16 1.94 -5.43 -0.63
N ALA A 17 1.33 -4.25 -0.50
CA ALA A 17 1.76 -3.19 0.42
C ALA A 17 1.84 -3.67 1.90
N LYS A 18 0.83 -4.40 2.41
CA LYS A 18 0.85 -5.09 3.72
C LYS A 18 1.96 -6.15 3.79
N ASP A 19 1.90 -7.15 2.92
CA ASP A 19 2.82 -8.29 2.84
C ASP A 19 4.32 -7.90 2.76
N LEU A 20 4.68 -6.84 2.02
CA LEU A 20 6.01 -6.19 2.01
C LEU A 20 6.45 -5.69 3.42
N ALA A 21 5.56 -5.03 4.18
CA ALA A 21 5.77 -4.66 5.59
C ALA A 21 5.94 -5.90 6.51
N GLU A 22 5.17 -6.97 6.31
CA GLU A 22 5.36 -8.28 6.99
C GLU A 22 6.75 -8.90 6.71
N LYS A 23 7.20 -8.93 5.44
CA LYS A 23 8.57 -9.32 4.99
C LYS A 23 9.67 -8.53 5.72
N LEU A 24 9.59 -7.18 5.74
CA LEU A 24 10.50 -6.29 6.49
C LEU A 24 10.46 -6.52 8.02
N SER A 25 9.27 -6.75 8.61
CA SER A 25 9.08 -7.15 10.03
C SER A 25 9.72 -8.51 10.41
N ASN A 26 9.67 -9.50 9.50
CA ASN A 26 10.38 -10.77 9.59
C ASN A 26 11.93 -10.58 9.55
N GLU A 27 12.43 -9.69 8.69
CA GLU A 27 13.85 -9.43 8.35
C GLU A 27 14.67 -8.65 9.40
N ARG A 28 14.07 -7.69 10.12
CA ARG A 28 14.75 -6.68 11.00
C ARG A 28 14.46 -6.79 12.50
N ASP A 29 15.26 -6.07 13.30
CA ASP A 29 15.08 -5.81 14.75
C ASP A 29 14.01 -4.73 15.03
N ASP A 30 14.12 -3.56 14.39
CA ASP A 30 13.33 -2.33 14.58
C ASP A 30 11.90 -2.28 14.00
N PHE A 31 11.59 -3.18 13.06
CA PHE A 31 10.37 -3.11 12.22
C PHE A 31 9.17 -3.95 12.75
N GLN A 32 8.10 -3.27 13.18
CA GLN A 32 6.84 -3.84 13.74
C GLN A 32 5.58 -3.32 12.99
N TYR A 33 4.64 -4.21 12.63
CA TYR A 33 3.47 -3.95 11.75
C TYR A 33 2.06 -4.06 12.39
N GLN A 34 1.14 -3.14 12.02
CA GLN A 34 -0.28 -3.08 12.41
C GLN A 34 -1.19 -3.02 11.15
N TYR A 35 -2.26 -3.81 11.11
CA TYR A 35 -3.26 -3.85 10.02
C TYR A 35 -4.67 -3.39 10.48
N VAL A 36 -5.22 -2.36 9.81
CA VAL A 36 -6.52 -1.68 10.05
C VAL A 36 -7.48 -1.86 8.87
N ASP A 37 -8.60 -2.54 9.08
CA ASP A 37 -9.72 -2.68 8.11
C ASP A 37 -10.55 -1.41 7.86
N ILE A 38 -10.22 -0.64 6.81
CA ILE A 38 -11.02 0.53 6.36
C ILE A 38 -12.45 0.12 5.92
N ARG A 39 -12.56 -1.00 5.18
CA ARG A 39 -13.81 -1.64 4.72
C ARG A 39 -14.68 -2.29 5.84
N ALA A 40 -14.19 -2.31 7.10
CA ALA A 40 -14.96 -2.79 8.27
C ALA A 40 -15.00 -1.87 9.52
N GLU A 41 -14.01 -1.01 9.76
CA GLU A 41 -14.08 0.06 10.80
C GLU A 41 -14.93 1.30 10.35
N GLY A 42 -15.29 1.40 9.06
CA GLY A 42 -16.13 2.45 8.45
C GLY A 42 -15.32 3.63 7.89
N ILE A 43 -14.36 3.34 6.98
CA ILE A 43 -13.37 4.28 6.39
C ILE A 43 -13.26 4.09 4.85
N THR A 44 -12.97 5.21 4.18
CA THR A 44 -12.88 5.37 2.71
C THR A 44 -11.75 6.34 2.29
N LYS A 45 -11.38 6.34 1.00
CA LYS A 45 -10.41 7.26 0.37
C LYS A 45 -10.63 8.76 0.62
N GLU A 46 -11.88 9.21 0.86
CA GLU A 46 -12.28 10.57 1.26
C GLU A 46 -11.79 10.94 2.68
N ASP A 47 -11.89 10.01 3.65
CA ASP A 47 -11.30 10.09 4.99
C ASP A 47 -9.75 10.02 4.94
N LEU A 48 -9.18 9.00 4.26
CA LEU A 48 -7.74 8.75 4.14
C LEU A 48 -6.93 9.95 3.58
N GLN A 49 -7.37 10.62 2.51
CA GLN A 49 -6.77 11.87 1.98
C GLN A 49 -6.78 13.07 2.97
N GLN A 50 -7.64 13.05 4.01
CA GLN A 50 -7.69 13.98 5.17
C GLN A 50 -6.81 13.49 6.35
N LYS A 51 -7.00 12.26 6.86
CA LYS A 51 -6.15 11.55 7.86
C LYS A 51 -4.65 11.63 7.55
N ALA A 52 -4.25 11.39 6.31
CA ALA A 52 -2.88 11.54 5.77
C ALA A 52 -2.39 12.99 5.53
N GLY A 53 -3.27 14.01 5.52
CA GLY A 53 -3.00 15.39 5.10
C GLY A 53 -2.18 15.45 3.79
N LYS A 54 -2.52 14.60 2.81
CA LYS A 54 -1.77 14.33 1.57
C LYS A 54 -2.73 14.18 0.36
N PRO A 55 -2.48 14.83 -0.80
CA PRO A 55 -3.35 14.77 -1.99
C PRO A 55 -3.34 13.40 -2.72
N VAL A 56 -3.88 12.37 -2.06
CA VAL A 56 -4.09 10.98 -2.58
C VAL A 56 -5.46 10.80 -3.25
N GLU A 57 -5.63 9.71 -4.01
CA GLU A 57 -6.94 9.23 -4.55
C GLU A 57 -7.09 7.70 -4.38
N THR A 58 -6.09 6.91 -4.82
CA THR A 58 -6.07 5.42 -4.85
C THR A 58 -5.20 4.74 -3.76
N VAL A 59 -5.12 3.40 -3.79
CA VAL A 59 -4.30 2.52 -2.89
C VAL A 59 -2.93 2.15 -3.52
N PRO A 60 -1.90 1.82 -2.72
CA PRO A 60 -1.92 1.59 -1.25
C PRO A 60 -2.12 2.86 -0.40
N GLN A 61 -2.37 2.67 0.91
CA GLN A 61 -2.43 3.71 1.95
C GLN A 61 -1.86 3.17 3.29
N ILE A 62 -0.58 3.47 3.51
CA ILE A 62 0.25 3.14 4.69
C ILE A 62 0.75 4.38 5.46
N PHE A 63 1.01 4.18 6.76
CA PHE A 63 1.60 5.14 7.70
C PHE A 63 2.80 4.49 8.44
N VAL A 64 4.04 4.86 8.12
CA VAL A 64 5.30 4.43 8.78
C VAL A 64 5.65 5.40 9.92
N ASP A 65 5.87 4.90 11.13
CA ASP A 65 5.99 5.67 12.40
C ASP A 65 4.91 6.76 12.59
N GLN A 66 3.66 6.41 12.21
CA GLN A 66 2.44 7.23 12.14
C GLN A 66 2.46 8.42 11.12
N GLN A 67 3.50 8.52 10.28
CA GLN A 67 3.67 9.45 9.12
C GLN A 67 3.19 8.79 7.81
N HIS A 68 2.47 9.53 6.93
CA HIS A 68 2.04 9.03 5.59
C HIS A 68 3.23 8.67 4.68
N ILE A 69 3.43 7.37 4.43
CA ILE A 69 4.34 6.76 3.43
C ILE A 69 3.49 5.76 2.63
N GLY A 70 2.98 6.18 1.46
CA GLY A 70 1.98 5.52 0.60
C GLY A 70 1.78 3.99 0.72
N GLY A 71 2.86 3.21 0.57
CA GLY A 71 2.92 1.73 0.58
C GLY A 71 3.71 1.16 -0.59
N TYR A 72 3.25 0.05 -1.21
CA TYR A 72 3.85 -0.68 -2.36
C TYR A 72 4.64 0.17 -3.40
N THR A 73 4.16 1.38 -3.77
CA THR A 73 4.88 2.42 -4.56
C THR A 73 6.08 3.06 -3.81
N ASP A 74 5.73 3.76 -2.72
CA ASP A 74 6.50 4.68 -1.89
C ASP A 74 7.58 3.98 -1.03
N PHE A 75 7.17 2.89 -0.36
CA PHE A 75 7.92 1.88 0.39
C PHE A 75 9.06 1.23 -0.43
N ALA A 76 8.76 0.78 -1.66
CA ALA A 76 9.71 0.28 -2.65
C ALA A 76 10.74 1.34 -3.10
N ALA A 77 10.28 2.52 -3.53
CA ALA A 77 11.11 3.70 -3.83
C ALA A 77 12.07 4.10 -2.66
N TRP A 78 11.57 4.09 -1.41
CA TRP A 78 12.32 4.26 -0.15
C TRP A 78 13.40 3.16 0.08
N VAL A 79 13.03 1.86 0.02
CA VAL A 79 13.98 0.72 0.06
C VAL A 79 15.12 0.89 -0.95
N LYS A 80 14.80 1.23 -2.21
CA LYS A 80 15.75 1.57 -3.31
C LYS A 80 16.65 2.80 -3.01
N GLU A 81 16.12 3.86 -2.37
CA GLU A 81 16.88 5.02 -1.80
C GLU A 81 17.86 4.62 -0.65
N ASN A 82 17.78 3.40 -0.09
CA ASN A 82 18.75 2.80 0.85
C ASN A 82 19.67 1.73 0.18
N LEU A 83 19.09 0.66 -0.36
CA LEU A 83 19.77 -0.54 -0.90
C LEU A 83 20.52 -0.36 -2.24
N ASP A 84 20.11 0.57 -3.12
CA ASP A 84 20.78 0.92 -4.40
C ASP A 84 21.48 2.30 -4.43
N ALA A 85 21.54 3.00 -3.28
CA ALA A 85 21.98 4.40 -3.08
C ALA A 85 23.45 4.77 -3.46
N GLY B 1 -14.64 -5.98 -28.97
CA GLY B 1 -14.66 -6.82 -30.18
C GLY B 1 -13.93 -8.08 -29.77
N ALA B 2 -12.76 -8.29 -30.33
CA ALA B 2 -11.82 -9.31 -29.84
C ALA B 2 -10.40 -8.67 -29.92
N GLU B 3 -9.92 -8.24 -28.75
CA GLU B 3 -8.68 -7.49 -28.52
C GLU B 3 -7.98 -7.94 -27.21
N ASP B 4 -6.74 -8.48 -27.28
CA ASP B 4 -6.02 -9.06 -26.13
C ASP B 4 -4.57 -8.52 -25.94
N ALA B 5 -4.16 -8.32 -24.69
CA ALA B 5 -2.81 -8.01 -24.21
C ALA B 5 -2.55 -8.75 -22.87
N GLN B 6 -1.91 -9.93 -22.92
CA GLN B 6 -1.78 -10.89 -21.80
C GLN B 6 -0.37 -10.99 -21.16
N ASP B 7 -0.31 -11.17 -19.83
CA ASP B 7 0.93 -11.33 -19.03
C ASP B 7 0.90 -12.55 -18.06
N ASP B 8 1.45 -13.70 -18.51
CA ASP B 8 1.67 -14.91 -17.69
C ASP B 8 3.11 -14.98 -17.13
N LEU B 9 3.21 -14.75 -15.82
CA LEU B 9 4.40 -14.85 -14.96
C LEU B 9 3.98 -15.39 -13.57
N VAL B 10 4.11 -16.71 -13.37
CA VAL B 10 3.89 -17.40 -12.05
C VAL B 10 4.74 -16.73 -10.94
N PRO B 11 6.07 -16.54 -11.11
CA PRO B 11 6.89 -15.70 -10.21
C PRO B 11 6.60 -14.20 -10.47
N SER B 12 5.43 -13.70 -10.03
CA SER B 12 4.98 -12.33 -10.38
C SER B 12 5.55 -11.32 -9.37
N ILE B 13 6.58 -10.61 -9.83
CA ILE B 13 7.42 -9.63 -9.10
C ILE B 13 7.48 -8.33 -9.93
N GLN B 14 6.71 -7.35 -9.48
CA GLN B 14 6.73 -5.95 -9.92
C GLN B 14 6.35 -5.10 -8.69
N ASP B 15 7.36 -4.60 -7.96
CA ASP B 15 7.19 -3.78 -6.75
C ASP B 15 8.30 -2.69 -6.72
N ASP B 16 8.01 -1.48 -7.25
CA ASP B 16 8.99 -0.38 -7.49
C ASP B 16 8.39 1.04 -7.74
N GLY B 17 7.07 1.19 -7.81
CA GLY B 17 6.39 2.45 -8.12
C GLY B 17 5.08 2.32 -8.93
N SER B 18 3.93 2.23 -8.24
CA SER B 18 2.57 2.32 -8.80
C SER B 18 1.50 2.45 -7.69
N GLU B 19 0.46 3.27 -7.89
CA GLU B 19 -0.72 3.47 -7.00
C GLU B 19 -2.02 3.20 -7.80
N SER B 20 -2.74 2.10 -7.51
CA SER B 20 -4.08 1.75 -8.05
C SER B 20 -4.92 0.82 -7.15
N GLY B 21 -6.25 0.90 -7.28
CA GLY B 21 -7.26 -0.02 -6.71
C GLY B 21 -8.50 0.61 -6.06
N ALA B 22 -8.54 1.94 -5.85
CA ALA B 22 -9.74 2.71 -5.44
C ALA B 22 -10.51 2.14 -4.20
N CYS B 23 -9.79 1.57 -3.23
CA CYS B 23 -10.30 0.80 -2.10
C CYS B 23 -11.07 1.66 -1.05
N LYS B 24 -12.21 1.13 -0.57
CA LYS B 24 -13.27 1.72 0.30
C LYS B 24 -14.40 0.72 0.59
N ILE B 25 -15.33 1.08 1.47
CA ILE B 25 -16.61 0.39 1.84
C ILE B 25 -17.37 -0.22 0.64
N MET A 1 10.68 1.20 14.69
CA MET A 1 9.92 1.66 13.50
C MET A 1 8.54 0.98 13.42
N GLN A 2 7.46 1.75 13.38
CA GLN A 2 6.06 1.28 13.27
C GLN A 2 5.44 1.53 11.88
N THR A 3 5.03 0.49 11.15
CA THR A 3 4.38 0.60 9.81
C THR A 3 2.92 0.15 9.88
N VAL A 4 1.99 1.12 9.73
CA VAL A 4 0.52 0.96 9.88
C VAL A 4 -0.19 1.08 8.51
N ILE A 5 -0.89 0.02 8.07
CA ILE A 5 -1.48 -0.14 6.72
C ILE A 5 -3.02 -0.21 6.73
N PHE A 6 -3.67 0.55 5.85
CA PHE A 6 -5.13 0.76 5.77
C PHE A 6 -5.81 0.10 4.54
N GLY A 7 -6.41 -1.09 4.74
CA GLY A 7 -7.28 -1.83 3.81
C GLY A 7 -6.66 -2.80 2.77
N ARG A 8 -6.44 -4.09 3.14
CA ARG A 8 -6.07 -5.20 2.21
C ARG A 8 -7.24 -5.57 1.26
N SER A 9 -8.43 -5.69 1.83
CA SER A 9 -9.68 -6.22 1.24
C SER A 9 -10.22 -5.45 0.03
N GLY A 10 -9.92 -5.98 -1.18
CA GLY A 10 -10.47 -5.56 -2.49
C GLY A 10 -9.51 -5.55 -3.68
N CYS A 11 -8.20 -5.37 -3.49
CA CYS A 11 -7.22 -5.14 -4.56
C CYS A 11 -5.78 -5.67 -4.27
N PRO A 12 -5.11 -6.34 -5.25
CA PRO A 12 -3.84 -7.07 -5.03
C PRO A 12 -2.63 -6.20 -4.68
N TYR A 13 -2.54 -4.96 -5.19
CA TYR A 13 -1.44 -4.01 -4.92
C TYR A 13 -1.48 -3.47 -3.46
N SER A 14 -2.68 -3.15 -2.92
CA SER A 14 -2.92 -2.82 -1.50
C SER A 14 -2.55 -3.98 -0.55
N VAL A 15 -2.92 -5.22 -0.90
CA VAL A 15 -2.47 -6.46 -0.22
C VAL A 15 -0.93 -6.51 -0.17
N ARG A 16 -0.26 -6.40 -1.33
CA ARG A 16 1.22 -6.40 -1.45
C ARG A 16 1.89 -5.26 -0.66
N ALA A 17 1.32 -4.05 -0.63
CA ALA A 17 1.74 -2.93 0.23
C ALA A 17 1.82 -3.29 1.74
N LYS A 18 0.79 -3.97 2.29
CA LYS A 18 0.80 -4.57 3.66
C LYS A 18 1.80 -5.71 3.80
N ASP A 19 1.70 -6.71 2.94
CA ASP A 19 2.56 -7.90 2.87
C ASP A 19 4.07 -7.58 2.87
N LEU A 20 4.50 -6.53 2.15
CA LEU A 20 5.86 -5.94 2.20
C LEU A 20 6.33 -5.52 3.62
N ALA A 21 5.45 -4.88 4.42
CA ALA A 21 5.68 -4.59 5.84
C ALA A 21 5.84 -5.85 6.72
N GLU A 22 5.02 -6.89 6.52
CA GLU A 22 5.14 -8.24 7.15
C GLU A 22 6.44 -8.99 6.75
N LYS A 23 6.85 -8.93 5.48
CA LYS A 23 8.13 -9.36 4.86
C LYS A 23 9.34 -8.73 5.59
N LEU A 24 9.33 -7.40 5.78
CA LEU A 24 10.28 -6.63 6.61
C LEU A 24 10.22 -6.96 8.13
N SER A 25 9.02 -7.10 8.73
CA SER A 25 8.80 -7.37 10.17
C SER A 25 9.27 -8.75 10.65
N ASN A 26 9.23 -9.79 9.80
CA ASN A 26 9.88 -11.08 10.08
C ASN A 26 11.43 -10.94 10.05
N GLU A 27 11.94 -10.24 9.03
CA GLU A 27 13.37 -10.02 8.70
C GLU A 27 14.15 -9.19 9.76
N ARG A 28 13.48 -8.30 10.53
CA ARG A 28 14.09 -7.29 11.45
C ARG A 28 13.37 -7.11 12.81
N ASP A 29 14.14 -6.78 13.85
CA ASP A 29 13.62 -6.47 15.21
C ASP A 29 13.07 -5.03 15.36
N ASP A 30 13.70 -4.04 14.70
CA ASP A 30 13.26 -2.63 14.55
C ASP A 30 11.88 -2.44 13.88
N PHE A 31 11.51 -3.36 12.99
CA PHE A 31 10.36 -3.22 12.10
C PHE A 31 9.07 -3.88 12.65
N GLN A 32 8.24 -3.04 13.27
CA GLN A 32 6.96 -3.29 13.94
C GLN A 32 5.81 -3.01 12.95
N TYR A 33 4.91 -3.96 12.68
CA TYR A 33 3.85 -3.89 11.65
C TYR A 33 2.43 -4.01 12.22
N GLN A 34 1.51 -3.16 11.73
CA GLN A 34 0.09 -3.10 12.09
C GLN A 34 -0.79 -3.11 10.83
N TYR A 35 -1.82 -3.96 10.78
CA TYR A 35 -2.82 -4.01 9.68
C TYR A 35 -4.24 -3.65 10.18
N VAL A 36 -4.82 -2.64 9.55
CA VAL A 36 -6.12 -2.00 9.82
C VAL A 36 -7.02 -2.06 8.57
N ASP A 37 -8.16 -2.76 8.60
CA ASP A 37 -9.15 -2.66 7.53
C ASP A 37 -9.93 -1.33 7.58
N ILE A 38 -10.37 -0.90 6.41
CA ILE A 38 -11.12 0.35 6.20
C ILE A 38 -12.52 0.07 5.62
N ARG A 39 -12.65 -0.67 4.50
CA ARG A 39 -13.96 -1.13 3.95
C ARG A 39 -14.79 -1.98 4.96
N ALA A 40 -14.14 -2.86 5.72
CA ALA A 40 -14.76 -3.75 6.72
C ALA A 40 -15.05 -3.11 8.11
N GLU A 41 -14.23 -2.14 8.56
CA GLU A 41 -14.48 -1.29 9.75
C GLU A 41 -15.34 -0.01 9.49
N GLY A 42 -15.55 0.38 8.22
CA GLY A 42 -16.48 1.45 7.73
C GLY A 42 -15.85 2.76 7.18
N ILE A 43 -14.53 2.82 7.07
CA ILE A 43 -13.64 3.93 6.66
C ILE A 43 -13.30 3.85 5.15
N THR A 44 -12.83 4.97 4.59
CA THR A 44 -12.61 5.16 3.14
C THR A 44 -11.45 6.11 2.79
N LYS A 45 -11.06 6.15 1.50
CA LYS A 45 -10.13 7.12 0.88
C LYS A 45 -10.41 8.57 1.35
N GLU A 46 -11.68 8.97 1.32
CA GLU A 46 -12.21 10.30 1.67
C GLU A 46 -11.92 10.71 3.14
N ASP A 47 -11.77 9.74 4.05
CA ASP A 47 -11.29 9.89 5.44
C ASP A 47 -9.73 9.92 5.48
N LEU A 48 -9.08 8.92 4.87
CA LEU A 48 -7.61 8.73 4.78
C LEU A 48 -6.87 9.96 4.23
N GLN A 49 -7.34 10.60 3.14
CA GLN A 49 -6.84 11.89 2.60
C GLN A 49 -6.84 13.05 3.63
N GLN A 50 -7.81 13.06 4.57
CA GLN A 50 -7.95 14.02 5.68
C GLN A 50 -7.01 13.70 6.86
N LYS A 51 -6.92 12.42 7.31
CA LYS A 51 -5.94 11.92 8.31
C LYS A 51 -4.46 12.02 7.82
N ALA A 52 -4.21 11.92 6.52
CA ALA A 52 -2.91 12.12 5.86
C ALA A 52 -2.57 13.59 5.47
N GLY A 53 -3.57 14.48 5.32
CA GLY A 53 -3.48 15.84 4.76
C GLY A 53 -3.08 15.93 3.27
N LYS A 54 -2.41 14.90 2.71
CA LYS A 54 -2.06 14.69 1.28
C LYS A 54 -3.32 14.53 0.40
N PRO A 55 -3.43 15.23 -0.76
CA PRO A 55 -4.55 15.05 -1.69
C PRO A 55 -4.48 13.75 -2.54
N VAL A 56 -4.61 12.60 -1.86
CA VAL A 56 -4.70 11.24 -2.45
C VAL A 56 -6.01 11.02 -3.24
N GLU A 57 -6.00 10.13 -4.23
CA GLU A 57 -7.17 9.67 -5.02
C GLU A 57 -7.46 8.14 -4.91
N THR A 58 -6.44 7.30 -4.76
CA THR A 58 -6.50 5.81 -4.62
C THR A 58 -5.53 5.21 -3.56
N VAL A 59 -5.52 3.88 -3.41
CA VAL A 59 -4.56 3.08 -2.60
C VAL A 59 -3.23 2.82 -3.35
N PRO A 60 -2.12 2.51 -2.64
CA PRO A 60 -2.04 2.22 -1.19
C PRO A 60 -2.20 3.43 -0.26
N GLN A 61 -2.45 3.16 1.02
CA GLN A 61 -2.58 4.14 2.12
C GLN A 61 -1.91 3.62 3.40
N ILE A 62 -0.61 3.88 3.51
CA ILE A 62 0.28 3.53 4.64
C ILE A 62 0.75 4.75 5.46
N PHE A 63 1.04 4.51 6.75
CA PHE A 63 1.56 5.45 7.74
C PHE A 63 2.79 4.83 8.45
N VAL A 64 3.99 5.14 7.96
CA VAL A 64 5.28 4.77 8.59
C VAL A 64 5.56 5.73 9.75
N ASP A 65 5.93 5.16 10.89
CA ASP A 65 6.06 5.73 12.24
C ASP A 65 4.90 6.69 12.66
N GLN A 66 3.68 6.45 12.13
CA GLN A 66 2.44 7.24 12.27
C GLN A 66 2.44 8.60 11.50
N GLN A 67 3.13 8.66 10.36
CA GLN A 67 3.19 9.74 9.36
C GLN A 67 2.90 9.16 7.94
N HIS A 68 2.07 9.82 7.10
CA HIS A 68 1.66 9.31 5.76
C HIS A 68 2.85 9.09 4.79
N ILE A 69 3.12 7.83 4.45
CA ILE A 69 4.02 7.33 3.39
C ILE A 69 3.18 6.40 2.51
N GLY A 70 2.79 6.86 1.30
CA GLY A 70 1.82 6.24 0.37
C GLY A 70 1.57 4.74 0.55
N GLY A 71 2.62 3.95 0.35
CA GLY A 71 2.66 2.48 0.39
C GLY A 71 3.49 1.93 -0.76
N TYR A 72 3.19 0.71 -1.26
CA TYR A 72 4.01 -0.07 -2.23
C TYR A 72 4.83 0.82 -3.21
N THR A 73 4.18 1.74 -3.94
CA THR A 73 4.75 2.83 -4.80
C THR A 73 5.89 3.67 -4.15
N ASP A 74 5.62 4.38 -3.04
CA ASP A 74 6.54 5.14 -2.18
C ASP A 74 7.55 4.22 -1.43
N PHE A 75 7.05 3.16 -0.79
CA PHE A 75 7.75 2.08 -0.04
C PHE A 75 8.89 1.41 -0.84
N ALA A 76 8.65 1.00 -2.10
CA ALA A 76 9.65 0.49 -3.04
C ALA A 76 10.78 1.52 -3.30
N ALA A 77 10.42 2.76 -3.68
CA ALA A 77 11.36 3.90 -3.81
C ALA A 77 12.17 4.16 -2.51
N TRP A 78 11.55 4.13 -1.32
CA TRP A 78 12.20 4.18 0.01
C TRP A 78 13.22 3.05 0.25
N VAL A 79 12.84 1.77 0.04
CA VAL A 79 13.78 0.60 0.09
C VAL A 79 14.99 0.81 -0.83
N LYS A 80 14.76 1.14 -2.11
CA LYS A 80 15.77 1.42 -3.17
C LYS A 80 16.70 2.61 -2.80
N GLU A 81 16.15 3.76 -2.42
CA GLU A 81 16.84 4.96 -1.85
C GLU A 81 17.62 4.71 -0.53
N ASN A 82 17.45 3.57 0.15
CA ASN A 82 18.24 3.08 1.30
C ASN A 82 19.26 1.96 0.95
N LEU A 83 18.78 0.81 0.41
CA LEU A 83 19.53 -0.42 0.10
C LEU A 83 20.36 -0.39 -1.22
N ASP A 84 19.99 0.39 -2.24
CA ASP A 84 20.76 0.64 -3.49
C ASP A 84 21.55 1.98 -3.53
N ALA A 85 21.53 2.74 -2.43
CA ALA A 85 22.01 4.11 -2.20
C ALA A 85 23.46 4.44 -2.63
N GLY B 1 -28.04 -12.78 -24.85
CA GLY B 1 -27.89 -14.21 -25.16
C GLY B 1 -27.05 -14.82 -24.06
N ALA B 2 -25.81 -15.16 -24.38
CA ALA B 2 -24.75 -15.53 -23.43
C ALA B 2 -23.47 -14.85 -23.97
N GLU B 3 -23.07 -13.76 -23.31
CA GLU B 3 -21.97 -12.86 -23.72
C GLU B 3 -21.10 -12.36 -22.55
N ASP B 4 -19.85 -12.01 -22.86
CA ASP B 4 -18.78 -11.63 -21.93
C ASP B 4 -17.74 -10.69 -22.60
N ALA B 5 -17.19 -9.71 -21.85
CA ALA B 5 -16.06 -8.85 -22.23
C ALA B 5 -14.95 -8.89 -21.14
N GLN B 6 -13.73 -9.27 -21.53
CA GLN B 6 -12.56 -9.45 -20.66
C GLN B 6 -11.31 -8.69 -21.18
N ASP B 7 -10.68 -7.91 -20.30
CA ASP B 7 -9.48 -7.10 -20.53
C ASP B 7 -8.18 -7.78 -20.02
N ASP B 8 -7.13 -7.81 -20.85
CA ASP B 8 -5.86 -8.55 -20.65
C ASP B 8 -4.58 -7.77 -21.03
N LEU B 9 -3.52 -7.98 -20.24
CA LEU B 9 -2.14 -7.54 -20.55
C LEU B 9 -1.14 -8.65 -20.14
N VAL B 10 -0.82 -9.52 -21.10
CA VAL B 10 0.06 -10.70 -20.95
C VAL B 10 1.55 -10.44 -20.55
N PRO B 11 2.22 -9.29 -20.88
CA PRO B 11 3.65 -9.10 -20.62
C PRO B 11 4.04 -8.26 -19.38
N SER B 12 3.14 -7.48 -18.71
CA SER B 12 3.50 -6.66 -17.51
C SER B 12 2.40 -6.35 -16.46
N ILE B 13 2.51 -6.99 -15.30
CA ILE B 13 1.79 -6.70 -14.02
C ILE B 13 2.87 -6.53 -12.90
N GLN B 14 3.85 -5.66 -13.18
CA GLN B 14 5.09 -5.32 -12.45
C GLN B 14 4.90 -4.97 -10.95
N ASP B 15 5.75 -5.53 -10.06
CA ASP B 15 5.82 -5.11 -8.64
C ASP B 15 6.96 -4.07 -8.46
N ASP B 16 6.61 -2.77 -8.51
CA ASP B 16 7.54 -1.61 -8.31
C ASP B 16 6.76 -0.28 -8.02
N GLY B 17 6.87 0.79 -8.82
CA GLY B 17 6.21 2.10 -8.61
C GLY B 17 4.66 2.17 -8.47
N SER B 18 3.95 1.02 -8.42
CA SER B 18 2.49 0.75 -8.43
C SER B 18 1.61 1.60 -7.48
N GLU B 19 0.93 2.64 -8.02
CA GLU B 19 0.19 3.71 -7.29
C GLU B 19 -1.36 3.65 -7.15
N SER B 20 -2.06 2.60 -7.63
CA SER B 20 -3.55 2.52 -7.61
C SER B 20 -4.16 1.18 -7.17
N GLY B 21 -5.51 1.12 -7.07
CA GLY B 21 -6.28 -0.09 -6.70
C GLY B 21 -7.74 0.08 -6.25
N ALA B 22 -8.22 1.32 -6.02
CA ALA B 22 -9.63 1.69 -5.72
C ALA B 22 -10.32 1.02 -4.47
N CYS B 23 -9.55 0.46 -3.53
CA CYS B 23 -10.00 -0.26 -2.33
C CYS B 23 -10.65 0.71 -1.29
N LYS B 24 -11.96 0.57 -1.02
CA LYS B 24 -12.78 1.46 -0.14
C LYS B 24 -14.27 1.04 0.00
N ILE B 25 -15.02 1.77 0.85
CA ILE B 25 -16.48 1.72 1.11
C ILE B 25 -17.33 2.08 -0.13
N MET A 1 10.00 2.96 14.53
CA MET A 1 9.82 2.05 13.38
C MET A 1 8.52 1.23 13.52
N GLN A 2 7.37 1.91 13.44
CA GLN A 2 5.98 1.39 13.42
C GLN A 2 5.24 1.76 12.11
N THR A 3 4.77 0.78 11.37
CA THR A 3 4.17 0.90 10.01
C THR A 3 2.74 0.36 9.98
N VAL A 4 1.76 1.18 9.62
CA VAL A 4 0.29 0.89 9.66
C VAL A 4 -0.34 0.94 8.26
N ILE A 5 -1.13 -0.08 7.90
CA ILE A 5 -1.69 -0.31 6.54
C ILE A 5 -3.22 -0.35 6.54
N PHE A 6 -3.85 0.55 5.75
CA PHE A 6 -5.30 0.82 5.71
C PHE A 6 -5.98 0.24 4.45
N GLY A 7 -6.75 -0.86 4.60
CA GLY A 7 -7.55 -1.53 3.55
C GLY A 7 -6.78 -2.47 2.60
N ARG A 8 -6.31 -3.62 3.10
CA ARG A 8 -5.56 -4.68 2.37
C ARG A 8 -6.45 -5.62 1.53
N SER A 9 -7.47 -6.19 2.19
CA SER A 9 -8.41 -7.26 1.76
C SER A 9 -9.36 -6.97 0.57
N GLY A 10 -9.00 -6.03 -0.32
CA GLY A 10 -9.75 -5.65 -1.54
C GLY A 10 -8.96 -5.59 -2.87
N CYS A 11 -7.67 -5.22 -2.85
CA CYS A 11 -6.81 -4.96 -4.02
C CYS A 11 -5.35 -5.47 -3.91
N PRO A 12 -4.75 -5.99 -5.01
CA PRO A 12 -3.43 -6.65 -5.02
C PRO A 12 -2.26 -5.77 -4.57
N TYR A 13 -2.17 -4.48 -4.99
CA TYR A 13 -1.06 -3.62 -4.51
C TYR A 13 -1.15 -3.28 -3.01
N SER A 14 -2.35 -3.04 -2.47
CA SER A 14 -2.57 -2.89 -1.01
C SER A 14 -2.10 -4.15 -0.24
N VAL A 15 -2.38 -5.35 -0.79
CA VAL A 15 -1.83 -6.62 -0.24
C VAL A 15 -0.31 -6.59 -0.31
N ARG A 16 0.29 -6.31 -1.47
CA ARG A 16 1.74 -6.17 -1.69
C ARG A 16 2.40 -5.15 -0.73
N ALA A 17 1.75 -4.01 -0.50
CA ALA A 17 2.13 -2.92 0.41
C ALA A 17 2.16 -3.37 1.89
N LYS A 18 1.10 -4.07 2.35
CA LYS A 18 1.02 -4.73 3.68
C LYS A 18 2.07 -5.85 3.82
N ASP A 19 2.09 -6.76 2.86
CA ASP A 19 3.06 -7.84 2.66
C ASP A 19 4.52 -7.36 2.76
N LEU A 20 4.88 -6.20 2.19
CA LEU A 20 6.18 -5.51 2.30
C LEU A 20 6.56 -5.13 3.75
N ALA A 21 5.64 -4.53 4.52
CA ALA A 21 5.81 -4.28 5.96
C ALA A 21 5.98 -5.60 6.76
N GLU A 22 5.15 -6.62 6.48
CA GLU A 22 5.24 -8.00 6.99
C GLU A 22 6.59 -8.71 6.64
N LYS A 23 7.08 -8.57 5.39
CA LYS A 23 8.38 -8.98 4.79
C LYS A 23 9.57 -8.43 5.60
N LEU A 24 9.62 -7.11 5.81
CA LEU A 24 10.58 -6.38 6.67
C LEU A 24 10.47 -6.84 8.15
N SER A 25 9.27 -6.91 8.72
CA SER A 25 8.94 -7.45 10.06
C SER A 25 9.44 -8.88 10.33
N ASN A 26 9.27 -9.82 9.41
CA ASN A 26 9.78 -11.19 9.44
C ASN A 26 11.33 -11.26 9.36
N GLU A 27 11.95 -10.47 8.47
CA GLU A 27 13.40 -10.32 8.27
C GLU A 27 14.11 -9.70 9.51
N ARG A 28 13.62 -8.56 10.03
CA ARG A 28 14.16 -7.72 11.14
C ARG A 28 13.66 -8.13 12.55
N ASP A 29 14.18 -7.41 13.55
CA ASP A 29 13.79 -7.46 14.98
C ASP A 29 13.23 -6.12 15.55
N ASP A 30 13.54 -4.99 14.90
CA ASP A 30 13.25 -3.60 15.37
C ASP A 30 11.97 -2.92 14.86
N PHE A 31 11.52 -3.47 13.77
CA PHE A 31 10.44 -3.00 12.90
C PHE A 31 9.11 -3.69 13.24
N GLN A 32 8.08 -2.86 13.42
CA GLN A 32 6.73 -3.17 13.88
C GLN A 32 5.69 -2.85 12.78
N TYR A 33 4.79 -3.78 12.49
CA TYR A 33 3.75 -3.74 11.44
C TYR A 33 2.31 -3.93 11.98
N GLN A 34 1.34 -3.12 11.50
CA GLN A 34 -0.09 -3.13 11.86
C GLN A 34 -0.99 -3.14 10.60
N TYR A 35 -2.01 -4.00 10.56
CA TYR A 35 -3.05 -4.06 9.50
C TYR A 35 -4.44 -3.62 10.01
N VAL A 36 -5.05 -2.63 9.35
CA VAL A 36 -6.38 -2.06 9.63
C VAL A 36 -7.32 -2.12 8.41
N ASP A 37 -8.41 -2.90 8.50
CA ASP A 37 -9.50 -2.93 7.51
C ASP A 37 -10.40 -1.70 7.48
N ILE A 38 -10.23 -0.79 6.52
CA ILE A 38 -11.05 0.44 6.38
C ILE A 38 -12.46 0.13 5.86
N ARG A 39 -12.61 -0.81 4.91
CA ARG A 39 -13.91 -1.35 4.41
C ARG A 39 -14.70 -2.13 5.49
N ALA A 40 -14.03 -2.69 6.50
CA ALA A 40 -14.65 -3.49 7.59
C ALA A 40 -14.83 -2.72 8.92
N GLU A 41 -13.81 -1.96 9.35
CA GLU A 41 -13.86 -1.03 10.51
C GLU A 41 -14.86 0.13 10.31
N GLY A 42 -15.03 0.66 9.07
CA GLY A 42 -16.05 1.66 8.66
C GLY A 42 -15.54 3.02 8.13
N ILE A 43 -14.41 3.02 7.41
CA ILE A 43 -13.58 4.16 6.92
C ILE A 43 -13.38 4.10 5.38
N THR A 44 -13.03 5.25 4.81
CA THR A 44 -12.93 5.52 3.36
C THR A 44 -11.72 6.39 2.96
N LYS A 45 -11.42 6.49 1.66
CA LYS A 45 -10.36 7.38 1.11
C LYS A 45 -10.54 8.86 1.51
N GLU A 46 -11.77 9.33 1.67
CA GLU A 46 -12.18 10.69 2.10
C GLU A 46 -11.69 11.04 3.53
N ASP A 47 -11.71 10.05 4.44
CA ASP A 47 -11.16 10.10 5.81
C ASP A 47 -9.61 10.02 5.77
N LEU A 48 -9.07 9.03 5.06
CA LEU A 48 -7.63 8.76 4.92
C LEU A 48 -6.85 9.95 4.30
N GLN A 49 -7.28 10.54 3.18
CA GLN A 49 -6.71 11.77 2.57
C GLN A 49 -6.68 13.00 3.54
N GLN A 50 -7.74 13.15 4.36
CA GLN A 50 -7.90 14.16 5.42
C GLN A 50 -6.88 13.96 6.56
N LYS A 51 -6.90 12.80 7.25
CA LYS A 51 -5.93 12.41 8.31
C LYS A 51 -4.47 12.38 7.82
N ALA A 52 -4.22 11.93 6.59
CA ALA A 52 -2.93 12.00 5.88
C ALA A 52 -2.39 13.42 5.62
N GLY A 53 -3.25 14.45 5.60
CA GLY A 53 -2.88 15.83 5.20
C GLY A 53 -2.37 15.94 3.75
N LYS A 54 -2.86 15.06 2.85
CA LYS A 54 -2.46 14.84 1.46
C LYS A 54 -3.68 14.39 0.61
N PRO A 55 -4.07 15.11 -0.46
CA PRO A 55 -5.28 14.83 -1.26
C PRO A 55 -5.12 13.59 -2.18
N VAL A 56 -5.04 12.39 -1.59
CA VAL A 56 -4.99 11.07 -2.28
C VAL A 56 -6.25 10.77 -3.13
N GLU A 57 -6.16 9.82 -4.07
CA GLU A 57 -7.27 9.26 -4.88
C GLU A 57 -7.40 7.74 -4.75
N THR A 58 -6.34 6.98 -5.09
CA THR A 58 -6.23 5.50 -5.06
C THR A 58 -5.07 4.98 -4.19
N VAL A 59 -5.01 3.64 -4.05
CA VAL A 59 -4.09 2.87 -3.16
C VAL A 59 -2.70 2.61 -3.78
N PRO A 60 -1.65 2.35 -2.94
CA PRO A 60 -1.71 2.11 -1.48
C PRO A 60 -1.99 3.35 -0.59
N GLN A 61 -2.26 3.09 0.70
CA GLN A 61 -2.55 4.04 1.79
C GLN A 61 -1.98 3.56 3.15
N ILE A 62 -0.69 3.83 3.36
CA ILE A 62 0.15 3.47 4.54
C ILE A 62 0.57 4.67 5.42
N PHE A 63 0.79 4.44 6.72
CA PHE A 63 1.30 5.41 7.70
C PHE A 63 2.54 4.82 8.41
N VAL A 64 3.73 5.35 8.10
CA VAL A 64 5.04 4.98 8.70
C VAL A 64 5.39 5.99 9.82
N ASP A 65 5.77 5.49 11.00
CA ASP A 65 6.01 6.19 12.26
C ASP A 65 4.96 7.33 12.50
N GLN A 66 3.71 6.87 12.61
CA GLN A 66 2.39 7.54 12.72
C GLN A 66 2.00 8.57 11.62
N GLN A 67 2.74 8.68 10.52
CA GLN A 67 2.59 9.70 9.45
C GLN A 67 2.43 9.08 8.04
N HIS A 68 1.58 9.67 7.18
CA HIS A 68 1.23 9.17 5.83
C HIS A 68 2.39 9.03 4.83
N ILE A 69 2.41 7.89 4.15
CA ILE A 69 3.24 7.45 3.01
C ILE A 69 2.28 6.77 1.98
N GLY A 70 2.64 6.67 0.70
CA GLY A 70 1.86 5.89 -0.28
C GLY A 70 1.71 4.42 0.17
N GLY A 71 2.81 3.67 0.13
CA GLY A 71 2.88 2.22 0.38
C GLY A 71 3.74 1.55 -0.66
N TYR A 72 3.36 0.37 -1.18
CA TYR A 72 4.19 -0.47 -2.08
C TYR A 72 5.13 0.31 -3.02
N THR A 73 4.62 1.27 -3.79
CA THR A 73 5.40 2.19 -4.66
C THR A 73 6.39 3.11 -3.89
N ASP A 74 5.89 3.97 -2.99
CA ASP A 74 6.64 4.88 -2.10
C ASP A 74 7.67 4.15 -1.19
N PHE A 75 7.21 3.06 -0.57
CA PHE A 75 7.90 2.07 0.25
C PHE A 75 9.02 1.32 -0.50
N ALA A 76 8.79 0.78 -1.71
CA ALA A 76 9.83 0.21 -2.57
C ALA A 76 10.89 1.26 -2.97
N ALA A 77 10.48 2.50 -3.30
CA ALA A 77 11.37 3.65 -3.53
C ALA A 77 12.23 4.01 -2.29
N TRP A 78 11.64 3.98 -1.08
CA TRP A 78 12.28 4.13 0.25
C TRP A 78 13.29 3.00 0.55
N VAL A 79 12.88 1.73 0.43
CA VAL A 79 13.74 0.52 0.53
C VAL A 79 14.93 0.60 -0.44
N LYS A 80 14.72 0.87 -1.74
CA LYS A 80 15.78 1.05 -2.76
C LYS A 80 16.71 2.26 -2.51
N GLU A 81 16.20 3.37 -1.97
CA GLU A 81 16.96 4.57 -1.50
C GLU A 81 17.96 4.22 -0.35
N ASN A 82 17.76 3.09 0.34
CA ASN A 82 18.64 2.49 1.36
C ASN A 82 19.53 1.34 0.79
N LEU A 83 18.90 0.29 0.23
CA LEU A 83 19.51 -0.98 -0.21
C LEU A 83 20.12 -1.03 -1.63
N ASP A 84 19.61 -0.24 -2.58
CA ASP A 84 20.16 -0.04 -3.94
C ASP A 84 20.98 1.28 -4.08
N ALA A 85 21.20 1.99 -2.96
CA ALA A 85 21.85 3.30 -2.77
C ALA A 85 23.27 3.41 -3.37
N GLY B 1 -19.45 15.91 -33.37
CA GLY B 1 -18.69 16.69 -34.36
C GLY B 1 -17.65 15.79 -34.96
N ALA B 2 -16.42 15.89 -34.44
CA ALA B 2 -15.27 15.01 -34.72
C ALA B 2 -14.60 14.74 -33.35
N GLU B 3 -14.76 13.52 -32.83
CA GLU B 3 -14.33 13.10 -31.49
C GLU B 3 -13.66 11.70 -31.51
N ASP B 4 -12.39 11.61 -31.08
CA ASP B 4 -11.55 10.41 -31.19
C ASP B 4 -11.47 9.58 -29.87
N ALA B 5 -11.89 8.32 -29.94
CA ALA B 5 -12.07 7.40 -28.80
C ALA B 5 -10.87 6.43 -28.62
N GLN B 6 -9.86 6.87 -27.85
CA GLN B 6 -8.69 6.08 -27.38
C GLN B 6 -8.48 6.14 -25.84
N ASP B 7 -8.28 5.01 -25.17
CA ASP B 7 -8.08 4.86 -23.72
C ASP B 7 -7.08 3.71 -23.36
N ASP B 8 -5.81 4.06 -23.15
CA ASP B 8 -4.75 3.16 -22.65
C ASP B 8 -4.99 2.68 -21.19
N LEU B 9 -4.58 1.43 -20.89
CA LEU B 9 -4.61 0.85 -19.53
C LEU B 9 -3.44 1.33 -18.66
N VAL B 10 -3.70 2.34 -17.80
CA VAL B 10 -2.79 2.86 -16.76
C VAL B 10 -2.84 2.09 -15.42
N PRO B 11 -3.97 1.49 -14.93
CA PRO B 11 -4.00 0.62 -13.75
C PRO B 11 -3.50 -0.80 -14.13
N SER B 12 -2.18 -0.93 -14.30
CA SER B 12 -1.47 -2.14 -14.82
C SER B 12 -1.03 -3.13 -13.72
N ILE B 13 -0.54 -4.32 -14.09
CA ILE B 13 -0.23 -5.47 -13.19
C ILE B 13 1.25 -5.94 -13.30
N GLN B 14 2.14 -5.21 -12.62
CA GLN B 14 3.58 -5.40 -12.37
C GLN B 14 3.97 -4.58 -11.10
N ASP B 15 4.71 -5.13 -10.12
CA ASP B 15 4.93 -4.46 -8.82
C ASP B 15 6.26 -3.67 -8.64
N ASP B 16 6.15 -2.36 -8.84
CA ASP B 16 7.10 -1.26 -8.63
C ASP B 16 6.34 0.07 -8.35
N GLY B 17 6.43 1.03 -9.27
CA GLY B 17 5.77 2.35 -9.34
C GLY B 17 4.22 2.43 -9.34
N SER B 18 3.49 1.33 -9.12
CA SER B 18 2.01 1.22 -9.23
C SER B 18 1.21 1.99 -8.15
N GLU B 19 0.17 2.71 -8.57
CA GLU B 19 -0.67 3.65 -7.77
C GLU B 19 -2.21 3.38 -7.81
N SER B 20 -2.66 2.17 -8.20
CA SER B 20 -4.10 1.82 -8.40
C SER B 20 -4.63 0.63 -7.57
N GLY B 21 -5.94 0.63 -7.29
CA GLY B 21 -6.68 -0.49 -6.66
C GLY B 21 -8.10 -0.22 -6.18
N ALA B 22 -8.52 1.04 -6.00
CA ALA B 22 -9.87 1.46 -5.58
C ALA B 22 -10.36 0.79 -4.26
N CYS B 23 -9.43 0.53 -3.33
CA CYS B 23 -9.70 -0.02 -2.00
C CYS B 23 -10.36 1.10 -1.15
N LYS B 24 -11.58 0.79 -0.68
CA LYS B 24 -12.58 1.66 0.00
C LYS B 24 -13.88 0.88 0.32
N ILE B 25 -14.62 1.38 1.32
CA ILE B 25 -15.98 0.99 1.79
C ILE B 25 -17.02 0.74 0.68
N MET A 1 11.19 1.38 14.02
CA MET A 1 10.17 1.75 13.02
C MET A 1 8.79 1.22 13.39
N GLN A 2 7.75 2.07 13.31
CA GLN A 2 6.33 1.68 13.46
C GLN A 2 5.52 1.98 12.17
N THR A 3 4.92 0.96 11.57
CA THR A 3 4.21 0.99 10.26
C THR A 3 2.76 0.51 10.37
N VAL A 4 1.79 1.33 9.95
CA VAL A 4 0.32 1.13 10.04
C VAL A 4 -0.30 1.03 8.63
N ILE A 5 -1.12 0.00 8.41
CA ILE A 5 -1.66 -0.46 7.10
C ILE A 5 -3.21 -0.48 7.08
N PHE A 6 -3.83 0.20 6.10
CA PHE A 6 -5.28 0.44 6.01
C PHE A 6 -5.99 -0.30 4.85
N GLY A 7 -6.66 -1.42 5.16
CA GLY A 7 -7.56 -2.21 4.29
C GLY A 7 -6.94 -3.17 3.24
N ARG A 8 -6.40 -4.34 3.64
CA ARG A 8 -5.78 -5.39 2.77
C ARG A 8 -6.78 -6.13 1.84
N SER A 9 -8.02 -6.28 2.27
CA SER A 9 -9.07 -7.11 1.66
C SER A 9 -9.49 -6.76 0.21
N GLY A 10 -9.46 -7.79 -0.64
CA GLY A 10 -10.00 -7.79 -2.01
C GLY A 10 -9.29 -6.99 -3.12
N CYS A 11 -8.22 -6.22 -2.84
CA CYS A 11 -7.42 -5.50 -3.85
C CYS A 11 -5.91 -5.89 -3.78
N PRO A 12 -5.30 -6.40 -4.90
CA PRO A 12 -3.93 -6.94 -4.91
C PRO A 12 -2.84 -5.91 -4.53
N TYR A 13 -3.09 -4.65 -4.84
CA TYR A 13 -2.36 -3.42 -4.48
C TYR A 13 -2.11 -3.29 -2.97
N SER A 14 -3.19 -3.44 -2.17
CA SER A 14 -3.19 -3.45 -0.70
C SER A 14 -2.57 -4.72 -0.09
N VAL A 15 -2.77 -5.90 -0.71
CA VAL A 15 -2.06 -7.16 -0.33
C VAL A 15 -0.55 -7.02 -0.46
N ARG A 16 0.01 -6.63 -1.63
CA ARG A 16 1.47 -6.40 -1.79
C ARG A 16 2.01 -5.36 -0.80
N ALA A 17 1.29 -4.24 -0.59
CA ALA A 17 1.61 -3.21 0.41
C ALA A 17 1.74 -3.73 1.87
N LYS A 18 0.75 -4.49 2.39
CA LYS A 18 0.81 -5.20 3.69
C LYS A 18 1.94 -6.23 3.77
N ASP A 19 2.03 -7.09 2.76
CA ASP A 19 3.01 -8.18 2.61
C ASP A 19 4.48 -7.69 2.56
N LEU A 20 4.77 -6.55 1.91
CA LEU A 20 6.06 -5.84 1.95
C LEU A 20 6.46 -5.37 3.38
N ALA A 21 5.53 -4.82 4.17
CA ALA A 21 5.73 -4.51 5.60
C ALA A 21 5.98 -5.78 6.47
N GLU A 22 5.22 -6.86 6.25
CA GLU A 22 5.42 -8.21 6.82
C GLU A 22 6.81 -8.83 6.53
N LYS A 23 7.28 -8.73 5.27
CA LYS A 23 8.64 -9.08 4.78
C LYS A 23 9.72 -8.39 5.63
N LEU A 24 9.68 -7.06 5.74
CA LEU A 24 10.56 -6.22 6.57
C LEU A 24 10.49 -6.56 8.08
N SER A 25 9.28 -6.73 8.67
CA SER A 25 9.08 -7.16 10.08
C SER A 25 9.65 -8.56 10.40
N ASN A 26 9.59 -9.50 9.44
CA ASN A 26 10.27 -10.80 9.50
C ASN A 26 11.82 -10.66 9.40
N GLU A 27 12.31 -9.93 8.40
CA GLU A 27 13.73 -9.74 8.05
C GLU A 27 14.53 -8.83 9.04
N ARG A 28 13.87 -8.00 9.87
CA ARG A 28 14.48 -7.01 10.79
C ARG A 28 14.06 -7.14 12.27
N ASP A 29 14.75 -6.37 13.11
CA ASP A 29 14.59 -6.13 14.54
C ASP A 29 13.64 -4.95 14.90
N ASP A 30 13.87 -3.79 14.28
CA ASP A 30 13.30 -2.44 14.54
C ASP A 30 11.84 -2.19 14.10
N PHE A 31 11.42 -2.96 13.10
CA PHE A 31 10.19 -2.74 12.32
C PHE A 31 8.98 -3.56 12.83
N GLN A 32 8.08 -2.84 13.55
CA GLN A 32 6.76 -3.26 14.01
C GLN A 32 5.59 -2.83 13.10
N TYR A 33 4.69 -3.75 12.82
CA TYR A 33 3.52 -3.65 11.91
C TYR A 33 2.14 -3.63 12.62
N GLN A 34 1.22 -2.79 12.15
CA GLN A 34 -0.19 -2.70 12.58
C GLN A 34 -1.10 -2.78 11.33
N TYR A 35 -2.14 -3.61 11.38
CA TYR A 35 -3.10 -3.83 10.28
C TYR A 35 -4.55 -3.51 10.69
N VAL A 36 -5.21 -2.60 9.96
CA VAL A 36 -6.58 -2.09 10.18
C VAL A 36 -7.43 -2.22 8.92
N ASP A 37 -8.41 -3.14 8.91
CA ASP A 37 -9.41 -3.25 7.82
C ASP A 37 -10.43 -2.08 7.75
N ILE A 38 -10.04 -0.98 7.10
CA ILE A 38 -10.94 0.15 6.75
C ILE A 38 -12.16 -0.33 5.95
N ARG A 39 -11.97 -1.32 5.07
CA ARG A 39 -12.98 -2.11 4.31
C ARG A 39 -13.90 -3.01 5.18
N ALA A 40 -13.59 -3.24 6.47
CA ALA A 40 -14.45 -4.01 7.40
C ALA A 40 -14.92 -3.20 8.64
N GLU A 41 -14.01 -2.47 9.29
CA GLU A 41 -14.19 -1.50 10.39
C GLU A 41 -15.08 -0.26 10.06
N GLY A 42 -15.30 0.05 8.76
CA GLY A 42 -16.20 1.10 8.25
C GLY A 42 -15.55 2.48 8.03
N ILE A 43 -14.40 2.53 7.34
CA ILE A 43 -13.58 3.74 7.05
C ILE A 43 -13.18 3.75 5.57
N THR A 44 -13.03 4.95 5.01
CA THR A 44 -12.87 5.20 3.55
C THR A 44 -11.73 6.16 3.16
N LYS A 45 -11.38 6.18 1.86
CA LYS A 45 -10.46 7.13 1.18
C LYS A 45 -10.76 8.61 1.50
N GLU A 46 -12.03 8.97 1.55
CA GLU A 46 -12.61 10.28 1.91
C GLU A 46 -12.36 10.70 3.39
N ASP A 47 -12.07 9.76 4.29
CA ASP A 47 -11.61 9.96 5.68
C ASP A 47 -10.05 9.94 5.76
N LEU A 48 -9.43 8.92 5.14
CA LEU A 48 -7.97 8.70 5.05
C LEU A 48 -7.19 9.91 4.49
N GLN A 49 -7.55 10.50 3.34
CA GLN A 49 -6.93 11.76 2.82
C GLN A 49 -6.91 12.94 3.83
N GLN A 50 -7.92 13.03 4.70
CA GLN A 50 -8.02 14.02 5.79
C GLN A 50 -7.06 13.68 6.95
N LYS A 51 -7.18 12.46 7.52
CA LYS A 51 -6.28 11.85 8.54
C LYS A 51 -4.78 11.82 8.13
N ALA A 52 -4.47 11.57 6.86
CA ALA A 52 -3.16 11.62 6.18
C ALA A 52 -2.63 13.04 5.84
N GLY A 53 -3.46 14.08 5.98
CA GLY A 53 -3.18 15.46 5.52
C GLY A 53 -3.33 15.61 3.99
N LYS A 54 -2.63 14.75 3.23
CA LYS A 54 -2.46 14.73 1.76
C LYS A 54 -3.76 14.33 1.01
N PRO A 55 -4.17 15.10 -0.03
CA PRO A 55 -5.26 14.72 -0.95
C PRO A 55 -4.88 13.47 -1.79
N VAL A 56 -5.10 12.28 -1.22
CA VAL A 56 -5.02 10.96 -1.92
C VAL A 56 -6.28 10.70 -2.75
N GLU A 57 -6.14 9.96 -3.85
CA GLU A 57 -7.24 9.51 -4.72
C GLU A 57 -7.38 7.97 -4.85
N THR A 58 -6.32 7.22 -4.51
CA THR A 58 -6.10 5.78 -4.74
C THR A 58 -5.30 5.07 -3.63
N VAL A 59 -5.11 3.74 -3.80
CA VAL A 59 -4.20 2.86 -3.03
C VAL A 59 -2.74 2.89 -3.59
N PRO A 60 -1.72 2.45 -2.83
CA PRO A 60 -1.78 1.97 -1.43
C PRO A 60 -2.15 3.05 -0.38
N GLN A 61 -2.48 2.60 0.84
CA GLN A 61 -2.86 3.42 2.01
C GLN A 61 -2.17 2.92 3.31
N ILE A 62 -0.90 3.33 3.46
CA ILE A 62 -0.01 3.11 4.61
C ILE A 62 0.46 4.43 5.27
N PHE A 63 0.78 4.34 6.56
CA PHE A 63 1.43 5.35 7.40
C PHE A 63 2.68 4.72 8.07
N VAL A 64 3.88 5.15 7.68
CA VAL A 64 5.15 4.80 8.33
C VAL A 64 5.54 5.91 9.33
N ASP A 65 6.15 5.55 10.47
CA ASP A 65 6.54 6.44 11.57
C ASP A 65 5.45 7.45 12.07
N GLN A 66 4.16 7.13 11.83
CA GLN A 66 2.90 7.92 12.03
C GLN A 66 2.62 9.06 11.00
N GLN A 67 3.45 9.23 9.96
CA GLN A 67 3.23 10.09 8.77
C GLN A 67 2.65 9.28 7.58
N HIS A 68 2.03 9.93 6.60
CA HIS A 68 1.55 9.27 5.36
C HIS A 68 2.70 8.95 4.38
N ILE A 69 3.05 7.67 4.25
CA ILE A 69 3.96 7.06 3.23
C ILE A 69 3.11 6.04 2.46
N GLY A 70 2.66 6.37 1.25
CA GLY A 70 1.68 5.65 0.41
C GLY A 70 1.54 4.14 0.66
N GLY A 71 2.65 3.41 0.51
CA GLY A 71 2.79 1.95 0.66
C GLY A 71 3.59 1.35 -0.50
N TYR A 72 3.19 0.21 -1.03
CA TYR A 72 3.88 -0.61 -2.05
C TYR A 72 4.77 0.18 -3.05
N THR A 73 4.26 1.20 -3.74
CA THR A 73 5.03 2.12 -4.62
C THR A 73 6.07 3.02 -3.89
N ASP A 74 5.59 3.92 -3.00
CA ASP A 74 6.30 4.87 -2.11
C ASP A 74 7.42 4.15 -1.28
N PHE A 75 7.02 3.08 -0.59
CA PHE A 75 7.79 2.15 0.24
C PHE A 75 8.91 1.37 -0.50
N ALA A 76 8.69 0.97 -1.76
CA ALA A 76 9.72 0.41 -2.64
C ALA A 76 10.81 1.46 -3.07
N ALA A 77 10.44 2.72 -3.32
CA ALA A 77 11.39 3.84 -3.52
C ALA A 77 12.31 4.07 -2.30
N TRP A 78 11.75 4.05 -1.08
CA TRP A 78 12.47 4.02 0.22
C TRP A 78 13.47 2.85 0.35
N VAL A 79 13.02 1.60 0.08
CA VAL A 79 13.87 0.39 0.02
C VAL A 79 15.03 0.51 -1.00
N LYS A 80 14.78 0.95 -2.25
CA LYS A 80 15.83 1.30 -3.24
C LYS A 80 16.83 2.36 -2.70
N GLU A 81 16.32 3.45 -2.12
CA GLU A 81 17.06 4.50 -1.36
C GLU A 81 17.88 4.01 -0.13
N ASN A 82 17.71 2.75 0.31
CA ASN A 82 18.54 2.04 1.31
C ASN A 82 19.54 1.04 0.67
N LEU A 83 19.06 0.18 -0.25
CA LEU A 83 19.75 -0.98 -0.87
C LEU A 83 20.45 -0.68 -2.22
N ASP A 84 19.72 -0.18 -3.23
CA ASP A 84 20.22 0.34 -4.52
C ASP A 84 20.94 1.73 -4.43
N ALA A 85 21.04 2.32 -3.24
CA ALA A 85 21.75 3.56 -2.86
C ALA A 85 23.28 3.54 -3.11
N GLY B 1 -16.20 -17.82 -30.31
CA GLY B 1 -17.30 -17.12 -30.99
C GLY B 1 -17.04 -15.65 -30.93
N ALA B 2 -17.68 -14.96 -29.96
CA ALA B 2 -17.42 -13.58 -29.56
C ALA B 2 -17.49 -13.51 -28.02
N GLU B 3 -16.31 -13.41 -27.37
CA GLU B 3 -16.07 -13.52 -25.92
C GLU B 3 -15.04 -12.48 -25.39
N ASP B 4 -14.86 -12.41 -24.06
CA ASP B 4 -13.87 -11.52 -23.41
C ASP B 4 -12.56 -12.28 -23.07
N ALA B 5 -11.60 -12.15 -23.99
CA ALA B 5 -10.28 -12.77 -23.97
C ALA B 5 -9.18 -11.69 -23.80
N GLN B 6 -8.87 -11.33 -22.54
CA GLN B 6 -7.92 -10.30 -22.10
C GLN B 6 -6.88 -10.85 -21.08
N ASP B 7 -5.64 -10.35 -21.14
CA ASP B 7 -4.49 -10.74 -20.31
C ASP B 7 -4.03 -9.70 -19.25
N ASP B 8 -3.33 -10.20 -18.23
CA ASP B 8 -2.70 -9.54 -17.07
C ASP B 8 -1.19 -9.86 -16.93
N LEU B 9 -0.47 -9.23 -15.99
CA LEU B 9 1.00 -9.34 -15.83
C LEU B 9 1.55 -10.81 -15.70
N VAL B 10 1.99 -11.35 -16.85
CA VAL B 10 2.62 -12.68 -17.12
C VAL B 10 3.85 -12.70 -18.07
N PRO B 11 4.19 -11.66 -18.89
CA PRO B 11 5.44 -11.61 -19.68
C PRO B 11 6.65 -11.01 -18.91
N SER B 12 6.44 -10.08 -17.97
CA SER B 12 7.42 -9.52 -17.00
C SER B 12 6.73 -9.02 -15.72
N ILE B 13 7.28 -9.34 -14.54
CA ILE B 13 6.70 -9.00 -13.22
C ILE B 13 7.70 -8.39 -12.20
N GLN B 14 7.95 -7.08 -12.33
CA GLN B 14 8.68 -6.20 -11.39
C GLN B 14 7.65 -5.60 -10.39
N ASP B 15 7.87 -5.70 -9.07
CA ASP B 15 7.00 -5.10 -8.04
C ASP B 15 7.67 -3.88 -7.33
N ASP B 16 7.38 -2.66 -7.82
CA ASP B 16 7.78 -1.39 -7.18
C ASP B 16 7.09 -0.08 -7.64
N GLY B 17 6.32 -0.06 -8.74
CA GLY B 17 5.80 1.17 -9.37
C GLY B 17 4.34 1.16 -9.83
N SER B 18 3.40 1.02 -8.88
CA SER B 18 1.93 1.10 -9.06
C SER B 18 1.21 1.96 -8.00
N GLU B 19 0.90 3.22 -8.32
CA GLU B 19 0.20 4.22 -7.47
C GLU B 19 -1.36 4.20 -7.51
N SER B 20 -1.98 3.20 -8.16
CA SER B 20 -3.43 3.13 -8.44
C SER B 20 -4.12 1.86 -7.91
N GLY B 21 -5.46 1.82 -7.96
CA GLY B 21 -6.33 0.66 -7.65
C GLY B 21 -7.70 0.92 -6.98
N ALA B 22 -8.09 2.19 -6.76
CA ALA B 22 -9.40 2.75 -6.32
C ALA B 22 -10.09 2.12 -5.09
N CYS B 23 -9.35 1.33 -4.29
CA CYS B 23 -9.80 0.48 -3.18
C CYS B 23 -10.10 1.24 -1.86
N LYS B 24 -11.16 0.80 -1.17
CA LYS B 24 -11.72 1.21 0.15
C LYS B 24 -13.02 0.44 0.51
N ILE B 25 -13.70 0.76 1.63
CA ILE B 25 -15.05 0.24 2.04
C ILE B 25 -16.12 0.24 0.94
N MET A 1 10.94 2.06 14.25
CA MET A 1 9.99 2.06 13.11
C MET A 1 8.66 1.37 13.46
N GLN A 2 7.55 2.12 13.37
CA GLN A 2 6.15 1.67 13.54
C GLN A 2 5.32 1.86 12.26
N THR A 3 4.76 0.79 11.70
CA THR A 3 4.05 0.75 10.39
C THR A 3 2.60 0.27 10.51
N VAL A 4 1.62 1.14 10.25
CA VAL A 4 0.16 0.90 10.41
C VAL A 4 -0.53 0.87 9.03
N ILE A 5 -1.10 -0.28 8.68
CA ILE A 5 -1.67 -0.64 7.36
C ILE A 5 -3.20 -0.55 7.33
N PHE A 6 -3.75 0.24 6.40
CA PHE A 6 -5.19 0.51 6.27
C PHE A 6 -5.84 -0.24 5.08
N GLY A 7 -6.64 -1.29 5.38
CA GLY A 7 -7.51 -2.09 4.50
C GLY A 7 -6.87 -3.04 3.48
N ARG A 8 -6.43 -4.24 3.87
CA ARG A 8 -5.85 -5.29 2.98
C ARG A 8 -6.88 -5.95 2.02
N SER A 9 -8.05 -6.36 2.52
CA SER A 9 -9.12 -7.06 1.75
C SER A 9 -9.78 -6.21 0.64
N GLY A 10 -9.74 -6.74 -0.60
CA GLY A 10 -10.42 -6.23 -1.80
C GLY A 10 -9.54 -5.67 -2.94
N CYS A 11 -8.23 -5.45 -2.72
CA CYS A 11 -7.28 -4.93 -3.70
C CYS A 11 -5.82 -5.47 -3.61
N PRO A 12 -5.26 -6.04 -4.71
CA PRO A 12 -3.86 -6.53 -4.81
C PRO A 12 -2.79 -5.56 -4.31
N TYR A 13 -2.88 -4.27 -4.70
CA TYR A 13 -1.92 -3.22 -4.31
C TYR A 13 -1.84 -3.02 -2.78
N SER A 14 -2.98 -3.12 -2.09
CA SER A 14 -3.07 -3.13 -0.61
C SER A 14 -2.49 -4.43 0.00
N VAL A 15 -2.79 -5.60 -0.60
CA VAL A 15 -2.19 -6.89 -0.21
C VAL A 15 -0.67 -6.85 -0.31
N ARG A 16 -0.10 -6.43 -1.45
CA ARG A 16 1.35 -6.34 -1.66
C ARG A 16 1.98 -5.29 -0.73
N ALA A 17 1.36 -4.13 -0.51
CA ALA A 17 1.79 -3.13 0.48
C ALA A 17 1.85 -3.68 1.93
N LYS A 18 0.84 -4.44 2.37
CA LYS A 18 0.78 -5.20 3.65
C LYS A 18 1.87 -6.28 3.71
N ASP A 19 1.82 -7.24 2.80
CA ASP A 19 2.80 -8.31 2.57
C ASP A 19 4.27 -7.81 2.58
N LEU A 20 4.55 -6.68 1.91
CA LEU A 20 5.83 -5.94 1.93
C LEU A 20 6.23 -5.47 3.35
N ALA A 21 5.33 -4.83 4.11
CA ALA A 21 5.53 -4.48 5.52
C ALA A 21 5.91 -5.73 6.38
N GLU A 22 5.24 -6.88 6.17
CA GLU A 22 5.61 -8.18 6.78
C GLU A 22 7.03 -8.66 6.36
N LYS A 23 7.37 -8.55 5.05
CA LYS A 23 8.70 -8.78 4.42
C LYS A 23 9.80 -7.94 5.07
N LEU A 24 9.55 -6.65 5.32
CA LEU A 24 10.39 -5.67 6.06
C LEU A 24 10.55 -6.03 7.56
N SER A 25 9.44 -6.30 8.27
CA SER A 25 9.38 -6.83 9.67
C SER A 25 10.20 -8.12 9.86
N ASN A 26 10.14 -9.06 8.92
CA ASN A 26 10.98 -10.27 8.86
C ASN A 26 12.48 -9.94 8.61
N GLU A 27 12.77 -9.09 7.61
CA GLU A 27 14.12 -8.69 7.16
C GLU A 27 14.93 -7.93 8.24
N ARG A 28 14.30 -6.96 8.92
CA ARG A 28 14.91 -6.00 9.88
C ARG A 28 14.50 -6.20 11.35
N ASP A 29 15.13 -5.45 12.26
CA ASP A 29 14.87 -5.43 13.72
C ASP A 29 13.93 -4.29 14.19
N ASP A 30 14.11 -3.08 13.64
CA ASP A 30 13.48 -1.80 14.03
C ASP A 30 12.00 -1.61 13.64
N PHE A 31 11.52 -2.50 12.77
CA PHE A 31 10.22 -2.46 12.10
C PHE A 31 9.13 -3.33 12.77
N GLN A 32 8.15 -2.66 13.36
CA GLN A 32 6.94 -3.17 14.04
C GLN A 32 5.67 -2.81 13.24
N TYR A 33 4.93 -3.80 12.76
CA TYR A 33 3.78 -3.71 11.84
C TYR A 33 2.38 -3.98 12.46
N GLN A 34 1.38 -3.17 12.11
CA GLN A 34 0.00 -3.19 12.62
C GLN A 34 -1.01 -3.18 11.44
N TYR A 35 -2.07 -3.98 11.55
CA TYR A 35 -3.16 -4.14 10.56
C TYR A 35 -4.48 -3.47 11.04
N VAL A 36 -5.04 -2.56 10.24
CA VAL A 36 -6.31 -1.82 10.46
C VAL A 36 -7.26 -1.96 9.25
N ASP A 37 -8.53 -2.28 9.49
CA ASP A 37 -9.60 -2.42 8.50
C ASP A 37 -10.37 -1.11 8.15
N ILE A 38 -10.17 -0.55 6.96
CA ILE A 38 -10.97 0.59 6.43
C ILE A 38 -12.40 0.14 6.06
N ARG A 39 -12.51 -1.13 5.60
CA ARG A 39 -13.68 -1.93 5.24
C ARG A 39 -14.48 -2.47 6.44
N ALA A 40 -14.01 -2.21 7.67
CA ALA A 40 -14.71 -2.49 8.94
C ALA A 40 -14.85 -1.24 9.85
N GLU A 41 -13.76 -0.51 10.10
CA GLU A 41 -13.72 0.76 10.88
C GLU A 41 -14.52 1.95 10.25
N GLY A 42 -14.96 1.81 8.98
CA GLY A 42 -15.82 2.73 8.22
C GLY A 42 -15.03 3.86 7.56
N ILE A 43 -14.16 3.51 6.60
CA ILE A 43 -13.18 4.41 5.94
C ILE A 43 -12.99 4.06 4.45
N THR A 44 -12.44 5.03 3.72
CA THR A 44 -12.20 5.09 2.27
C THR A 44 -10.93 5.90 1.91
N LYS A 45 -10.40 5.75 0.68
CA LYS A 45 -9.27 6.56 0.15
C LYS A 45 -9.49 8.09 0.16
N GLU A 46 -10.74 8.57 0.09
CA GLU A 46 -11.09 10.00 0.24
C GLU A 46 -10.81 10.51 1.68
N ASP A 47 -11.16 9.73 2.72
CA ASP A 47 -10.86 9.96 4.14
C ASP A 47 -9.34 9.97 4.42
N LEU A 48 -8.66 8.89 3.99
CA LEU A 48 -7.25 8.62 4.27
C LEU A 48 -6.28 9.70 3.77
N GLN A 49 -6.57 10.45 2.68
CA GLN A 49 -5.74 11.63 2.28
C GLN A 49 -5.90 12.80 3.30
N GLN A 50 -7.11 12.96 3.88
CA GLN A 50 -7.55 14.08 4.75
C GLN A 50 -6.99 13.98 6.18
N LYS A 51 -7.38 12.98 6.99
CA LYS A 51 -6.83 12.74 8.35
C LYS A 51 -5.28 12.63 8.39
N ALA A 52 -4.66 12.28 7.26
CA ALA A 52 -3.22 12.25 6.99
C ALA A 52 -2.56 13.60 6.59
N GLY A 53 -3.23 14.43 5.77
CA GLY A 53 -2.67 15.65 5.16
C GLY A 53 -1.69 15.39 3.99
N LYS A 54 -1.66 14.15 3.46
CA LYS A 54 -0.83 13.66 2.33
C LYS A 54 -1.74 13.48 1.08
N PRO A 55 -1.53 14.21 -0.04
CA PRO A 55 -2.45 14.23 -1.19
C PRO A 55 -2.45 12.92 -2.02
N VAL A 56 -3.20 11.92 -1.56
CA VAL A 56 -3.40 10.61 -2.24
C VAL A 56 -4.52 10.62 -3.30
N GLU A 57 -4.48 9.65 -4.22
CA GLU A 57 -5.44 9.41 -5.30
C GLU A 57 -6.19 8.06 -5.13
N THR A 58 -5.43 7.00 -4.86
CA THR A 58 -5.75 5.55 -4.81
C THR A 58 -4.86 4.78 -3.81
N VAL A 59 -5.03 3.45 -3.72
CA VAL A 59 -4.27 2.57 -2.79
C VAL A 59 -2.89 2.19 -3.40
N PRO A 60 -1.88 1.85 -2.56
CA PRO A 60 -1.96 1.62 -1.10
C PRO A 60 -2.18 2.86 -0.20
N GLN A 61 -2.47 2.60 1.08
CA GLN A 61 -2.76 3.53 2.18
C GLN A 61 -2.17 2.99 3.51
N ILE A 62 -0.87 3.23 3.70
CA ILE A 62 -0.04 2.94 4.91
C ILE A 62 0.39 4.19 5.74
N PHE A 63 0.61 4.01 7.05
CA PHE A 63 1.10 5.02 8.00
C PHE A 63 2.36 4.51 8.74
N VAL A 64 3.54 4.80 8.19
CA VAL A 64 4.87 4.55 8.80
C VAL A 64 5.19 5.71 9.77
N ASP A 65 5.90 5.48 10.87
CA ASP A 65 6.14 6.46 11.94
C ASP A 65 4.86 7.20 12.46
N GLN A 66 3.66 6.61 12.29
CA GLN A 66 2.31 7.18 12.56
C GLN A 66 1.95 8.41 11.68
N GLN A 67 2.55 8.48 10.48
CA GLN A 67 2.48 9.49 9.41
C GLN A 67 2.25 8.78 8.04
N HIS A 68 1.34 9.29 7.20
CA HIS A 68 0.93 8.61 5.96
C HIS A 68 2.00 8.55 4.86
N ILE A 69 2.54 7.36 4.66
CA ILE A 69 3.45 6.89 3.58
C ILE A 69 2.64 5.98 2.65
N GLY A 70 2.60 6.24 1.34
CA GLY A 70 1.78 5.51 0.35
C GLY A 70 1.56 4.02 0.67
N GLY A 71 2.64 3.25 0.67
CA GLY A 71 2.72 1.79 0.78
C GLY A 71 3.58 1.22 -0.34
N TYR A 72 3.24 0.09 -0.94
CA TYR A 72 3.99 -0.63 -2.01
C TYR A 72 4.79 0.27 -3.00
N THR A 73 4.21 1.37 -3.51
CA THR A 73 4.87 2.43 -4.32
C THR A 73 5.98 3.22 -3.59
N ASP A 74 5.61 3.93 -2.51
CA ASP A 74 6.46 4.65 -1.54
C ASP A 74 7.53 3.74 -0.88
N PHE A 75 7.09 2.63 -0.27
CA PHE A 75 7.90 1.53 0.29
C PHE A 75 8.93 0.92 -0.67
N ALA A 76 8.56 0.60 -1.92
CA ALA A 76 9.54 0.17 -2.94
C ALA A 76 10.62 1.24 -3.18
N ALA A 77 10.24 2.52 -3.38
CA ALA A 77 11.18 3.65 -3.47
C ALA A 77 12.10 3.82 -2.22
N TRP A 78 11.57 3.64 -1.00
CA TRP A 78 12.30 3.58 0.29
C TRP A 78 13.33 2.42 0.32
N VAL A 79 12.87 1.19 0.04
CA VAL A 79 13.70 -0.03 -0.15
C VAL A 79 14.81 0.18 -1.19
N LYS A 80 14.52 0.81 -2.34
CA LYS A 80 15.51 1.23 -3.36
C LYS A 80 16.56 2.17 -2.75
N GLU A 81 16.14 3.28 -2.13
CA GLU A 81 16.97 4.21 -1.34
C GLU A 81 17.83 3.57 -0.21
N ASN A 82 17.57 2.31 0.18
CA ASN A 82 18.39 1.49 1.09
C ASN A 82 19.32 0.49 0.34
N LEU A 83 18.73 -0.43 -0.46
CA LEU A 83 19.36 -1.57 -1.14
C LEU A 83 19.96 -1.29 -2.53
N ASP A 84 19.28 -0.50 -3.37
CA ASP A 84 19.65 -0.03 -4.72
C ASP A 84 20.37 1.37 -4.73
N ALA A 85 20.61 1.92 -3.53
CA ALA A 85 21.14 3.22 -3.13
C ALA A 85 22.53 3.57 -3.70
N GLY B 1 -10.19 -3.99 -31.22
CA GLY B 1 -11.12 -4.96 -31.85
C GLY B 1 -11.39 -6.08 -30.86
N ALA B 2 -10.76 -7.23 -31.10
CA ALA B 2 -10.73 -8.37 -30.18
C ALA B 2 -9.27 -8.88 -30.16
N GLU B 3 -8.58 -8.60 -29.07
CA GLU B 3 -7.16 -8.87 -28.79
C GLU B 3 -6.89 -9.41 -27.36
N ASP B 4 -5.77 -10.11 -27.13
CA ASP B 4 -5.40 -10.75 -25.85
C ASP B 4 -4.05 -10.27 -25.27
N ALA B 5 -4.08 -9.34 -24.30
CA ALA B 5 -2.94 -8.83 -23.52
C ALA B 5 -2.83 -9.55 -22.15
N GLN B 6 -2.10 -10.66 -22.11
CA GLN B 6 -1.98 -11.59 -20.97
C GLN B 6 -0.52 -11.84 -20.53
N ASP B 7 -0.18 -11.37 -19.34
CA ASP B 7 1.14 -11.39 -18.70
C ASP B 7 1.23 -12.53 -17.66
N ASP B 8 1.65 -13.71 -18.12
CA ASP B 8 1.90 -14.93 -17.31
C ASP B 8 3.03 -14.70 -16.26
N LEU B 9 2.67 -14.90 -14.98
CA LEU B 9 3.52 -14.93 -13.78
C LEU B 9 2.77 -15.61 -12.60
N VAL B 10 3.03 -16.90 -12.37
CA VAL B 10 2.54 -17.66 -11.20
C VAL B 10 3.24 -17.15 -9.92
N PRO B 11 4.59 -17.19 -9.81
CA PRO B 11 5.35 -16.55 -8.73
C PRO B 11 5.59 -15.08 -9.16
N SER B 12 4.75 -14.17 -8.69
CA SER B 12 4.69 -12.75 -9.09
C SER B 12 5.55 -11.82 -8.20
N ILE B 13 6.66 -11.32 -8.76
CA ILE B 13 7.63 -10.41 -8.11
C ILE B 13 7.79 -9.11 -8.94
N GLN B 14 6.80 -8.22 -8.81
CA GLN B 14 6.76 -6.84 -9.33
C GLN B 14 6.29 -5.90 -8.22
N ASP B 15 7.24 -5.21 -7.56
CA ASP B 15 7.03 -4.32 -6.41
C ASP B 15 7.72 -2.96 -6.62
N ASP B 16 6.98 -1.94 -7.06
CA ASP B 16 7.45 -0.61 -7.50
C ASP B 16 6.40 0.54 -7.37
N GLY B 17 6.79 1.76 -7.78
CA GLY B 17 6.20 3.12 -7.72
C GLY B 17 4.78 3.37 -8.25
N SER B 18 3.93 2.35 -8.26
CA SER B 18 2.50 2.35 -8.67
C SER B 18 1.45 2.53 -7.55
N GLU B 19 0.57 3.54 -7.67
CA GLU B 19 -0.62 3.81 -6.82
C GLU B 19 -1.90 3.61 -7.66
N SER B 20 -2.63 2.51 -7.41
CA SER B 20 -3.94 2.19 -8.01
C SER B 20 -4.74 1.11 -7.26
N GLY B 21 -6.06 1.21 -7.33
CA GLY B 21 -7.05 0.21 -6.85
C GLY B 21 -8.42 0.71 -6.38
N ALA B 22 -8.59 2.02 -6.09
CA ALA B 22 -9.89 2.65 -5.75
C ALA B 22 -10.66 1.96 -4.59
N CYS B 23 -9.90 1.32 -3.70
CA CYS B 23 -10.31 0.43 -2.60
C CYS B 23 -10.96 1.23 -1.45
N LYS B 24 -12.14 0.77 -1.00
CA LYS B 24 -13.06 1.46 -0.04
C LYS B 24 -14.37 0.71 0.26
N ILE B 25 -14.61 0.48 1.56
CA ILE B 25 -15.83 -0.05 2.25
C ILE B 25 -16.69 -1.07 1.48
N MET A 1 10.72 1.72 14.99
CA MET A 1 10.00 1.78 13.70
C MET A 1 8.65 1.06 13.78
N GLN A 2 7.55 1.77 13.57
CA GLN A 2 6.18 1.24 13.44
C GLN A 2 5.53 1.54 12.07
N THR A 3 5.10 0.51 11.35
CA THR A 3 4.41 0.65 10.04
C THR A 3 2.94 0.18 10.12
N VAL A 4 1.99 1.10 9.91
CA VAL A 4 0.52 0.91 10.07
C VAL A 4 -0.15 0.94 8.69
N ILE A 5 -0.88 -0.12 8.37
CA ILE A 5 -1.49 -0.46 7.07
C ILE A 5 -3.03 -0.35 7.03
N PHE A 6 -3.58 0.39 6.06
CA PHE A 6 -5.03 0.55 5.81
C PHE A 6 -5.53 -0.22 4.57
N GLY A 7 -6.41 -1.22 4.80
CA GLY A 7 -7.14 -1.96 3.76
C GLY A 7 -6.41 -3.00 2.87
N ARG A 8 -6.03 -4.15 3.43
CA ARG A 8 -5.48 -5.36 2.75
C ARG A 8 -6.60 -6.18 2.02
N SER A 9 -7.60 -5.44 1.55
CA SER A 9 -8.91 -5.83 0.99
C SER A 9 -9.15 -5.50 -0.51
N GLY A 10 -9.44 -6.51 -1.34
CA GLY A 10 -9.87 -6.40 -2.74
C GLY A 10 -8.78 -6.05 -3.76
N CYS A 11 -8.16 -4.87 -3.63
CA CYS A 11 -6.99 -4.42 -4.39
C CYS A 11 -5.66 -5.17 -4.08
N PRO A 12 -5.08 -5.87 -5.08
CA PRO A 12 -3.92 -6.75 -4.90
C PRO A 12 -2.62 -6.01 -4.55
N TYR A 13 -2.40 -4.77 -5.01
CA TYR A 13 -1.21 -3.94 -4.63
C TYR A 13 -1.27 -3.56 -3.13
N SER A 14 -2.46 -3.26 -2.59
CA SER A 14 -2.72 -3.04 -1.15
C SER A 14 -2.31 -4.24 -0.28
N VAL A 15 -2.67 -5.47 -0.69
CA VAL A 15 -2.21 -6.74 -0.07
C VAL A 15 -0.68 -6.85 -0.16
N ARG A 16 -0.07 -6.67 -1.34
CA ARG A 16 1.40 -6.66 -1.53
C ARG A 16 2.11 -5.60 -0.66
N ALA A 17 1.57 -4.37 -0.52
CA ALA A 17 2.06 -3.33 0.40
C ALA A 17 2.13 -3.81 1.88
N LYS A 18 1.06 -4.46 2.36
CA LYS A 18 0.98 -5.16 3.67
C LYS A 18 2.05 -6.25 3.76
N ASP A 19 2.09 -7.14 2.76
CA ASP A 19 3.11 -8.19 2.58
C ASP A 19 4.57 -7.67 2.65
N LEU A 20 4.91 -6.54 1.99
CA LEU A 20 6.19 -5.82 2.07
C LEU A 20 6.56 -5.37 3.50
N ALA A 21 5.64 -4.73 4.23
CA ALA A 21 5.79 -4.41 5.66
C ALA A 21 5.99 -5.68 6.53
N GLU A 22 5.21 -6.74 6.31
CA GLU A 22 5.38 -8.07 6.91
C GLU A 22 6.77 -8.70 6.62
N LYS A 23 7.27 -8.62 5.37
CA LYS A 23 8.61 -9.05 4.86
C LYS A 23 9.76 -8.42 5.69
N LEU A 24 9.69 -7.11 5.95
CA LEU A 24 10.56 -6.31 6.84
C LEU A 24 10.43 -6.69 8.33
N SER A 25 9.21 -6.76 8.87
CA SER A 25 8.88 -7.11 10.28
C SER A 25 9.35 -8.52 10.68
N ASN A 26 9.26 -9.51 9.78
CA ASN A 26 9.80 -10.86 9.87
C ASN A 26 11.34 -10.91 9.87
N GLU A 27 11.97 -10.13 8.98
CA GLU A 27 13.42 -10.01 8.74
C GLU A 27 14.15 -9.38 9.95
N ARG A 28 13.64 -8.26 10.52
CA ARG A 28 14.30 -7.42 11.57
C ARG A 28 13.59 -7.36 12.95
N ASP A 29 14.14 -6.58 13.91
CA ASP A 29 13.58 -6.25 15.25
C ASP A 29 13.04 -4.80 15.39
N ASP A 30 13.70 -3.81 14.75
CA ASP A 30 13.43 -2.35 14.91
C ASP A 30 12.02 -1.94 14.46
N PHE A 31 11.59 -2.69 13.46
CA PHE A 31 10.43 -2.59 12.60
C PHE A 31 9.30 -3.52 13.08
N GLN A 32 8.16 -2.91 13.40
CA GLN A 32 6.92 -3.48 13.95
C GLN A 32 5.71 -3.07 13.07
N TYR A 33 4.91 -4.04 12.61
CA TYR A 33 3.81 -3.87 11.63
C TYR A 33 2.38 -4.02 12.22
N GLN A 34 1.45 -3.15 11.82
CA GLN A 34 0.04 -3.09 12.30
C GLN A 34 -0.91 -3.02 11.08
N TYR A 35 -1.98 -3.82 11.11
CA TYR A 35 -2.98 -3.94 10.04
C TYR A 35 -4.41 -3.54 10.48
N VAL A 36 -5.00 -2.58 9.76
CA VAL A 36 -6.35 -1.99 9.95
C VAL A 36 -7.24 -2.13 8.68
N ASP A 37 -8.35 -2.88 8.75
CA ASP A 37 -9.37 -3.02 7.69
C ASP A 37 -10.30 -1.82 7.46
N ILE A 38 -10.05 -1.03 6.43
CA ILE A 38 -10.92 0.09 5.96
C ILE A 38 -12.22 -0.44 5.31
N ARG A 39 -12.16 -1.60 4.62
CA ARG A 39 -13.30 -2.35 4.05
C ARG A 39 -14.07 -3.23 5.07
N ALA A 40 -13.68 -3.21 6.36
CA ALA A 40 -14.44 -3.86 7.47
C ALA A 40 -14.85 -2.86 8.58
N GLU A 41 -13.90 -2.03 9.03
CA GLU A 41 -14.09 -0.89 9.97
C GLU A 41 -15.00 0.25 9.44
N GLY A 42 -15.22 0.34 8.11
CA GLY A 42 -16.11 1.29 7.43
C GLY A 42 -15.48 2.63 7.06
N ILE A 43 -14.37 2.60 6.30
CA ILE A 43 -13.48 3.72 5.95
C ILE A 43 -13.17 3.74 4.43
N THR A 44 -12.79 4.92 3.93
CA THR A 44 -12.58 5.27 2.51
C THR A 44 -11.44 6.28 2.27
N LYS A 45 -10.98 6.42 1.01
CA LYS A 45 -10.01 7.45 0.55
C LYS A 45 -10.42 8.89 0.92
N GLU A 46 -11.73 9.16 0.99
CA GLU A 46 -12.31 10.46 1.41
C GLU A 46 -11.95 10.79 2.88
N ASP A 47 -11.96 9.79 3.78
CA ASP A 47 -11.50 9.86 5.18
C ASP A 47 -9.95 9.97 5.25
N LEU A 48 -9.27 9.01 4.64
CA LEU A 48 -7.81 8.77 4.65
C LEU A 48 -7.02 9.98 4.13
N GLN A 49 -7.40 10.61 3.01
CA GLN A 49 -6.76 11.83 2.44
C GLN A 49 -6.70 13.02 3.42
N GLN A 50 -7.72 13.19 4.27
CA GLN A 50 -7.84 14.24 5.30
C GLN A 50 -7.05 13.92 6.60
N LYS A 51 -6.91 12.63 6.97
CA LYS A 51 -6.07 12.08 8.06
C LYS A 51 -4.56 11.97 7.71
N ALA A 52 -4.25 11.83 6.41
CA ALA A 52 -2.93 11.82 5.77
C ALA A 52 -2.37 13.18 5.28
N GLY A 53 -3.22 14.18 5.02
CA GLY A 53 -2.87 15.46 4.38
C GLY A 53 -2.60 15.38 2.85
N LYS A 54 -2.21 14.19 2.37
CA LYS A 54 -2.03 13.74 0.98
C LYS A 54 -3.40 13.67 0.25
N PRO A 55 -3.61 14.32 -0.92
CA PRO A 55 -4.84 14.18 -1.71
C PRO A 55 -4.91 12.78 -2.37
N VAL A 56 -5.32 11.77 -1.60
CA VAL A 56 -5.45 10.36 -2.06
C VAL A 56 -6.80 10.07 -2.75
N GLU A 57 -6.74 9.27 -3.79
CA GLU A 57 -7.86 8.68 -4.57
C GLU A 57 -7.82 7.14 -4.64
N THR A 58 -6.61 6.59 -4.58
CA THR A 58 -6.19 5.19 -4.76
C THR A 58 -5.37 4.64 -3.59
N VAL A 59 -4.97 3.38 -3.71
CA VAL A 59 -4.05 2.61 -2.84
C VAL A 59 -2.62 2.49 -3.42
N PRO A 60 -1.62 2.10 -2.58
CA PRO A 60 -1.73 1.77 -1.15
C PRO A 60 -1.98 2.96 -0.19
N GLN A 61 -2.32 2.63 1.07
CA GLN A 61 -2.61 3.50 2.21
C GLN A 61 -1.92 3.03 3.51
N ILE A 62 -0.62 3.26 3.59
CA ILE A 62 0.27 3.06 4.77
C ILE A 62 0.69 4.37 5.49
N PHE A 63 0.94 4.26 6.80
CA PHE A 63 1.38 5.26 7.77
C PHE A 63 2.60 4.74 8.55
N VAL A 64 3.79 5.31 8.31
CA VAL A 64 5.08 4.93 8.94
C VAL A 64 5.40 5.89 10.11
N ASP A 65 5.80 5.32 11.25
CA ASP A 65 6.04 5.94 12.58
C ASP A 65 4.94 6.96 13.01
N GLN A 66 3.68 6.73 12.57
CA GLN A 66 2.37 7.44 12.72
C GLN A 66 1.98 8.45 11.59
N GLN A 67 2.74 8.59 10.49
CA GLN A 67 2.50 9.58 9.40
C GLN A 67 2.44 8.94 7.99
N HIS A 68 1.59 9.46 7.09
CA HIS A 68 1.29 8.87 5.76
C HIS A 68 2.51 8.73 4.82
N ILE A 69 2.87 7.49 4.53
CA ILE A 69 3.86 7.02 3.54
C ILE A 69 3.17 5.91 2.72
N GLY A 70 2.66 6.28 1.54
CA GLY A 70 1.85 5.51 0.59
C GLY A 70 1.69 4.01 0.81
N GLY A 71 2.79 3.25 0.75
CA GLY A 71 2.84 1.78 0.77
C GLY A 71 3.72 1.25 -0.36
N TYR A 72 3.36 0.11 -0.97
CA TYR A 72 4.14 -0.64 -1.97
C TYR A 72 4.99 0.28 -2.89
N THR A 73 4.37 1.26 -3.55
CA THR A 73 4.99 2.34 -4.36
C THR A 73 6.05 3.18 -3.62
N ASP A 74 5.67 3.87 -2.55
CA ASP A 74 6.47 4.71 -1.65
C ASP A 74 7.60 3.89 -0.96
N PHE A 75 7.21 2.84 -0.23
CA PHE A 75 8.04 1.81 0.41
C PHE A 75 9.08 1.13 -0.52
N ALA A 76 8.76 0.85 -1.80
CA ALA A 76 9.72 0.39 -2.81
C ALA A 76 10.76 1.50 -3.13
N ALA A 77 10.32 2.74 -3.42
CA ALA A 77 11.18 3.92 -3.58
C ALA A 77 12.11 4.20 -2.37
N TRP A 78 11.63 3.96 -1.14
CA TRP A 78 12.36 3.98 0.14
C TRP A 78 13.45 2.89 0.26
N VAL A 79 13.08 1.62 0.03
CA VAL A 79 14.01 0.47 -0.07
C VAL A 79 15.08 0.72 -1.14
N LYS A 80 14.69 1.16 -2.35
CA LYS A 80 15.57 1.62 -3.45
C LYS A 80 16.55 2.71 -3.00
N GLU A 81 16.06 3.80 -2.38
CA GLU A 81 16.83 4.89 -1.72
C GLU A 81 17.87 4.42 -0.67
N ASN A 82 17.76 3.20 -0.12
CA ASN A 82 18.71 2.54 0.78
C ASN A 82 19.62 1.50 0.07
N LEU A 83 19.02 0.47 -0.55
CA LEU A 83 19.66 -0.70 -1.19
C LEU A 83 20.17 -0.40 -2.62
N ASP A 84 19.29 -0.08 -3.58
CA ASP A 84 19.59 0.39 -4.96
C ASP A 84 20.20 1.83 -5.06
N ALA A 85 20.52 2.45 -3.91
CA ALA A 85 20.94 3.84 -3.66
C ALA A 85 22.13 4.37 -4.47
N GLY B 1 -19.75 4.28 -38.19
CA GLY B 1 -20.05 3.34 -39.28
C GLY B 1 -20.40 2.00 -38.67
N ALA B 2 -19.45 1.10 -38.61
CA ALA B 2 -19.49 -0.19 -37.92
C ALA B 2 -18.12 -0.35 -37.20
N GLU B 3 -18.09 -0.22 -35.87
CA GLU B 3 -16.88 -0.16 -35.03
C GLU B 3 -16.98 -0.99 -33.72
N ASP B 4 -15.83 -1.22 -33.09
CA ASP B 4 -15.62 -1.89 -31.78
C ASP B 4 -14.53 -1.17 -30.95
N ALA B 5 -14.73 -1.06 -29.63
CA ALA B 5 -13.89 -0.30 -28.71
C ALA B 5 -12.88 -1.23 -28.00
N GLN B 6 -11.72 -1.40 -28.65
CA GLN B 6 -10.64 -2.34 -28.29
C GLN B 6 -9.43 -1.58 -27.70
N ASP B 7 -9.35 -1.54 -26.37
CA ASP B 7 -8.34 -0.84 -25.55
C ASP B 7 -7.62 -1.81 -24.58
N ASP B 8 -6.28 -1.84 -24.58
CA ASP B 8 -5.47 -2.66 -23.68
C ASP B 8 -5.09 -1.97 -22.33
N LEU B 9 -4.91 -2.78 -21.28
CA LEU B 9 -4.39 -2.42 -19.95
C LEU B 9 -2.93 -1.89 -20.03
N VAL B 10 -2.72 -0.57 -19.97
CA VAL B 10 -1.37 0.04 -19.88
C VAL B 10 -0.54 -0.50 -18.69
N PRO B 11 -1.06 -0.70 -17.45
CA PRO B 11 -0.35 -1.37 -16.36
C PRO B 11 -0.40 -2.91 -16.51
N SER B 12 0.76 -3.57 -16.60
CA SER B 12 0.93 -5.05 -16.67
C SER B 12 1.10 -5.67 -15.26
N ILE B 13 1.21 -7.01 -15.14
CA ILE B 13 1.30 -7.74 -13.84
C ILE B 13 2.73 -7.63 -13.27
N GLN B 14 2.99 -6.43 -12.74
CA GLN B 14 4.24 -5.83 -12.24
C GLN B 14 4.12 -5.37 -10.78
N ASP B 15 5.09 -5.71 -9.94
CA ASP B 15 5.24 -5.23 -8.56
C ASP B 15 6.26 -4.06 -8.60
N ASP B 16 5.76 -2.81 -8.63
CA ASP B 16 6.48 -1.51 -8.63
C ASP B 16 5.59 -0.27 -8.28
N GLY B 17 6.08 0.95 -8.59
CA GLY B 17 5.58 2.30 -8.27
C GLY B 17 4.13 2.69 -8.59
N SER B 18 3.35 1.91 -9.36
CA SER B 18 1.93 2.18 -9.69
C SER B 18 0.99 2.33 -8.47
N GLU B 19 0.63 3.58 -8.13
CA GLU B 19 -0.34 3.92 -7.06
C GLU B 19 -1.81 3.81 -7.55
N SER B 20 -2.29 2.57 -7.72
CA SER B 20 -3.65 2.24 -8.20
C SER B 20 -4.28 1.02 -7.49
N GLY B 21 -5.61 1.04 -7.38
CA GLY B 21 -6.52 -0.02 -6.87
C GLY B 21 -7.93 0.43 -6.43
N ALA B 22 -8.17 1.74 -6.33
CA ALA B 22 -9.47 2.42 -6.09
C ALA B 22 -10.24 1.99 -4.81
N CYS B 23 -9.53 1.47 -3.80
CA CYS B 23 -10.03 0.84 -2.57
C CYS B 23 -10.67 1.76 -1.47
N LYS B 24 -11.74 1.23 -0.86
CA LYS B 24 -12.72 1.77 0.11
C LYS B 24 -13.80 0.71 0.44
N ILE B 25 -14.52 0.83 1.57
CA ILE B 25 -15.66 -0.04 2.00
C ILE B 25 -16.65 -0.37 0.86
N MET A 1 11.34 1.57 13.40
CA MET A 1 10.30 1.79 12.37
C MET A 1 8.98 1.11 12.73
N GLN A 2 7.87 1.86 12.80
CA GLN A 2 6.50 1.32 12.96
C GLN A 2 5.62 1.68 11.74
N THR A 3 5.07 0.68 11.06
CA THR A 3 4.33 0.82 9.76
C THR A 3 2.89 0.31 9.84
N VAL A 4 1.91 1.17 9.55
CA VAL A 4 0.44 0.95 9.70
C VAL A 4 -0.26 0.94 8.33
N ILE A 5 -1.05 -0.10 8.06
CA ILE A 5 -1.71 -0.42 6.77
C ILE A 5 -3.25 -0.38 6.88
N PHE A 6 -3.86 0.50 6.09
CA PHE A 6 -5.30 0.81 6.06
C PHE A 6 -6.02 0.09 4.91
N GLY A 7 -6.62 -1.06 5.22
CA GLY A 7 -7.42 -1.94 4.35
C GLY A 7 -6.69 -2.95 3.45
N ARG A 8 -6.07 -4.00 4.02
CA ARG A 8 -5.46 -5.14 3.28
C ARG A 8 -6.48 -5.81 2.32
N SER A 9 -7.71 -6.01 2.77
CA SER A 9 -8.82 -6.64 2.02
C SER A 9 -9.64 -5.65 1.16
N GLY A 10 -9.86 -6.02 -0.10
CA GLY A 10 -10.58 -5.28 -1.16
C GLY A 10 -9.86 -5.12 -2.52
N CYS A 11 -8.55 -5.39 -2.57
CA CYS A 11 -7.67 -5.32 -3.76
C CYS A 11 -6.33 -6.09 -3.58
N PRO A 12 -5.80 -6.81 -4.61
CA PRO A 12 -4.55 -7.59 -4.51
C PRO A 12 -3.28 -6.72 -4.30
N TYR A 13 -3.27 -5.49 -4.82
CA TYR A 13 -2.23 -4.46 -4.58
C TYR A 13 -2.08 -4.06 -3.08
N SER A 14 -3.19 -3.96 -2.35
CA SER A 14 -3.21 -3.72 -0.88
C SER A 14 -2.61 -4.85 -0.07
N VAL A 15 -2.88 -6.10 -0.47
CA VAL A 15 -2.22 -7.28 0.10
C VAL A 15 -0.71 -7.15 -0.07
N ARG A 16 -0.21 -6.88 -1.30
CA ARG A 16 1.22 -6.63 -1.57
C ARG A 16 1.81 -5.47 -0.75
N ALA A 17 1.09 -4.36 -0.59
CA ALA A 17 1.48 -3.22 0.26
C ALA A 17 1.65 -3.59 1.75
N LYS A 18 0.71 -4.37 2.32
CA LYS A 18 0.79 -4.97 3.68
C LYS A 18 1.93 -5.99 3.82
N ASP A 19 1.91 -7.01 2.96
CA ASP A 19 2.90 -8.08 2.81
C ASP A 19 4.36 -7.58 2.77
N LEU A 20 4.61 -6.45 2.12
CA LEU A 20 5.90 -5.73 2.12
C LEU A 20 6.36 -5.30 3.53
N ALA A 21 5.50 -4.59 4.29
CA ALA A 21 5.71 -4.25 5.70
C ALA A 21 5.93 -5.49 6.59
N GLU A 22 5.15 -6.56 6.40
CA GLU A 22 5.35 -7.89 7.04
C GLU A 22 6.73 -8.51 6.69
N LYS A 23 7.13 -8.55 5.41
CA LYS A 23 8.47 -8.96 4.91
C LYS A 23 9.61 -8.16 5.57
N LEU A 24 9.48 -6.83 5.65
CA LEU A 24 10.36 -5.89 6.38
C LEU A 24 10.43 -6.21 7.91
N SER A 25 9.28 -6.49 8.55
CA SER A 25 9.16 -6.97 9.95
C SER A 25 9.86 -8.31 10.20
N ASN A 26 9.71 -9.29 9.30
CA ASN A 26 10.44 -10.56 9.27
C ASN A 26 11.98 -10.35 9.08
N GLU A 27 12.35 -9.51 8.12
CA GLU A 27 13.74 -9.21 7.69
C GLU A 27 14.53 -8.52 8.84
N ARG A 28 14.01 -7.41 9.40
CA ARG A 28 14.63 -6.49 10.39
C ARG A 28 14.19 -6.68 11.85
N ASP A 29 14.97 -6.14 12.78
CA ASP A 29 14.69 -6.02 14.23
C ASP A 29 13.91 -4.71 14.55
N ASP A 30 14.31 -3.60 13.91
CA ASP A 30 13.73 -2.26 13.85
C ASP A 30 12.26 -2.12 13.45
N PHE A 31 11.78 -3.06 12.67
CA PHE A 31 10.46 -3.01 12.02
C PHE A 31 9.26 -3.75 12.66
N GLN A 32 8.31 -2.94 13.17
CA GLN A 32 6.98 -3.30 13.68
C GLN A 32 5.88 -2.92 12.66
N TYR A 33 4.96 -3.85 12.37
CA TYR A 33 3.89 -3.74 11.35
C TYR A 33 2.46 -3.86 11.96
N GLN A 34 1.52 -3.00 11.54
CA GLN A 34 0.15 -2.91 12.05
C GLN A 34 -0.90 -2.93 10.92
N TYR A 35 -1.95 -3.73 11.12
CA TYR A 35 -3.08 -3.97 10.22
C TYR A 35 -4.36 -3.29 10.75
N VAL A 36 -4.98 -2.42 9.92
CA VAL A 36 -6.24 -1.67 10.20
C VAL A 36 -7.24 -1.86 9.05
N ASP A 37 -8.43 -2.43 9.27
CA ASP A 37 -9.40 -2.82 8.22
C ASP A 37 -10.40 -1.69 7.81
N ILE A 38 -10.07 -0.90 6.79
CA ILE A 38 -10.94 0.24 6.36
C ILE A 38 -12.17 -0.23 5.55
N ARG A 39 -12.03 -1.24 4.69
CA ARG A 39 -13.13 -1.88 3.93
C ARG A 39 -14.00 -2.80 4.78
N ALA A 40 -13.54 -3.23 5.98
CA ALA A 40 -14.36 -3.98 6.95
C ALA A 40 -14.99 -3.08 8.04
N GLU A 41 -14.21 -2.23 8.72
CA GLU A 41 -14.65 -1.26 9.78
C GLU A 41 -15.50 -0.04 9.29
N GLY A 42 -15.63 0.17 7.97
CA GLY A 42 -16.52 1.18 7.33
C GLY A 42 -15.90 2.56 7.06
N ILE A 43 -14.62 2.62 6.68
CA ILE A 43 -13.77 3.81 6.45
C ILE A 43 -13.32 3.86 4.98
N THR A 44 -13.14 5.09 4.48
CA THR A 44 -12.89 5.42 3.07
C THR A 44 -11.72 6.39 2.82
N LYS A 45 -11.33 6.52 1.54
CA LYS A 45 -10.37 7.49 0.97
C LYS A 45 -10.58 8.91 1.52
N GLU A 46 -11.84 9.36 1.58
CA GLU A 46 -12.26 10.70 2.04
C GLU A 46 -11.84 10.96 3.50
N ASP A 47 -11.88 9.93 4.35
CA ASP A 47 -11.37 9.91 5.73
C ASP A 47 -9.82 9.83 5.77
N LEU A 48 -9.23 8.88 5.03
CA LEU A 48 -7.79 8.60 4.97
C LEU A 48 -6.95 9.81 4.52
N GLN A 49 -7.36 10.54 3.47
CA GLN A 49 -6.71 11.80 3.03
C GLN A 49 -6.66 12.91 4.10
N GLN A 50 -7.67 12.96 4.97
CA GLN A 50 -7.77 13.85 6.14
C GLN A 50 -6.89 13.37 7.31
N LYS A 51 -6.93 12.07 7.66
CA LYS A 51 -6.01 11.42 8.64
C LYS A 51 -4.52 11.60 8.25
N ALA A 52 -4.21 11.44 6.97
CA ALA A 52 -2.92 11.67 6.32
C ALA A 52 -2.50 13.14 6.13
N GLY A 53 -3.43 14.11 6.14
CA GLY A 53 -3.17 15.51 5.79
C GLY A 53 -2.59 15.68 4.36
N LYS A 54 -2.89 14.74 3.47
CA LYS A 54 -2.38 14.51 2.08
C LYS A 54 -3.56 14.08 1.18
N PRO A 55 -3.90 14.81 0.10
CA PRO A 55 -5.10 14.57 -0.74
C PRO A 55 -5.03 13.29 -1.59
N VAL A 56 -5.19 12.13 -0.97
CA VAL A 56 -5.23 10.80 -1.62
C VAL A 56 -6.53 10.56 -2.43
N GLU A 57 -6.43 9.77 -3.49
CA GLU A 57 -7.53 9.41 -4.43
C GLU A 57 -7.62 7.88 -4.72
N THR A 58 -6.52 7.16 -4.50
CA THR A 58 -6.22 5.74 -4.79
C THR A 58 -5.43 5.05 -3.67
N VAL A 59 -5.12 3.78 -3.89
CA VAL A 59 -4.24 2.90 -3.10
C VAL A 59 -2.82 2.83 -3.69
N PRO A 60 -1.78 2.54 -2.89
CA PRO A 60 -1.86 2.10 -1.47
C PRO A 60 -2.20 3.19 -0.44
N GLN A 61 -2.53 2.75 0.78
CA GLN A 61 -2.88 3.56 1.96
C GLN A 61 -2.19 3.06 3.24
N ILE A 62 -0.90 3.37 3.32
CA ILE A 62 0.05 3.15 4.44
C ILE A 62 0.52 4.46 5.15
N PHE A 63 0.84 4.32 6.44
CA PHE A 63 1.40 5.33 7.34
C PHE A 63 2.62 4.73 8.09
N VAL A 64 3.83 5.20 7.77
CA VAL A 64 5.10 4.83 8.43
C VAL A 64 5.41 5.85 9.54
N ASP A 65 5.90 5.40 10.69
CA ASP A 65 6.10 6.17 11.94
C ASP A 65 4.95 7.16 12.31
N GLN A 66 3.70 6.82 11.94
CA GLN A 66 2.43 7.60 12.03
C GLN A 66 2.23 8.77 11.02
N GLN A 67 3.11 8.91 10.01
CA GLN A 67 3.03 9.83 8.86
C GLN A 67 2.70 9.09 7.55
N HIS A 68 1.97 9.73 6.63
CA HIS A 68 1.59 9.16 5.33
C HIS A 68 2.80 8.92 4.40
N ILE A 69 3.02 7.65 4.09
CA ILE A 69 3.97 7.07 3.12
C ILE A 69 3.14 6.04 2.34
N GLY A 70 2.59 6.45 1.20
CA GLY A 70 1.64 5.74 0.31
C GLY A 70 1.49 4.23 0.55
N GLY A 71 2.60 3.50 0.44
CA GLY A 71 2.70 2.03 0.47
C GLY A 71 3.55 1.50 -0.67
N TYR A 72 3.19 0.37 -1.27
CA TYR A 72 3.92 -0.36 -2.33
C TYR A 72 4.72 0.56 -3.29
N THR A 73 4.14 1.61 -3.90
CA THR A 73 4.87 2.65 -4.71
C THR A 73 5.95 3.45 -3.93
N ASP A 74 5.53 4.17 -2.89
CA ASP A 74 6.30 5.05 -1.98
C ASP A 74 7.36 4.24 -1.20
N PHE A 75 6.90 3.22 -0.47
CA PHE A 75 7.66 2.19 0.23
C PHE A 75 8.68 1.44 -0.66
N ALA A 76 8.39 1.14 -1.93
CA ALA A 76 9.40 0.62 -2.87
C ALA A 76 10.52 1.64 -3.17
N ALA A 77 10.18 2.93 -3.36
CA ALA A 77 11.15 4.03 -3.47
C ALA A 77 12.00 4.17 -2.17
N TRP A 78 11.38 4.05 -0.98
CA TRP A 78 12.01 3.98 0.35
C TRP A 78 13.01 2.81 0.44
N VAL A 79 12.57 1.58 0.10
CA VAL A 79 13.38 0.35 -0.05
C VAL A 79 14.59 0.57 -0.97
N LYS A 80 14.44 1.08 -2.21
CA LYS A 80 15.56 1.48 -3.10
C LYS A 80 16.52 2.47 -2.41
N GLU A 81 15.99 3.56 -1.86
CA GLU A 81 16.66 4.59 -1.03
C GLU A 81 17.34 4.05 0.27
N ASN A 82 17.07 2.82 0.70
CA ASN A 82 17.72 2.06 1.78
C ASN A 82 18.76 1.02 1.25
N LEU A 83 18.32 0.07 0.43
CA LEU A 83 19.09 -1.05 -0.15
C LEU A 83 20.08 -0.60 -1.25
N ASP A 84 19.57 -0.04 -2.35
CA ASP A 84 20.31 0.54 -3.49
C ASP A 84 21.01 1.90 -3.21
N ALA A 85 20.92 2.41 -1.97
CA ALA A 85 21.59 3.58 -1.38
C ALA A 85 23.12 3.57 -1.49
N GLY B 1 -16.97 -18.13 -28.11
CA GLY B 1 -17.88 -17.40 -29.01
C GLY B 1 -17.18 -16.12 -29.42
N ALA B 2 -17.51 -15.02 -28.76
CA ALA B 2 -16.85 -13.71 -28.86
C ALA B 2 -16.72 -13.18 -27.41
N GLU B 3 -15.49 -13.17 -26.89
CA GLU B 3 -15.14 -12.87 -25.48
C GLU B 3 -13.89 -11.97 -25.32
N ASP B 4 -13.63 -11.48 -24.11
CA ASP B 4 -12.45 -10.67 -23.74
C ASP B 4 -11.36 -11.53 -23.05
N ALA B 5 -10.09 -11.41 -23.46
CA ALA B 5 -8.92 -12.04 -22.85
C ALA B 5 -8.11 -11.02 -22.02
N GLN B 6 -8.45 -10.87 -20.74
CA GLN B 6 -7.92 -9.84 -19.81
C GLN B 6 -6.94 -10.43 -18.78
N ASP B 7 -5.65 -10.29 -19.08
CA ASP B 7 -4.47 -10.86 -18.40
C ASP B 7 -3.70 -9.94 -17.43
N ASP B 8 -2.91 -10.56 -16.56
CA ASP B 8 -2.11 -9.98 -15.46
C ASP B 8 -0.58 -10.14 -15.58
N LEU B 9 0.16 -9.48 -14.68
CA LEU B 9 1.62 -9.47 -14.52
C LEU B 9 2.27 -10.87 -14.33
N VAL B 10 2.81 -11.43 -15.43
CA VAL B 10 3.64 -12.68 -15.51
C VAL B 10 4.87 -12.54 -16.44
N PRO B 11 4.82 -11.93 -17.67
CA PRO B 11 6.05 -11.66 -18.45
C PRO B 11 7.06 -10.82 -17.64
N SER B 12 6.58 -9.86 -16.84
CA SER B 12 7.34 -9.05 -15.85
C SER B 12 6.51 -8.91 -14.55
N ILE B 13 6.91 -9.60 -13.47
CA ILE B 13 6.25 -9.65 -12.14
C ILE B 13 7.01 -8.90 -11.00
N GLN B 14 8.09 -8.17 -11.32
CA GLN B 14 8.84 -7.28 -10.43
C GLN B 14 7.92 -6.32 -9.63
N ASP B 15 8.07 -6.33 -8.30
CA ASP B 15 7.28 -5.50 -7.38
C ASP B 15 8.10 -4.31 -6.80
N ASP B 16 7.94 -3.12 -7.39
CA ASP B 16 8.51 -1.83 -6.94
C ASP B 16 7.85 -0.52 -7.47
N GLY B 17 6.66 -0.56 -8.10
CA GLY B 17 6.00 0.59 -8.74
C GLY B 17 4.48 0.46 -8.94
N SER B 18 3.70 0.55 -7.86
CA SER B 18 2.21 0.41 -7.83
C SER B 18 1.52 1.54 -7.04
N GLU B 19 0.95 2.56 -7.71
CA GLU B 19 0.29 3.77 -7.11
C GLU B 19 -1.24 3.95 -7.36
N SER B 20 -1.88 3.05 -8.12
CA SER B 20 -3.30 3.08 -8.49
C SER B 20 -4.09 1.81 -8.10
N GLY B 21 -5.43 1.91 -8.01
CA GLY B 21 -6.37 0.80 -7.77
C GLY B 21 -7.74 1.15 -7.17
N ALA B 22 -7.99 2.42 -6.78
CA ALA B 22 -9.27 3.01 -6.33
C ALA B 22 -10.01 2.27 -5.15
N CYS B 23 -9.29 1.41 -4.42
CA CYS B 23 -9.70 0.45 -3.37
C CYS B 23 -10.08 1.07 -2.00
N LYS B 24 -11.30 0.78 -1.51
CA LYS B 24 -11.93 1.14 -0.20
C LYS B 24 -13.41 0.66 -0.06
N ILE B 25 -14.09 0.99 1.06
CA ILE B 25 -15.53 0.75 1.35
C ILE B 25 -16.51 1.20 0.26
N MET A 1 10.49 2.98 14.29
CA MET A 1 9.98 2.49 13.00
C MET A 1 8.71 1.63 13.18
N GLN A 2 7.54 2.25 13.12
CA GLN A 2 6.19 1.64 13.19
C GLN A 2 5.40 1.89 11.90
N THR A 3 4.96 0.85 11.22
CA THR A 3 4.30 0.88 9.88
C THR A 3 2.87 0.34 9.96
N VAL A 4 1.88 1.20 9.72
CA VAL A 4 0.41 0.95 9.86
C VAL A 4 -0.25 0.91 8.48
N ILE A 5 -1.03 -0.13 8.25
CA ILE A 5 -1.65 -0.52 6.97
C ILE A 5 -3.19 -0.41 7.06
N PHE A 6 -3.79 0.31 6.11
CA PHE A 6 -5.23 0.65 6.10
C PHE A 6 -5.98 0.01 4.92
N GLY A 7 -6.62 -1.14 5.14
CA GLY A 7 -7.52 -1.81 4.16
C GLY A 7 -7.06 -3.04 3.37
N ARG A 8 -6.15 -3.88 3.89
CA ARG A 8 -5.65 -5.13 3.27
C ARG A 8 -6.80 -6.08 2.88
N SER A 9 -7.69 -6.43 3.81
CA SER A 9 -8.82 -7.39 3.62
C SER A 9 -9.96 -6.81 2.74
N GLY A 10 -9.61 -6.47 1.50
CA GLY A 10 -10.41 -5.77 0.47
C GLY A 10 -9.83 -5.89 -0.95
N CYS A 11 -8.62 -5.39 -1.19
CA CYS A 11 -7.97 -5.25 -2.51
C CYS A 11 -6.50 -5.77 -2.60
N PRO A 12 -6.12 -6.59 -3.63
CA PRO A 12 -4.77 -7.15 -3.83
C PRO A 12 -3.60 -6.13 -3.76
N TYR A 13 -3.74 -4.92 -4.33
CA TYR A 13 -2.69 -3.87 -4.22
C TYR A 13 -2.38 -3.45 -2.76
N SER A 14 -3.42 -3.34 -1.93
CA SER A 14 -3.33 -3.12 -0.47
C SER A 14 -2.66 -4.30 0.24
N VAL A 15 -2.96 -5.55 -0.18
CA VAL A 15 -2.28 -6.78 0.28
C VAL A 15 -0.79 -6.80 -0.08
N ARG A 16 -0.39 -6.57 -1.33
CA ARG A 16 1.03 -6.52 -1.76
C ARG A 16 1.86 -5.55 -0.91
N ALA A 17 1.28 -4.38 -0.59
CA ALA A 17 1.84 -3.40 0.35
C ALA A 17 1.94 -3.90 1.82
N LYS A 18 0.89 -4.57 2.35
CA LYS A 18 0.84 -5.27 3.66
C LYS A 18 1.91 -6.36 3.80
N ASP A 19 1.92 -7.28 2.84
CA ASP A 19 2.87 -8.38 2.64
C ASP A 19 4.34 -7.88 2.60
N LEU A 20 4.62 -6.78 1.89
CA LEU A 20 5.91 -6.07 1.90
C LEU A 20 6.29 -5.54 3.31
N ALA A 21 5.38 -4.83 4.01
CA ALA A 21 5.54 -4.40 5.42
C ALA A 21 5.80 -5.58 6.39
N GLU A 22 5.07 -6.70 6.24
CA GLU A 22 5.29 -7.98 6.95
C GLU A 22 6.68 -8.59 6.68
N LYS A 23 7.11 -8.67 5.40
CA LYS A 23 8.46 -9.06 4.94
C LYS A 23 9.58 -8.24 5.59
N LEU A 24 9.42 -6.92 5.64
CA LEU A 24 10.27 -5.94 6.35
C LEU A 24 10.37 -6.24 7.88
N SER A 25 9.22 -6.34 8.58
CA SER A 25 9.14 -6.73 10.01
C SER A 25 9.72 -8.13 10.32
N ASN A 26 9.65 -9.09 9.40
CA ASN A 26 10.28 -10.39 9.44
C ASN A 26 11.83 -10.22 9.34
N GLU A 27 12.31 -9.41 8.39
CA GLU A 27 13.73 -9.12 8.06
C GLU A 27 14.48 -8.35 9.19
N ARG A 28 13.82 -7.47 9.96
CA ARG A 28 14.39 -6.72 11.12
C ARG A 28 13.49 -6.57 12.36
N ASP A 29 14.14 -6.20 13.46
CA ASP A 29 13.56 -5.81 14.76
C ASP A 29 13.45 -4.27 14.96
N ASP A 30 14.14 -3.48 14.12
CA ASP A 30 14.06 -2.00 14.01
C ASP A 30 12.59 -1.53 13.88
N PHE A 31 11.90 -2.28 13.03
CA PHE A 31 10.57 -2.16 12.46
C PHE A 31 9.49 -3.00 13.19
N GLN A 32 8.27 -2.43 13.31
CA GLN A 32 7.02 -3.05 13.81
C GLN A 32 5.83 -2.74 12.88
N TYR A 33 5.05 -3.76 12.49
CA TYR A 33 3.93 -3.67 11.52
C TYR A 33 2.54 -3.80 12.19
N GLN A 34 1.57 -2.96 11.81
CA GLN A 34 0.17 -2.97 12.28
C GLN A 34 -0.81 -2.92 11.10
N TYR A 35 -1.92 -3.67 11.16
CA TYR A 35 -2.96 -3.77 10.13
C TYR A 35 -4.39 -3.42 10.66
N VAL A 36 -5.03 -2.44 10.02
CA VAL A 36 -6.37 -1.86 10.28
C VAL A 36 -7.30 -2.02 9.05
N ASP A 37 -8.43 -2.72 9.19
CA ASP A 37 -9.48 -2.88 8.17
C ASP A 37 -10.37 -1.64 7.92
N ILE A 38 -10.19 -0.94 6.80
CA ILE A 38 -11.01 0.24 6.42
C ILE A 38 -12.38 -0.17 5.87
N ARG A 39 -12.48 -1.29 5.13
CA ARG A 39 -13.74 -1.91 4.68
C ARG A 39 -14.57 -2.41 5.86
N ALA A 40 -13.94 -2.96 6.90
CA ALA A 40 -14.64 -3.48 8.09
C ALA A 40 -14.93 -2.39 9.15
N GLU A 41 -13.94 -1.56 9.50
CA GLU A 41 -14.10 -0.35 10.38
C GLU A 41 -14.96 0.81 9.79
N GLY A 42 -15.34 0.75 8.50
CA GLY A 42 -16.28 1.66 7.80
C GLY A 42 -15.66 2.99 7.34
N ILE A 43 -14.61 2.92 6.53
CA ILE A 43 -13.70 3.99 6.06
C ILE A 43 -13.41 3.88 4.56
N THR A 44 -13.04 5.02 4.00
CA THR A 44 -12.74 5.31 2.59
C THR A 44 -11.41 6.07 2.40
N LYS A 45 -10.90 6.22 1.15
CA LYS A 45 -9.73 7.06 0.84
C LYS A 45 -9.92 8.56 1.21
N GLU A 46 -11.16 9.10 1.17
CA GLU A 46 -11.47 10.47 1.67
C GLU A 46 -11.06 10.64 3.15
N ASP A 47 -11.51 9.73 4.02
CA ASP A 47 -11.17 9.62 5.45
C ASP A 47 -9.65 9.49 5.68
N LEU A 48 -8.99 8.57 4.94
CA LEU A 48 -7.54 8.35 4.95
C LEU A 48 -6.70 9.52 4.37
N GLN A 49 -7.29 10.45 3.63
CA GLN A 49 -6.66 11.71 3.18
C GLN A 49 -6.81 12.77 4.31
N GLN A 50 -8.03 12.92 4.88
CA GLN A 50 -8.43 13.79 6.01
C GLN A 50 -7.63 13.52 7.31
N LYS A 51 -7.77 12.33 7.94
CA LYS A 51 -7.03 11.86 9.14
C LYS A 51 -5.49 11.91 9.04
N ALA A 52 -4.97 12.07 7.82
CA ALA A 52 -3.56 12.07 7.42
C ALA A 52 -2.96 13.41 6.92
N GLY A 53 -3.78 14.36 6.45
CA GLY A 53 -3.35 15.60 5.78
C GLY A 53 -2.67 15.39 4.40
N LYS A 54 -2.57 14.15 3.90
CA LYS A 54 -2.02 13.68 2.60
C LYS A 54 -3.11 13.74 1.49
N PRO A 55 -2.89 14.40 0.33
CA PRO A 55 -3.91 14.53 -0.74
C PRO A 55 -4.04 13.25 -1.60
N VAL A 56 -4.49 12.14 -1.00
CA VAL A 56 -4.66 10.82 -1.65
C VAL A 56 -5.87 10.76 -2.61
N GLU A 57 -5.76 9.92 -3.65
CA GLU A 57 -6.81 9.54 -4.61
C GLU A 57 -6.96 8.02 -4.79
N THR A 58 -5.84 7.26 -4.78
CA THR A 58 -5.76 5.79 -4.95
C THR A 58 -4.91 5.06 -3.88
N VAL A 59 -4.78 3.73 -4.02
CA VAL A 59 -3.95 2.81 -3.19
C VAL A 59 -2.52 2.65 -3.74
N PRO A 60 -1.52 2.18 -2.95
CA PRO A 60 -1.63 1.75 -1.53
C PRO A 60 -1.91 2.89 -0.52
N GLN A 61 -2.25 2.50 0.72
CA GLN A 61 -2.69 3.35 1.84
C GLN A 61 -2.04 2.92 3.18
N ILE A 62 -0.74 3.19 3.32
CA ILE A 62 0.12 2.96 4.51
C ILE A 62 0.64 4.25 5.20
N PHE A 63 0.89 4.17 6.50
CA PHE A 63 1.48 5.21 7.36
C PHE A 63 2.77 4.65 7.97
N VAL A 64 3.93 5.25 7.68
CA VAL A 64 5.24 4.87 8.26
C VAL A 64 5.64 5.91 9.33
N ASP A 65 5.97 5.48 10.55
CA ASP A 65 6.22 6.28 11.76
C ASP A 65 5.13 7.41 11.92
N GLN A 66 3.86 6.97 11.90
CA GLN A 66 2.56 7.69 11.85
C GLN A 66 2.37 8.69 10.67
N GLN A 67 3.25 8.70 9.66
CA GLN A 67 3.31 9.61 8.49
C GLN A 67 2.80 8.90 7.22
N HIS A 68 1.68 9.35 6.62
CA HIS A 68 1.04 8.68 5.48
C HIS A 68 1.91 8.74 4.20
N ILE A 69 2.44 7.57 3.87
CA ILE A 69 3.20 7.11 2.68
C ILE A 69 2.22 6.41 1.71
N GLY A 70 2.62 6.01 0.51
CA GLY A 70 1.77 5.17 -0.35
C GLY A 70 1.70 3.74 0.22
N GLY A 71 2.80 2.99 0.12
CA GLY A 71 2.91 1.56 0.44
C GLY A 71 3.76 0.87 -0.62
N TYR A 72 3.33 -0.27 -1.17
CA TYR A 72 4.00 -1.09 -2.20
C TYR A 72 4.86 -0.29 -3.22
N THR A 73 4.29 0.72 -3.89
CA THR A 73 5.01 1.69 -4.76
C THR A 73 6.11 2.53 -4.06
N ASP A 74 5.74 3.24 -2.98
CA ASP A 74 6.53 4.17 -2.17
C ASP A 74 7.62 3.46 -1.33
N PHE A 75 7.21 2.43 -0.59
CA PHE A 75 7.98 1.45 0.20
C PHE A 75 9.11 0.78 -0.61
N ALA A 76 8.84 0.36 -1.85
CA ALA A 76 9.83 -0.14 -2.83
C ALA A 76 10.93 0.91 -3.13
N ALA A 77 10.53 2.14 -3.47
CA ALA A 77 11.41 3.30 -3.66
C ALA A 77 12.18 3.70 -2.38
N TRP A 78 11.55 3.68 -1.20
CA TRP A 78 12.13 3.86 0.16
C TRP A 78 13.26 2.84 0.44
N VAL A 79 12.99 1.54 0.27
CA VAL A 79 13.98 0.44 0.32
C VAL A 79 15.17 0.72 -0.60
N LYS A 80 14.95 1.08 -1.88
CA LYS A 80 15.99 1.54 -2.82
C LYS A 80 16.79 2.76 -2.32
N GLU A 81 16.12 3.81 -1.83
CA GLU A 81 16.70 5.00 -1.15
C GLU A 81 17.51 4.72 0.14
N ASN A 82 17.42 3.51 0.71
CA ASN A 82 18.22 2.97 1.82
C ASN A 82 19.37 2.04 1.33
N LEU A 83 19.06 0.97 0.59
CA LEU A 83 19.98 -0.07 0.06
C LEU A 83 20.71 0.31 -1.25
N ASP A 84 20.00 0.68 -2.31
CA ASP A 84 20.53 1.23 -3.58
C ASP A 84 21.09 2.68 -3.47
N ALA A 85 21.08 3.29 -2.28
CA ALA A 85 21.38 4.69 -1.91
C ALA A 85 22.75 5.25 -2.38
N GLY B 1 -16.33 -23.13 -26.34
CA GLY B 1 -15.43 -24.07 -27.03
C GLY B 1 -14.28 -24.38 -26.10
N ALA B 2 -13.15 -23.70 -26.30
CA ALA B 2 -11.97 -23.69 -25.43
C ALA B 2 -11.51 -22.21 -25.37
N GLU B 3 -11.72 -21.56 -24.22
CA GLU B 3 -11.51 -20.12 -24.00
C GLU B 3 -10.82 -19.83 -22.65
N ASP B 4 -9.65 -19.16 -22.69
CA ASP B 4 -8.76 -18.87 -21.54
C ASP B 4 -8.32 -17.38 -21.47
N ALA B 5 -8.26 -16.83 -20.25
CA ALA B 5 -7.90 -15.44 -19.95
C ALA B 5 -6.41 -15.43 -19.54
N GLN B 6 -5.55 -15.09 -20.51
CA GLN B 6 -4.08 -15.17 -20.44
C GLN B 6 -3.43 -13.79 -20.31
N ASP B 7 -2.74 -13.58 -19.18
CA ASP B 7 -2.02 -12.35 -18.78
C ASP B 7 -0.47 -12.50 -18.80
N ASP B 8 0.25 -11.38 -18.83
CA ASP B 8 1.72 -11.27 -18.77
C ASP B 8 2.38 -12.07 -17.60
N LEU B 9 3.64 -12.50 -17.77
CA LEU B 9 4.36 -13.41 -16.86
C LEU B 9 4.33 -13.03 -15.35
N VAL B 10 3.63 -13.81 -14.52
CA VAL B 10 3.61 -13.69 -13.03
C VAL B 10 4.90 -14.15 -12.29
N PRO B 11 5.71 -15.15 -12.74
CA PRO B 11 6.83 -15.69 -11.94
C PRO B 11 8.00 -14.71 -11.65
N SER B 12 8.09 -13.54 -12.30
CA SER B 12 9.18 -12.55 -12.13
C SER B 12 8.85 -11.48 -11.07
N ILE B 13 9.55 -11.54 -9.92
CA ILE B 13 9.37 -10.68 -8.73
C ILE B 13 10.02 -9.29 -8.88
N GLN B 14 9.18 -8.29 -9.10
CA GLN B 14 9.44 -6.83 -9.10
C GLN B 14 8.15 -6.16 -8.60
N ASP B 15 8.11 -5.80 -7.31
CA ASP B 15 6.98 -5.09 -6.70
C ASP B 15 7.37 -3.59 -6.61
N ASP B 16 6.92 -2.79 -7.59
CA ASP B 16 7.33 -1.40 -7.80
C ASP B 16 6.32 -0.43 -8.52
N GLY B 17 6.57 0.88 -8.36
CA GLY B 17 6.03 2.11 -8.95
C GLY B 17 4.52 2.39 -9.07
N SER B 18 3.66 1.43 -8.76
CA SER B 18 2.19 1.53 -9.00
C SER B 18 1.30 2.08 -7.86
N GLU B 19 0.99 3.39 -7.87
CA GLU B 19 0.02 4.04 -6.97
C GLU B 19 -1.33 4.06 -7.73
N SER B 20 -2.06 2.94 -7.64
CA SER B 20 -3.31 2.64 -8.35
C SER B 20 -4.15 1.52 -7.71
N GLY B 21 -5.48 1.61 -7.81
CA GLY B 21 -6.46 0.58 -7.42
C GLY B 21 -7.85 1.01 -6.93
N ALA B 22 -8.13 2.31 -6.72
CA ALA B 22 -9.45 2.89 -6.39
C ALA B 22 -10.19 2.30 -5.15
N CYS B 23 -9.45 1.64 -4.25
CA CYS B 23 -9.90 0.87 -3.08
C CYS B 23 -10.41 1.75 -1.90
N LYS B 24 -11.61 1.40 -1.39
CA LYS B 24 -12.46 2.10 -0.38
C LYS B 24 -13.79 1.34 -0.20
N ILE B 25 -14.10 0.86 1.02
CA ILE B 25 -15.29 0.02 1.39
C ILE B 25 -15.74 -0.96 0.27
N MET A 1 10.22 2.81 14.42
CA MET A 1 9.71 2.26 13.13
C MET A 1 8.45 1.42 13.36
N GLN A 2 7.28 2.06 13.23
CA GLN A 2 5.92 1.47 13.24
C GLN A 2 5.16 1.72 11.91
N THR A 3 4.84 0.68 11.15
CA THR A 3 4.18 0.73 9.84
C THR A 3 2.75 0.17 9.95
N VAL A 4 1.74 1.00 9.69
CA VAL A 4 0.29 0.76 9.87
C VAL A 4 -0.41 0.86 8.50
N ILE A 5 -1.08 -0.23 8.11
CA ILE A 5 -1.69 -0.43 6.77
C ILE A 5 -3.22 -0.38 6.84
N PHE A 6 -3.87 0.32 5.89
CA PHE A 6 -5.31 0.60 5.89
C PHE A 6 -6.05 -0.07 4.70
N GLY A 7 -6.89 -1.08 4.98
CA GLY A 7 -7.81 -1.73 4.02
C GLY A 7 -7.40 -2.98 3.22
N ARG A 8 -6.44 -3.79 3.69
CA ARG A 8 -5.80 -4.92 2.98
C ARG A 8 -6.80 -5.95 2.41
N SER A 9 -7.73 -6.44 3.22
CA SER A 9 -8.76 -7.46 2.86
C SER A 9 -9.78 -7.04 1.78
N GLY A 10 -9.72 -5.82 1.22
CA GLY A 10 -10.56 -5.32 0.11
C GLY A 10 -9.94 -5.34 -1.31
N CYS A 11 -8.63 -5.53 -1.48
CA CYS A 11 -7.91 -5.42 -2.77
C CYS A 11 -6.44 -5.97 -2.81
N PRO A 12 -6.02 -6.65 -3.90
CA PRO A 12 -4.73 -7.38 -4.02
C PRO A 12 -3.48 -6.49 -4.03
N TYR A 13 -3.51 -5.26 -4.58
CA TYR A 13 -2.36 -4.34 -4.43
C TYR A 13 -2.15 -3.90 -2.97
N SER A 14 -3.26 -3.66 -2.24
CA SER A 14 -3.27 -3.41 -0.79
C SER A 14 -2.67 -4.58 0.00
N VAL A 15 -2.98 -5.83 -0.42
CA VAL A 15 -2.34 -7.05 0.13
C VAL A 15 -0.84 -7.04 -0.13
N ARG A 16 -0.35 -6.83 -1.36
CA ARG A 16 1.11 -6.76 -1.66
C ARG A 16 1.82 -5.64 -0.88
N ALA A 17 1.23 -4.44 -0.76
CA ALA A 17 1.71 -3.33 0.07
C ALA A 17 1.82 -3.68 1.58
N LYS A 18 0.82 -4.38 2.16
CA LYS A 18 0.85 -4.94 3.54
C LYS A 18 1.94 -6.02 3.70
N ASP A 19 1.90 -7.02 2.82
CA ASP A 19 2.84 -8.14 2.67
C ASP A 19 4.31 -7.67 2.59
N LEU A 20 4.60 -6.56 1.91
CA LEU A 20 5.90 -5.87 1.88
C LEU A 20 6.38 -5.43 3.29
N ALA A 21 5.54 -4.71 4.06
CA ALA A 21 5.80 -4.37 5.47
C ALA A 21 5.96 -5.60 6.40
N GLU A 22 5.09 -6.63 6.26
CA GLU A 22 5.19 -7.93 6.93
C GLU A 22 6.51 -8.69 6.62
N LYS A 23 6.95 -8.74 5.35
CA LYS A 23 8.25 -9.26 4.85
C LYS A 23 9.45 -8.57 5.53
N LEU A 24 9.46 -7.24 5.56
CA LEU A 24 10.44 -6.37 6.24
C LEU A 24 10.49 -6.62 7.78
N SER A 25 9.34 -6.58 8.46
CA SER A 25 9.15 -6.94 9.90
C SER A 25 9.55 -8.39 10.24
N ASN A 26 9.33 -9.35 9.32
CA ASN A 26 9.78 -10.75 9.37
C ASN A 26 11.32 -10.88 9.25
N GLU A 27 11.95 -10.14 8.32
CA GLU A 27 13.40 -10.14 8.02
C GLU A 27 14.24 -9.58 9.19
N ARG A 28 13.87 -8.40 9.72
CA ARG A 28 14.65 -7.62 10.74
C ARG A 28 14.30 -7.90 12.21
N ASP A 29 14.75 -7.02 13.12
CA ASP A 29 14.72 -7.14 14.58
C ASP A 29 14.13 -5.95 15.37
N ASP A 30 13.77 -4.84 14.71
CA ASP A 30 13.37 -3.54 15.33
C ASP A 30 12.11 -2.82 14.80
N PHE A 31 11.70 -3.26 13.63
CA PHE A 31 10.67 -2.72 12.73
C PHE A 31 9.32 -3.45 12.93
N GLN A 32 8.34 -2.68 13.41
CA GLN A 32 6.99 -3.02 13.88
C GLN A 32 5.89 -2.76 12.82
N TYR A 33 4.98 -3.73 12.60
CA TYR A 33 3.91 -3.75 11.59
C TYR A 33 2.48 -3.94 12.18
N GLN A 34 1.46 -3.17 11.71
CA GLN A 34 0.02 -3.25 12.08
C GLN A 34 -0.92 -3.21 10.84
N TYR A 35 -2.10 -3.86 10.87
CA TYR A 35 -3.13 -3.83 9.80
C TYR A 35 -4.54 -3.42 10.33
N VAL A 36 -5.13 -2.36 9.75
CA VAL A 36 -6.42 -1.68 10.05
C VAL A 36 -7.44 -1.88 8.91
N ASP A 37 -8.61 -2.48 9.15
CA ASP A 37 -9.60 -2.83 8.10
C ASP A 37 -10.56 -1.65 7.78
N ILE A 38 -10.18 -0.75 6.88
CA ILE A 38 -11.02 0.41 6.46
C ILE A 38 -12.20 -0.06 5.60
N ARG A 39 -11.94 -1.03 4.71
CA ARG A 39 -12.88 -1.70 3.78
C ARG A 39 -13.85 -2.68 4.49
N ALA A 40 -13.65 -2.95 5.79
CA ALA A 40 -14.59 -3.74 6.62
C ALA A 40 -15.21 -2.98 7.82
N GLU A 41 -14.43 -2.16 8.55
CA GLU A 41 -14.89 -1.28 9.65
C GLU A 41 -15.84 -0.13 9.20
N GLY A 42 -15.77 0.30 7.93
CA GLY A 42 -16.69 1.29 7.28
C GLY A 42 -16.08 2.64 6.84
N ILE A 43 -14.80 2.66 6.48
CA ILE A 43 -13.94 3.84 6.17
C ILE A 43 -13.42 3.82 4.71
N THR A 44 -13.00 4.99 4.21
CA THR A 44 -12.62 5.28 2.80
C THR A 44 -11.31 6.08 2.64
N LYS A 45 -10.76 6.12 1.40
CA LYS A 45 -9.60 6.97 1.01
C LYS A 45 -9.82 8.48 1.22
N GLU A 46 -11.08 8.95 1.19
CA GLU A 46 -11.50 10.34 1.53
C GLU A 46 -11.13 10.67 3.01
N ASP A 47 -11.51 9.79 3.95
CA ASP A 47 -11.19 9.84 5.40
C ASP A 47 -9.68 9.81 5.71
N LEU A 48 -8.93 8.99 4.95
CA LEU A 48 -7.49 8.75 5.01
C LEU A 48 -6.66 9.92 4.44
N GLN A 49 -6.94 10.46 3.23
CA GLN A 49 -6.24 11.65 2.67
C GLN A 49 -6.18 12.87 3.64
N GLN A 50 -7.21 13.03 4.49
CA GLN A 50 -7.39 14.13 5.47
C GLN A 50 -6.43 14.04 6.68
N LYS A 51 -6.59 13.01 7.54
CA LYS A 51 -5.72 12.69 8.72
C LYS A 51 -4.24 12.39 8.39
N ALA A 52 -3.94 12.16 7.11
CA ALA A 52 -2.64 12.01 6.46
C ALA A 52 -2.05 13.27 5.79
N GLY A 53 -2.88 14.25 5.41
CA GLY A 53 -2.52 15.43 4.60
C GLY A 53 -2.31 15.10 3.11
N LYS A 54 -1.83 13.89 2.80
CA LYS A 54 -1.47 13.27 1.51
C LYS A 54 -2.63 13.36 0.48
N PRO A 55 -2.48 13.99 -0.69
CA PRO A 55 -3.56 14.15 -1.69
C PRO A 55 -3.82 12.84 -2.48
N VAL A 56 -4.35 11.82 -1.80
CA VAL A 56 -4.60 10.46 -2.35
C VAL A 56 -5.88 10.35 -3.21
N GLU A 57 -5.91 9.36 -4.10
CA GLU A 57 -7.08 8.94 -4.93
C GLU A 57 -7.21 7.40 -5.01
N THR A 58 -6.09 6.68 -5.16
CA THR A 58 -5.95 5.21 -5.20
C THR A 58 -5.26 4.62 -3.96
N VAL A 59 -5.11 3.29 -3.97
CA VAL A 59 -4.32 2.50 -3.00
C VAL A 59 -2.88 2.31 -3.52
N PRO A 60 -1.90 2.03 -2.63
CA PRO A 60 -2.03 1.78 -1.19
C PRO A 60 -2.30 3.03 -0.32
N GLN A 61 -2.63 2.79 0.94
CA GLN A 61 -2.93 3.75 2.01
C GLN A 61 -2.22 3.36 3.33
N ILE A 62 -0.88 3.44 3.33
CA ILE A 62 0.01 3.15 4.47
C ILE A 62 0.49 4.40 5.24
N PHE A 63 0.78 4.21 6.53
CA PHE A 63 1.39 5.14 7.47
C PHE A 63 2.65 4.50 8.07
N VAL A 64 3.83 5.08 7.85
CA VAL A 64 5.12 4.66 8.44
C VAL A 64 5.54 5.68 9.50
N ASP A 65 5.86 5.20 10.70
CA ASP A 65 6.12 5.95 11.93
C ASP A 65 5.06 7.05 12.18
N GLN A 66 3.78 6.66 12.02
CA GLN A 66 2.51 7.37 12.25
C GLN A 66 2.14 8.52 11.26
N GLN A 67 2.89 8.70 10.15
CA GLN A 67 2.59 9.63 9.04
C GLN A 67 2.47 8.89 7.68
N HIS A 68 1.68 9.42 6.73
CA HIS A 68 1.35 8.71 5.48
C HIS A 68 2.48 8.61 4.42
N ILE A 69 3.01 7.40 4.30
CA ILE A 69 3.96 6.90 3.28
C ILE A 69 3.12 5.96 2.42
N GLY A 70 2.70 6.42 1.23
CA GLY A 70 1.75 5.77 0.29
C GLY A 70 1.53 4.27 0.50
N GLY A 71 2.61 3.50 0.41
CA GLY A 71 2.69 2.06 0.56
C GLY A 71 3.64 1.52 -0.48
N TYR A 72 3.32 0.41 -1.12
CA TYR A 72 4.10 -0.30 -2.16
C TYR A 72 4.92 0.71 -3.03
N THR A 73 4.25 1.70 -3.64
CA THR A 73 4.80 2.89 -4.37
C THR A 73 5.89 3.71 -3.65
N ASP A 74 5.57 4.30 -2.50
CA ASP A 74 6.44 5.11 -1.62
C ASP A 74 7.54 4.28 -0.89
N PHE A 75 7.14 3.12 -0.35
CA PHE A 75 7.92 2.05 0.30
C PHE A 75 9.03 1.46 -0.62
N ALA A 76 8.71 1.02 -1.84
CA ALA A 76 9.66 0.59 -2.87
C ALA A 76 10.71 1.68 -3.22
N ALA A 77 10.27 2.93 -3.43
CA ALA A 77 11.13 4.10 -3.60
C ALA A 77 12.01 4.40 -2.35
N TRP A 78 11.47 4.29 -1.13
CA TRP A 78 12.21 4.38 0.16
C TRP A 78 13.30 3.29 0.28
N VAL A 79 12.91 2.02 0.11
CA VAL A 79 13.78 0.82 0.01
C VAL A 79 14.90 1.01 -1.02
N LYS A 80 14.59 1.43 -2.26
CA LYS A 80 15.58 1.77 -3.33
C LYS A 80 16.57 2.87 -2.88
N GLU A 81 16.05 4.04 -2.48
CA GLU A 81 16.79 5.17 -1.89
C GLU A 81 17.60 4.84 -0.59
N ASN A 82 17.39 3.68 0.04
CA ASN A 82 18.18 3.13 1.17
C ASN A 82 19.20 2.04 0.75
N LEU A 83 18.71 0.93 0.18
CA LEU A 83 19.43 -0.29 -0.20
C LEU A 83 20.21 -0.16 -1.52
N ASP A 84 19.49 0.12 -2.62
CA ASP A 84 20.04 0.29 -3.97
C ASP A 84 20.84 1.61 -4.20
N ALA A 85 20.71 2.57 -3.29
CA ALA A 85 21.35 3.89 -3.17
C ALA A 85 22.90 3.88 -3.19
N GLY B 1 -12.51 18.76 -25.50
CA GLY B 1 -13.40 19.51 -24.59
C GLY B 1 -13.32 18.92 -23.21
N ALA B 2 -14.21 17.97 -22.90
CA ALA B 2 -14.18 17.15 -21.69
C ALA B 2 -14.51 15.70 -22.11
N GLU B 3 -13.50 14.82 -22.08
CA GLU B 3 -13.53 13.42 -22.55
C GLU B 3 -12.80 12.51 -21.53
N ASP B 4 -13.50 11.53 -20.94
CA ASP B 4 -13.04 10.68 -19.83
C ASP B 4 -12.56 9.25 -20.20
N ALA B 5 -11.34 8.91 -19.77
CA ALA B 5 -10.71 7.59 -19.81
C ALA B 5 -9.90 7.34 -18.51
N GLN B 6 -10.53 6.79 -17.46
CA GLN B 6 -9.90 6.47 -16.16
C GLN B 6 -10.12 4.98 -15.77
N ASP B 7 -9.13 4.12 -16.02
CA ASP B 7 -9.22 2.65 -15.88
C ASP B 7 -8.11 2.02 -15.02
N ASP B 8 -8.36 1.94 -13.71
CA ASP B 8 -7.52 1.31 -12.69
C ASP B 8 -7.11 -0.16 -13.05
N LEU B 9 -5.81 -0.45 -13.09
CA LEU B 9 -5.28 -1.80 -13.34
C LEU B 9 -5.33 -2.69 -12.07
N VAL B 10 -6.38 -3.52 -11.97
CA VAL B 10 -6.58 -4.57 -10.94
C VAL B 10 -5.71 -5.85 -11.03
N PRO B 11 -5.22 -6.32 -12.22
CA PRO B 11 -4.28 -7.46 -12.31
C PRO B 11 -2.90 -7.06 -11.78
N SER B 12 -2.49 -7.60 -10.63
CA SER B 12 -1.27 -7.23 -9.90
C SER B 12 -0.08 -8.12 -10.32
N ILE B 13 0.84 -7.51 -11.07
CA ILE B 13 2.16 -8.03 -11.50
C ILE B 13 3.27 -6.98 -11.33
N GLN B 14 3.06 -5.71 -11.73
CA GLN B 14 3.98 -4.59 -11.47
C GLN B 14 4.36 -4.49 -9.98
N ASP B 15 5.65 -4.66 -9.65
CA ASP B 15 6.14 -4.49 -8.27
C ASP B 15 7.41 -3.60 -8.19
N ASP B 16 7.12 -2.33 -7.91
CA ASP B 16 7.95 -1.17 -7.55
C ASP B 16 7.06 -0.03 -6.97
N GLY B 17 6.98 1.04 -7.76
CA GLY B 17 6.16 2.26 -7.72
C GLY B 17 4.62 2.10 -7.76
N SER B 18 4.09 0.92 -7.44
CA SER B 18 2.66 0.52 -7.45
C SER B 18 1.70 1.38 -6.60
N GLU B 19 0.85 2.19 -7.24
CA GLU B 19 -0.27 2.98 -6.66
C GLU B 19 -1.58 2.88 -7.49
N SER B 20 -2.15 1.67 -7.59
CA SER B 20 -3.45 1.37 -8.24
C SER B 20 -4.34 0.37 -7.47
N GLY B 21 -5.66 0.60 -7.51
CA GLY B 21 -6.74 -0.27 -7.02
C GLY B 21 -8.09 0.38 -6.72
N ALA B 22 -8.17 1.73 -6.63
CA ALA B 22 -9.40 2.55 -6.39
C ALA B 22 -10.24 2.12 -5.14
N CYS B 23 -9.60 1.40 -4.23
CA CYS B 23 -10.08 0.68 -3.04
C CYS B 23 -10.47 1.57 -1.84
N LYS B 24 -11.62 1.24 -1.24
CA LYS B 24 -12.40 1.94 -0.18
C LYS B 24 -13.72 1.17 0.12
N ILE B 25 -14.37 1.46 1.27
CA ILE B 25 -15.72 0.93 1.61
C ILE B 25 -16.77 1.20 0.51
N MET A 1 10.03 2.71 14.80
CA MET A 1 9.71 2.06 13.52
C MET A 1 8.47 1.17 13.63
N GLN A 2 7.29 1.79 13.53
CA GLN A 2 5.96 1.16 13.48
C GLN A 2 5.23 1.49 12.16
N THR A 3 4.85 0.48 11.37
CA THR A 3 4.29 0.62 9.99
C THR A 3 2.86 0.07 9.92
N VAL A 4 1.85 0.94 9.70
CA VAL A 4 0.39 0.65 9.75
C VAL A 4 -0.26 0.68 8.36
N ILE A 5 -1.11 -0.30 8.09
CA ILE A 5 -1.75 -0.61 6.80
C ILE A 5 -3.28 -0.49 6.90
N PHE A 6 -3.87 0.34 6.03
CA PHE A 6 -5.28 0.72 6.01
C PHE A 6 -6.00 0.18 4.75
N GLY A 7 -6.78 -0.89 4.93
CA GLY A 7 -7.64 -1.53 3.90
C GLY A 7 -6.94 -2.46 2.89
N ARG A 8 -6.52 -3.66 3.31
CA ARG A 8 -5.98 -4.74 2.43
C ARG A 8 -7.09 -5.59 1.79
N SER A 9 -8.05 -5.98 2.64
CA SER A 9 -9.16 -6.92 2.45
C SER A 9 -10.16 -6.41 1.40
N GLY A 10 -9.93 -6.73 0.12
CA GLY A 10 -10.68 -6.26 -1.06
C GLY A 10 -9.88 -5.65 -2.22
N CYS A 11 -8.60 -5.30 -2.05
CA CYS A 11 -7.68 -4.85 -3.11
C CYS A 11 -6.26 -5.47 -3.09
N PRO A 12 -5.85 -6.19 -4.16
CA PRO A 12 -4.59 -6.97 -4.20
C PRO A 12 -3.31 -6.12 -4.20
N TYR A 13 -3.36 -4.87 -4.67
CA TYR A 13 -2.24 -3.91 -4.57
C TYR A 13 -1.97 -3.46 -3.11
N SER A 14 -3.05 -3.24 -2.34
CA SER A 14 -3.01 -2.99 -0.89
C SER A 14 -2.35 -4.17 -0.16
N VAL A 15 -2.67 -5.42 -0.56
CA VAL A 15 -2.00 -6.65 -0.08
C VAL A 15 -0.51 -6.62 -0.44
N ARG A 16 -0.08 -6.37 -1.69
CA ARG A 16 1.37 -6.23 -2.02
C ARG A 16 2.09 -5.27 -1.07
N ALA A 17 1.46 -4.14 -0.74
CA ALA A 17 1.92 -3.15 0.25
C ALA A 17 1.96 -3.67 1.72
N LYS A 18 0.90 -4.38 2.18
CA LYS A 18 0.80 -5.11 3.48
C LYS A 18 1.91 -6.14 3.64
N ASP A 19 1.99 -7.04 2.66
CA ASP A 19 3.02 -8.06 2.45
C ASP A 19 4.45 -7.46 2.46
N LEU A 20 4.69 -6.32 1.80
CA LEU A 20 5.94 -5.54 1.85
C LEU A 20 6.28 -4.99 3.26
N ALA A 21 5.33 -4.32 3.93
CA ALA A 21 5.47 -3.89 5.34
C ALA A 21 5.82 -5.08 6.28
N GLU A 22 5.14 -6.21 6.11
CA GLU A 22 5.41 -7.50 6.76
C GLU A 22 6.81 -8.06 6.40
N LYS A 23 7.24 -8.01 5.11
CA LYS A 23 8.57 -8.39 4.57
C LYS A 23 9.69 -7.67 5.32
N LEU A 24 9.61 -6.34 5.47
CA LEU A 24 10.49 -5.47 6.31
C LEU A 24 10.47 -5.82 7.81
N SER A 25 9.28 -6.00 8.40
CA SER A 25 9.07 -6.43 9.81
C SER A 25 9.80 -7.74 10.16
N ASN A 26 9.66 -8.78 9.32
CA ASN A 26 10.34 -10.05 9.31
C ASN A 26 11.86 -9.94 8.98
N GLU A 27 12.23 -9.15 7.95
CA GLU A 27 13.62 -8.92 7.50
C GLU A 27 14.50 -8.21 8.55
N ARG A 28 13.93 -7.28 9.35
CA ARG A 28 14.58 -6.46 10.39
C ARG A 28 14.18 -6.87 11.83
N ASP A 29 14.71 -6.15 12.82
CA ASP A 29 14.66 -6.39 14.27
C ASP A 29 13.86 -5.39 15.12
N ASP A 30 13.79 -4.14 14.65
CA ASP A 30 13.23 -2.96 15.33
C ASP A 30 11.84 -2.47 14.87
N PHE A 31 11.49 -2.99 13.71
CA PHE A 31 10.36 -2.65 12.85
C PHE A 31 9.20 -3.63 13.08
N GLN A 32 8.03 -3.06 13.42
CA GLN A 32 6.76 -3.76 13.72
C GLN A 32 5.61 -3.27 12.81
N TYR A 33 4.85 -4.19 12.21
CA TYR A 33 3.79 -3.97 11.18
C TYR A 33 2.35 -4.20 11.71
N GLN A 34 1.39 -3.32 11.39
CA GLN A 34 0.00 -3.34 11.93
C GLN A 34 -1.04 -3.25 10.80
N TYR A 35 -2.08 -4.09 10.82
CA TYR A 35 -3.14 -4.21 9.81
C TYR A 35 -4.56 -3.84 10.31
N VAL A 36 -5.18 -2.89 9.60
CA VAL A 36 -6.50 -2.25 9.86
C VAL A 36 -7.44 -2.31 8.63
N ASP A 37 -8.58 -3.01 8.71
CA ASP A 37 -9.63 -2.99 7.67
C ASP A 37 -10.55 -1.75 7.68
N ILE A 38 -10.17 -0.71 6.96
CA ILE A 38 -10.98 0.50 6.70
C ILE A 38 -12.28 0.12 5.96
N ARG A 39 -12.16 -0.84 5.03
CA ARG A 39 -13.19 -1.50 4.22
C ARG A 39 -14.12 -2.44 5.02
N ALA A 40 -13.80 -2.74 6.28
CA ALA A 40 -14.67 -3.55 7.17
C ALA A 40 -15.09 -2.83 8.49
N GLU A 41 -14.14 -2.18 9.14
CA GLU A 41 -14.28 -1.29 10.32
C GLU A 41 -15.13 -0.02 10.05
N GLY A 42 -15.11 0.54 8.83
CA GLY A 42 -15.94 1.67 8.36
C GLY A 42 -15.18 3.01 8.27
N ILE A 43 -14.16 3.06 7.40
CA ILE A 43 -13.27 4.19 7.06
C ILE A 43 -12.95 4.13 5.55
N THR A 44 -12.54 5.27 4.99
CA THR A 44 -12.35 5.46 3.54
C THR A 44 -11.26 6.47 3.17
N LYS A 45 -10.90 6.54 1.88
CA LYS A 45 -10.01 7.52 1.23
C LYS A 45 -10.36 8.99 1.54
N GLU A 46 -11.65 9.34 1.71
CA GLU A 46 -12.15 10.67 2.17
C GLU A 46 -11.60 11.02 3.59
N ASP A 47 -11.39 10.03 4.46
CA ASP A 47 -10.74 10.13 5.77
C ASP A 47 -9.20 10.08 5.65
N LEU A 48 -8.67 9.01 5.04
CA LEU A 48 -7.24 8.71 4.90
C LEU A 48 -6.43 9.86 4.23
N GLN A 49 -6.99 10.54 3.21
CA GLN A 49 -6.42 11.76 2.59
C GLN A 49 -6.36 12.96 3.57
N GLN A 50 -7.44 13.20 4.32
CA GLN A 50 -7.53 14.22 5.39
C GLN A 50 -6.53 13.95 6.54
N LYS A 51 -6.34 12.68 6.95
CA LYS A 51 -5.31 12.19 7.90
C LYS A 51 -3.87 12.37 7.36
N ALA A 52 -3.63 11.97 6.11
CA ALA A 52 -2.37 12.01 5.37
C ALA A 52 -1.90 13.38 4.86
N GLY A 53 -2.78 14.36 4.66
CA GLY A 53 -2.50 15.66 4.00
C GLY A 53 -2.43 15.54 2.46
N LYS A 54 -1.95 14.40 1.93
CA LYS A 54 -1.93 13.99 0.50
C LYS A 54 -3.39 13.73 0.05
N PRO A 55 -3.95 14.46 -0.95
CA PRO A 55 -5.27 14.22 -1.57
C PRO A 55 -5.48 12.83 -2.21
N VAL A 56 -5.32 11.72 -1.46
CA VAL A 56 -5.32 10.33 -1.97
C VAL A 56 -6.62 9.95 -2.69
N GLU A 57 -6.51 9.14 -3.73
CA GLU A 57 -7.65 8.68 -4.56
C GLU A 57 -7.71 7.15 -4.69
N THR A 58 -6.57 6.51 -5.00
CA THR A 58 -6.32 5.06 -5.08
C THR A 58 -5.51 4.50 -3.89
N VAL A 59 -5.26 3.19 -3.93
CA VAL A 59 -4.37 2.43 -3.02
C VAL A 59 -2.94 2.34 -3.60
N PRO A 60 -1.91 2.02 -2.79
CA PRO A 60 -1.96 1.64 -1.37
C PRO A 60 -2.23 2.79 -0.37
N GLN A 61 -2.49 2.45 0.90
CA GLN A 61 -2.77 3.35 2.04
C GLN A 61 -2.11 2.88 3.36
N ILE A 62 -0.81 3.19 3.47
CA ILE A 62 0.08 2.96 4.65
C ILE A 62 0.59 4.25 5.35
N PHE A 63 0.86 4.13 6.66
CA PHE A 63 1.42 5.12 7.59
C PHE A 63 2.62 4.53 8.36
N VAL A 64 3.83 5.02 8.10
CA VAL A 64 5.10 4.64 8.77
C VAL A 64 5.38 5.63 9.92
N ASP A 65 5.74 5.11 11.10
CA ASP A 65 5.91 5.79 12.39
C ASP A 65 4.80 6.86 12.61
N GLN A 66 3.53 6.41 12.53
CA GLN A 66 2.25 7.16 12.54
C GLN A 66 2.04 8.31 11.50
N GLN A 67 2.85 8.46 10.44
CA GLN A 67 2.62 9.42 9.33
C GLN A 67 2.60 8.77 7.92
N HIS A 68 1.80 9.29 6.99
CA HIS A 68 1.51 8.69 5.67
C HIS A 68 2.74 8.49 4.77
N ILE A 69 2.92 7.24 4.33
CA ILE A 69 3.89 6.74 3.32
C ILE A 69 3.07 5.73 2.49
N GLY A 70 2.54 6.14 1.34
CA GLY A 70 1.61 5.41 0.45
C GLY A 70 1.49 3.89 0.64
N GLY A 71 2.59 3.18 0.50
CA GLY A 71 2.71 1.71 0.47
C GLY A 71 3.58 1.27 -0.70
N TYR A 72 3.21 0.18 -1.40
CA TYR A 72 3.91 -0.44 -2.52
C TYR A 72 4.70 0.53 -3.42
N THR A 73 4.06 1.58 -3.98
CA THR A 73 4.71 2.70 -4.73
C THR A 73 5.83 3.42 -3.96
N ASP A 74 5.48 4.00 -2.82
CA ASP A 74 6.27 4.85 -1.91
C ASP A 74 7.33 4.04 -1.15
N PHE A 75 6.90 3.01 -0.42
CA PHE A 75 7.67 1.97 0.28
C PHE A 75 8.77 1.34 -0.58
N ALA A 76 8.50 0.98 -1.84
CA ALA A 76 9.52 0.52 -2.79
C ALA A 76 10.63 1.58 -3.02
N ALA A 77 10.27 2.83 -3.33
CA ALA A 77 11.21 3.96 -3.44
C ALA A 77 12.00 4.25 -2.13
N TRP A 78 11.32 4.20 -0.97
CA TRP A 78 11.82 4.28 0.42
C TRP A 78 12.87 3.20 0.73
N VAL A 79 12.55 1.92 0.48
CA VAL A 79 13.45 0.74 0.54
C VAL A 79 14.63 0.89 -0.46
N LYS A 80 14.39 1.28 -1.73
CA LYS A 80 15.44 1.55 -2.73
C LYS A 80 16.45 2.65 -2.32
N GLU A 81 16.04 3.70 -1.60
CA GLU A 81 16.95 4.71 -0.99
C GLU A 81 18.00 4.08 -0.01
N ASN A 82 17.79 2.83 0.43
CA ASN A 82 18.66 1.94 1.21
C ASN A 82 19.42 0.89 0.34
N LEU A 83 18.67 0.02 -0.36
CA LEU A 83 19.13 -1.16 -1.14
C LEU A 83 19.73 -0.89 -2.55
N ASP A 84 19.29 0.19 -3.22
CA ASP A 84 19.78 0.76 -4.49
C ASP A 84 20.64 2.05 -4.28
N ALA A 85 20.95 2.43 -3.03
CA ALA A 85 21.59 3.66 -2.54
C ALA A 85 22.93 4.07 -3.20
N GLY B 1 -4.02 11.88 -33.77
CA GLY B 1 -5.35 12.43 -34.12
C GLY B 1 -6.33 12.01 -33.06
N ALA B 2 -7.23 11.09 -33.40
CA ALA B 2 -8.14 10.42 -32.47
C ALA B 2 -8.12 8.91 -32.86
N GLU B 3 -7.49 8.11 -32.02
CA GLU B 3 -7.18 6.67 -32.24
C GLU B 3 -7.44 5.79 -30.98
N ASP B 4 -7.49 4.46 -31.13
CA ASP B 4 -7.67 3.47 -30.04
C ASP B 4 -6.50 2.46 -29.90
N ALA B 5 -5.89 2.39 -28.71
CA ALA B 5 -4.82 1.48 -28.26
C ALA B 5 -5.09 1.05 -26.80
N GLN B 6 -5.70 -0.13 -26.65
CA GLN B 6 -6.22 -0.71 -25.40
C GLN B 6 -5.70 -2.13 -25.11
N ASP B 7 -5.39 -2.42 -23.84
CA ASP B 7 -4.86 -3.70 -23.33
C ASP B 7 -5.66 -4.27 -22.13
N ASP B 8 -5.62 -5.59 -21.97
CA ASP B 8 -6.16 -6.32 -20.81
C ASP B 8 -5.05 -6.75 -19.83
N LEU B 9 -5.02 -6.14 -18.65
CA LEU B 9 -3.97 -6.28 -17.63
C LEU B 9 -4.57 -6.53 -16.22
N VAL B 10 -4.60 -7.81 -15.81
CA VAL B 10 -4.96 -8.29 -14.44
C VAL B 10 -3.87 -9.17 -13.76
N PRO B 11 -2.98 -9.91 -14.46
CA PRO B 11 -1.83 -10.61 -13.83
C PRO B 11 -0.61 -9.69 -13.68
N SER B 12 -0.46 -9.06 -12.52
CA SER B 12 0.62 -8.08 -12.22
C SER B 12 1.81 -8.84 -11.61
N ILE B 13 2.92 -8.92 -12.37
CA ILE B 13 4.13 -9.74 -12.05
C ILE B 13 5.43 -8.95 -11.81
N GLN B 14 5.36 -7.61 -11.86
CA GLN B 14 6.40 -6.64 -11.51
C GLN B 14 6.16 -6.12 -10.08
N ASP B 15 7.10 -6.33 -9.15
CA ASP B 15 7.05 -5.74 -7.80
C ASP B 15 8.23 -4.76 -7.57
N ASP B 16 7.95 -3.47 -7.78
CA ASP B 16 8.80 -2.29 -7.52
C ASP B 16 8.01 -0.98 -7.24
N GLY B 17 6.69 -1.07 -7.06
CA GLY B 17 5.84 0.03 -6.63
C GLY B 17 4.93 0.68 -7.67
N SER B 18 3.63 0.45 -7.50
CA SER B 18 2.49 1.09 -8.23
C SER B 18 1.41 1.68 -7.29
N GLU B 19 0.58 2.61 -7.81
CA GLU B 19 -0.45 3.39 -7.06
C GLU B 19 -1.87 3.27 -7.67
N SER B 20 -2.41 2.05 -7.67
CA SER B 20 -3.71 1.65 -8.23
C SER B 20 -4.49 0.62 -7.39
N GLY B 21 -5.83 0.67 -7.52
CA GLY B 21 -6.82 -0.29 -6.99
C GLY B 21 -8.21 0.27 -6.63
N ALA B 22 -8.40 1.61 -6.61
CA ALA B 22 -9.70 2.32 -6.45
C ALA B 22 -10.55 1.90 -5.19
N CYS B 23 -9.89 1.34 -4.19
CA CYS B 23 -10.35 0.68 -2.96
C CYS B 23 -10.93 1.60 -1.85
N LYS B 24 -11.99 1.12 -1.16
CA LYS B 24 -12.76 1.76 -0.04
C LYS B 24 -13.97 0.91 0.45
N ILE B 25 -14.53 1.29 1.61
CA ILE B 25 -15.78 0.79 2.28
C ILE B 25 -17.01 0.73 1.36
#